data_7BYD
#
_entry.id   7BYD
#
_cell.length_a   83.937
_cell.length_b   95.071
_cell.length_c   123.352
_cell.angle_alpha   90.0
_cell.angle_beta   90.894
_cell.angle_gamma   90.0
#
_symmetry.space_group_name_H-M   'P 1 21 1'
#
loop_
_entity.id
_entity.type
_entity.pdbx_description
1 polymer 'B protein'
2 polymer Beta-2-microglobulin
3 polymer GLY-GLY-ALA-ILE
4 polymer 'SN45 T cell receptor alpha chain'
5 polymer 'SN45 T cell receptor beta chain'
6 non-polymer 'IODIDE ION'
7 non-polymer 1,2-ETHANEDIOL
8 non-polymer 2-AMINO-2-HYDROXYMETHYL-PROPANE-1,3-DIOL
9 non-polymer 'CALCIUM ION'
10 non-polymer 'MYRISTIC ACID'
11 non-polymer 'SODIUM ION'
12 water water
#
loop_
_entity_poly.entity_id
_entity_poly.type
_entity_poly.pdbx_seq_one_letter_code
_entity_poly.pdbx_strand_id
1 'polypeptide(L)'
;GSHSLRYFGTAVSRPGRGEPRFIYVGYVDDTQFVRFDSDAASPRTEPRAPWVEQEGPEYWEEETRRAKARAQTDRADLRT
LRGYYNQSEAGSHTLQWMAGCDLGPNGRLLRGYHQSAYDGKDYIALNEDLRSWIAADMAAQNTQRKWEATRYAERFRAYL
EGPCLEWLRRYLENGKETLQHADPPKTHVTHHPVSDHEATLRCWALGFYPAEITLTWQRDGEEQTQDIEFVETRPAGDGT
FQKWGAVVVPSGEEQRYTCHVQHKGLPEPLTLRWEP
;
A,F
2 'polypeptide(L)'
;AIQRTPKIQVYSRHPPENGKPNFLNCYVSGFHPSDIEVDLLKNGEKMGKVEHSDLSFSKDWSFYLLYYTEFTPNEKDEYA
CRVNHVTLSGPRTVKWDRDM
;
B,G
3 'polypeptide(L)' GGAI C,H
4 'polypeptide(L)'
;AKTTQPISMDSYEGQEVNITCNHNDIATSDYIMWYQQFPNQGPRFIIQGYKANIANEVASLFIPTDRKSSTLSLPRVALS
DTAVYYCLVGGGGYVLTFGRGTSLIVHPYIQNPDPAVYQLRGSKSNDTSVCLFTDFDSVMNVSQSKDSDVHITDKCVLDM
RSMDFKSNGAVAWSNKSDFACTSAFKDSVIPADTFFPG
;
D,I
5 'polypeptide(L)'
;DTAVSQTPKYLVRQTGKNESLKCEQNLGHNAMYWYKQDSKKLLKIMFIYNNKEPILNETVPYRFSPKSPDKAHLNLHIKS
LELGDSAVYFCASSQDLGAGEVYEQYFGPGTRLTVIEDLKKVFPPKVAVFEPSEAEISHTQKATLVCLATGFYPDHVELS
WWVNGKEVHSGVCTDPQPLKEQPALEDSRYCLSSRLRVSATFWHNPRNHFRCQVQFYGLSEDDEWTEDRDKPITQKISAE
AWGRA
;
E,J
#
loop_
_chem_comp.id
_chem_comp.type
_chem_comp.name
_chem_comp.formula
CA non-polymer 'CALCIUM ION' 'Ca 2'
EDO non-polymer 1,2-ETHANEDIOL 'C2 H6 O2'
IOD non-polymer 'IODIDE ION' 'I -1'
MYR non-polymer 'MYRISTIC ACID' 'C14 H28 O2'
NA non-polymer 'SODIUM ION' 'Na 1'
TRS non-polymer 2-AMINO-2-HYDROXYMETHYL-PROPANE-1,3-DIOL 'C4 H12 N O3 1'
#
# COMPACT_ATOMS: atom_id res chain seq x y z
N GLY A 1 -40.92 3.48 4.95
CA GLY A 1 -39.57 4.02 5.14
C GLY A 1 -38.55 2.91 4.98
N SER A 2 -38.18 2.64 3.73
CA SER A 2 -37.26 1.55 3.44
C SER A 2 -35.90 2.03 2.84
N HIS A 3 -34.78 1.47 3.32
CA HIS A 3 -33.47 1.78 2.74
C HIS A 3 -32.84 0.47 2.35
N SER A 4 -31.89 0.52 1.43
CA SER A 4 -31.34 -0.71 0.88
C SER A 4 -29.89 -0.62 0.49
N LEU A 5 -29.18 -1.72 0.64
CA LEU A 5 -27.79 -1.82 0.18
C LEU A 5 -27.66 -2.96 -0.81
N ARG A 6 -27.29 -2.65 -2.04
CA ARG A 6 -27.24 -3.64 -3.10
C ARG A 6 -26.00 -3.65 -3.95
N TYR A 7 -25.59 -4.86 -4.32
CA TYR A 7 -24.50 -5.09 -5.23
C TYR A 7 -25.02 -5.85 -6.46
N PHE A 8 -24.53 -5.46 -7.63
CA PHE A 8 -24.93 -6.05 -8.89
C PHE A 8 -23.65 -6.35 -9.63
N GLY A 9 -23.57 -7.50 -10.27
CA GLY A 9 -22.42 -7.83 -11.07
C GLY A 9 -22.83 -8.38 -12.40
N THR A 10 -22.08 -7.99 -13.44
CA THR A 10 -22.29 -8.56 -14.76
C THR A 10 -20.98 -9.22 -15.15
N ALA A 11 -21.04 -10.52 -15.45
CA ALA A 11 -19.91 -11.24 -15.96
C ALA A 11 -20.19 -11.62 -17.41
N VAL A 12 -19.32 -11.20 -18.34
CA VAL A 12 -19.59 -11.53 -19.74
C VAL A 12 -18.42 -12.25 -20.40
N SER A 13 -18.63 -13.48 -20.82
CA SER A 13 -17.59 -14.22 -21.47
C SER A 13 -17.42 -13.74 -22.89
N ARG A 14 -16.19 -13.62 -23.32
CA ARG A 14 -15.87 -13.11 -24.63
C ARG A 14 -15.03 -14.08 -25.42
N PRO A 15 -15.67 -15.03 -26.07
CA PRO A 15 -14.84 -16.01 -26.75
C PRO A 15 -14.28 -15.32 -27.96
N GLY A 16 -13.04 -15.63 -28.25
CA GLY A 16 -12.41 -15.05 -29.41
C GLY A 16 -11.57 -13.85 -29.09
N ARG A 17 -11.87 -13.25 -27.96
CA ARG A 17 -11.06 -12.18 -27.44
C ARG A 17 -10.18 -12.77 -26.33
N GLY A 18 -10.61 -13.89 -25.77
CA GLY A 18 -9.88 -14.65 -24.80
C GLY A 18 -9.97 -14.42 -23.33
N GLU A 19 -10.57 -13.34 -22.88
CA GLU A 19 -10.68 -13.18 -21.46
C GLU A 19 -12.02 -12.60 -21.15
N PRO A 20 -12.59 -13.00 -20.04
CA PRO A 20 -13.92 -12.45 -19.73
C PRO A 20 -13.87 -11.06 -19.13
N ARG A 21 -15.03 -10.42 -18.98
CA ARG A 21 -15.08 -9.08 -18.40
C ARG A 21 -16.06 -9.00 -17.24
N PHE A 22 -15.61 -8.46 -16.11
CA PHE A 22 -16.45 -8.36 -14.94
C PHE A 22 -16.73 -6.92 -14.56
N ILE A 23 -18.01 -6.55 -14.47
CA ILE A 23 -18.35 -5.20 -14.01
C ILE A 23 -19.29 -5.28 -12.80
N TYR A 24 -18.85 -4.69 -11.69
CA TYR A 24 -19.59 -4.76 -10.42
C TYR A 24 -19.93 -3.36 -10.00
N VAL A 25 -21.14 -3.15 -9.48
CA VAL A 25 -21.55 -1.84 -8.98
C VAL A 25 -22.29 -2.01 -7.63
N GLY A 26 -22.29 -0.97 -6.80
CA GLY A 26 -23.04 -1.01 -5.56
C GLY A 26 -23.86 0.25 -5.32
N TYR A 27 -25.07 0.07 -4.84
CA TYR A 27 -26.02 1.17 -4.68
C TYR A 27 -26.45 1.20 -3.24
N VAL A 28 -26.66 2.41 -2.73
CA VAL A 28 -27.43 2.60 -1.53
C VAL A 28 -28.64 3.39 -1.96
N ASP A 29 -29.79 2.78 -1.78
CA ASP A 29 -31.02 3.27 -2.34
C ASP A 29 -30.86 3.49 -3.84
N ASP A 30 -31.05 4.70 -4.32
CA ASP A 30 -30.98 4.93 -5.76
C ASP A 30 -29.72 5.67 -6.18
N THR A 31 -28.72 5.59 -5.33
CA THR A 31 -27.43 6.27 -5.46
C THR A 31 -26.24 5.31 -5.56
N GLN A 32 -25.58 5.29 -6.72
CA GLN A 32 -24.43 4.42 -6.93
C GLN A 32 -23.19 4.97 -6.20
N PHE A 33 -22.49 4.14 -5.42
CA PHE A 33 -21.34 4.63 -4.66
C PHE A 33 -20.05 3.86 -4.94
N VAL A 34 -20.14 2.73 -5.61
CA VAL A 34 -18.92 1.99 -5.96
C VAL A 34 -19.05 1.28 -7.31
N ARG A 35 -17.90 1.07 -7.94
CA ARG A 35 -17.85 0.32 -9.18
C ARG A 35 -16.53 -0.44 -9.23
N PHE A 36 -16.55 -1.55 -9.96
CA PHE A 36 -15.35 -2.32 -10.19
C PHE A 36 -15.39 -2.79 -11.61
N ASP A 37 -14.32 -2.51 -12.36
CA ASP A 37 -14.24 -2.91 -13.76
C ASP A 37 -12.92 -3.63 -14.00
N SER A 38 -13.01 -4.91 -14.35
CA SER A 38 -11.84 -5.75 -14.51
C SER A 38 -11.05 -5.43 -15.79
N ASP A 39 -11.59 -4.64 -16.71
CA ASP A 39 -10.81 -4.21 -17.89
C ASP A 39 -10.21 -2.85 -17.59
N ALA A 40 -9.13 -2.88 -16.81
CA ALA A 40 -8.43 -1.67 -16.44
C ALA A 40 -7.00 -2.06 -16.12
N ALA A 41 -6.14 -1.05 -15.92
CA ALA A 41 -4.70 -1.24 -15.76
C ALA A 41 -4.39 -2.31 -14.72
N SER A 42 -4.86 -2.07 -13.50
CA SER A 42 -4.91 -3.12 -12.50
C SER A 42 -6.09 -2.76 -11.63
N PRO A 43 -7.26 -3.36 -11.93
CA PRO A 43 -8.61 -3.06 -11.43
C PRO A 43 -8.68 -2.82 -9.93
N ARG A 44 -9.41 -1.77 -9.56
CA ARG A 44 -9.62 -1.39 -8.16
C ARG A 44 -11.05 -0.93 -7.96
N THR A 45 -11.58 -1.19 -6.78
CA THR A 45 -12.91 -0.69 -6.49
C THR A 45 -12.77 0.82 -6.29
N GLU A 46 -13.50 1.59 -7.08
CA GLU A 46 -13.42 3.04 -6.98
C GLU A 46 -14.73 3.64 -6.49
N PRO A 47 -14.64 4.79 -5.79
CA PRO A 47 -15.78 5.59 -5.30
C PRO A 47 -16.55 6.27 -6.40
N ARG A 48 -17.87 6.33 -6.27
CA ARG A 48 -18.67 7.03 -7.24
C ARG A 48 -19.69 7.93 -6.51
N ALA A 49 -19.53 8.09 -5.20
CA ALA A 49 -20.33 9.11 -4.48
C ALA A 49 -19.51 9.65 -3.30
N PRO A 50 -19.55 10.98 -3.09
CA PRO A 50 -18.69 11.69 -2.14
C PRO A 50 -18.75 11.17 -0.72
N TRP A 51 -19.89 10.66 -0.26
CA TRP A 51 -19.98 10.24 1.14
C TRP A 51 -19.22 8.95 1.44
N VAL A 52 -18.58 8.36 0.42
CA VAL A 52 -17.81 7.15 0.66
C VAL A 52 -16.30 7.39 0.44
N GLU A 53 -15.93 8.50 -0.21
CA GLU A 53 -14.49 8.78 -0.34
C GLU A 53 -13.80 9.05 0.99
N GLN A 54 -14.53 9.55 1.98
CA GLN A 54 -13.95 9.80 3.30
C GLN A 54 -13.45 8.53 4.02
N GLU A 55 -13.77 7.35 3.47
CA GLU A 55 -13.29 6.09 4.03
C GLU A 55 -11.80 5.94 3.71
N GLY A 56 -11.08 5.22 4.57
CA GLY A 56 -9.64 5.09 4.46
C GLY A 56 -9.08 4.07 3.48
N PRO A 57 -7.76 3.87 3.53
CA PRO A 57 -7.10 2.95 2.60
C PRO A 57 -7.45 1.50 2.88
N GLU A 58 -7.80 1.17 4.11
CA GLU A 58 -8.08 -0.23 4.43
C GLU A 58 -9.52 -0.65 4.07
N TYR A 59 -10.36 0.35 3.82
CA TYR A 59 -11.65 0.12 3.20
C TYR A 59 -11.42 -0.25 1.72
N TRP A 60 -10.79 0.67 0.98
CA TRP A 60 -10.56 0.44 -0.44
C TRP A 60 -9.70 -0.79 -0.70
N GLU A 61 -8.77 -1.09 0.20
CA GLU A 61 -7.98 -2.27 -0.02
C GLU A 61 -8.80 -3.52 0.30
N GLU A 62 -9.80 -3.41 1.15
CA GLU A 62 -10.63 -4.57 1.48
C GLU A 62 -11.72 -4.82 0.44
N GLU A 63 -12.31 -3.76 -0.09
CA GLU A 63 -13.35 -3.92 -1.08
C GLU A 63 -12.75 -4.39 -2.39
N THR A 64 -11.49 -4.05 -2.63
CA THR A 64 -10.84 -4.57 -3.83
C THR A 64 -10.56 -6.09 -3.68
N ARG A 65 -10.19 -6.54 -2.48
CA ARG A 65 -10.05 -7.99 -2.30
C ARG A 65 -11.38 -8.67 -2.57
N ARG A 66 -12.43 -8.12 -1.98
CA ARG A 66 -13.77 -8.67 -2.10
C ARG A 66 -14.22 -8.77 -3.56
N ALA A 67 -13.87 -7.76 -4.36
CA ALA A 67 -14.24 -7.76 -5.77
C ALA A 67 -13.48 -8.79 -6.51
N LYS A 68 -12.17 -8.85 -6.30
CA LYS A 68 -11.34 -9.80 -7.06
C LYS A 68 -11.68 -11.24 -6.67
N ALA A 69 -11.98 -11.47 -5.38
CA ALA A 69 -12.44 -12.79 -4.99
C ALA A 69 -13.73 -13.17 -5.74
N ARG A 70 -14.67 -12.22 -5.84
CA ARG A 70 -15.92 -12.48 -6.51
C ARG A 70 -15.74 -12.64 -8.01
N ALA A 71 -14.71 -12.02 -8.57
CA ALA A 71 -14.43 -12.19 -9.97
C ALA A 71 -13.90 -13.57 -10.25
N GLN A 72 -13.14 -14.11 -9.31
CA GLN A 72 -12.63 -15.46 -9.44
C GLN A 72 -13.75 -16.48 -9.45
N THR A 73 -14.78 -16.19 -8.67
CA THR A 73 -15.97 -17.00 -8.60
C THR A 73 -16.74 -16.93 -9.91
N ASP A 74 -16.91 -15.73 -10.44
CA ASP A 74 -17.64 -15.56 -11.70
C ASP A 74 -16.91 -16.18 -12.89
N ARG A 75 -15.58 -16.27 -12.78
N ARG A 75 -15.58 -16.31 -12.77
CA ARG A 75 -14.77 -16.88 -13.84
CA ARG A 75 -14.77 -16.87 -13.84
C ARG A 75 -14.95 -18.40 -13.90
C ARG A 75 -14.89 -18.40 -13.90
N ALA A 76 -15.02 -19.02 -12.72
CA ALA A 76 -15.29 -20.47 -12.65
C ALA A 76 -16.72 -20.73 -13.08
N ASP A 77 -17.62 -19.80 -12.71
CA ASP A 77 -19.05 -19.97 -12.94
C ASP A 77 -19.36 -19.99 -14.42
N LEU A 78 -18.73 -19.10 -15.18
CA LEU A 78 -18.96 -19.05 -16.60
C LEU A 78 -18.58 -20.37 -17.26
N ARG A 79 -17.46 -20.96 -16.89
CA ARG A 79 -17.09 -22.22 -17.54
C ARG A 79 -18.00 -23.38 -17.09
N THR A 80 -18.28 -23.42 -15.81
CA THR A 80 -19.12 -24.44 -15.25
C THR A 80 -20.50 -24.42 -15.89
N LEU A 81 -20.99 -23.21 -16.17
CA LEU A 81 -22.33 -23.04 -16.72
C LEU A 81 -22.36 -23.52 -18.16
N ARG A 82 -21.26 -23.31 -18.89
CA ARG A 82 -21.16 -23.82 -20.24
C ARG A 82 -21.32 -25.33 -20.21
N GLY A 83 -20.69 -25.96 -19.22
CA GLY A 83 -20.85 -27.37 -18.98
C GLY A 83 -22.30 -27.79 -18.76
N TYR A 84 -22.91 -27.22 -17.70
CA TYR A 84 -24.27 -27.59 -17.30
C TYR A 84 -25.30 -27.51 -18.42
N TYR A 85 -25.19 -26.54 -19.27
CA TYR A 85 -26.11 -26.33 -20.34
C TYR A 85 -25.68 -26.94 -21.63
N ASN A 86 -24.58 -27.66 -21.62
CA ASN A 86 -24.05 -28.27 -22.82
C ASN A 86 -23.80 -27.34 -23.99
N GLN A 87 -23.02 -26.28 -23.79
CA GLN A 87 -22.75 -25.36 -24.86
C GLN A 87 -21.33 -25.37 -25.37
N SER A 88 -21.13 -24.88 -26.61
CA SER A 88 -19.80 -24.73 -27.21
C SER A 88 -19.08 -23.56 -26.53
N GLU A 89 -17.76 -23.53 -26.65
CA GLU A 89 -17.00 -22.42 -26.09
C GLU A 89 -16.86 -21.35 -27.17
N ALA A 90 -17.78 -21.36 -28.14
CA ALA A 90 -17.79 -20.39 -29.25
C ALA A 90 -18.75 -19.21 -29.15
N GLY A 91 -19.82 -19.36 -28.38
CA GLY A 91 -20.73 -18.26 -28.12
C GLY A 91 -20.25 -17.33 -27.00
N SER A 92 -20.83 -16.14 -26.96
CA SER A 92 -20.60 -15.25 -25.83
C SER A 92 -21.78 -15.40 -24.84
N HIS A 93 -21.51 -15.42 -23.54
CA HIS A 93 -22.58 -15.59 -22.55
C HIS A 93 -22.49 -14.58 -21.42
N THR A 94 -23.55 -14.51 -20.64
CA THR A 94 -23.69 -13.52 -19.57
C THR A 94 -24.11 -14.13 -18.23
N LEU A 95 -23.42 -13.74 -17.20
CA LEU A 95 -23.81 -14.09 -15.85
C LEU A 95 -24.23 -12.79 -15.19
N GLN A 96 -25.26 -12.83 -14.38
CA GLN A 96 -25.63 -11.67 -13.59
C GLN A 96 -25.95 -12.14 -12.23
N TRP A 97 -25.47 -11.43 -11.23
CA TRP A 97 -25.85 -11.75 -9.86
C TRP A 97 -26.16 -10.43 -9.20
N MET A 98 -26.94 -10.55 -8.13
CA MET A 98 -27.33 -9.45 -7.30
C MET A 98 -27.51 -9.92 -5.84
N ALA A 99 -26.96 -9.19 -4.88
CA ALA A 99 -27.18 -9.47 -3.47
C ALA A 99 -27.31 -8.17 -2.64
N GLY A 100 -27.96 -8.24 -1.49
CA GLY A 100 -27.96 -7.11 -0.59
C GLY A 100 -29.07 -7.20 0.43
N CYS A 101 -29.33 -6.09 1.07
CA CYS A 101 -30.25 -6.05 2.17
C CYS A 101 -31.19 -4.86 2.26
N ASP A 102 -32.46 -5.08 2.56
CA ASP A 102 -33.35 -3.95 2.82
C ASP A 102 -33.47 -3.81 4.32
N LEU A 103 -33.48 -2.56 4.77
CA LEU A 103 -33.67 -2.21 6.17
C LEU A 103 -35.01 -1.51 6.32
N GLY A 104 -35.93 -2.10 7.09
CA GLY A 104 -37.27 -1.54 7.23
C GLY A 104 -37.40 -0.39 8.22
N PRO A 105 -38.61 0.18 8.36
CA PRO A 105 -38.85 1.25 9.35
C PRO A 105 -38.91 0.68 10.77
N ASN A 106 -38.57 -0.58 10.86
CA ASN A 106 -38.53 -1.32 12.07
C ASN A 106 -37.13 -1.37 12.65
N GLY A 107 -36.16 -0.99 11.85
CA GLY A 107 -34.77 -1.07 12.23
C GLY A 107 -34.21 -2.47 12.02
N ARG A 108 -35.02 -3.35 11.45
CA ARG A 108 -34.60 -4.74 11.23
C ARG A 108 -34.50 -5.10 9.75
N LEU A 109 -33.93 -6.28 9.47
CA LEU A 109 -33.79 -6.73 8.09
C LEU A 109 -35.15 -7.06 7.49
N LEU A 110 -35.60 -6.26 6.52
CA LEU A 110 -36.92 -6.50 5.89
C LEU A 110 -36.91 -7.62 4.87
N ARG A 111 -35.89 -7.62 4.02
CA ARG A 111 -35.76 -8.60 2.96
C ARG A 111 -34.27 -8.67 2.62
N GLY A 112 -33.80 -9.88 2.29
CA GLY A 112 -32.44 -10.10 1.86
C GLY A 112 -32.40 -10.76 0.48
N TYR A 113 -31.34 -10.54 -0.29
CA TYR A 113 -31.31 -10.99 -1.66
C TYR A 113 -30.01 -11.69 -2.03
N HIS A 114 -30.13 -12.74 -2.80
CA HIS A 114 -29.01 -13.43 -3.34
C HIS A 114 -29.53 -14.14 -4.57
N GLN A 115 -29.36 -13.56 -5.74
CA GLN A 115 -29.86 -14.14 -6.97
C GLN A 115 -29.01 -14.06 -8.22
N SER A 116 -29.17 -15.00 -9.11
CA SER A 116 -28.35 -15.06 -10.32
C SER A 116 -29.20 -15.24 -11.56
N ALA A 117 -28.66 -14.83 -12.69
CA ALA A 117 -29.33 -15.04 -13.95
C ALA A 117 -28.27 -15.53 -14.93
N TYR A 118 -28.65 -16.48 -15.80
CA TYR A 118 -27.77 -16.92 -16.88
C TYR A 118 -28.47 -16.69 -18.22
N ASP A 119 -27.75 -16.06 -19.15
CA ASP A 119 -28.32 -15.68 -20.44
C ASP A 119 -29.70 -15.03 -20.35
N GLY A 120 -29.88 -14.16 -19.37
CA GLY A 120 -31.09 -13.39 -19.24
C GLY A 120 -32.19 -14.13 -18.52
N LYS A 121 -31.95 -15.40 -18.16
CA LYS A 121 -32.98 -16.23 -17.54
C LYS A 121 -32.59 -16.53 -16.09
N ASP A 122 -33.58 -16.62 -15.19
CA ASP A 122 -33.25 -16.84 -13.77
C ASP A 122 -32.59 -18.18 -13.60
N TYR A 123 -31.65 -18.24 -12.69
CA TYR A 123 -30.94 -19.46 -12.36
C TYR A 123 -31.26 -19.93 -10.94
N ILE A 124 -30.75 -19.27 -9.93
CA ILE A 124 -31.07 -19.67 -8.58
C ILE A 124 -31.25 -18.42 -7.71
N ALA A 125 -32.13 -18.46 -6.72
CA ALA A 125 -32.32 -17.30 -5.83
C ALA A 125 -32.80 -17.69 -4.44
N LEU A 126 -32.40 -16.87 -3.48
CA LEU A 126 -32.75 -17.03 -2.10
C LEU A 126 -34.21 -16.71 -1.95
N ASN A 127 -34.93 -17.60 -1.25
CA ASN A 127 -36.34 -17.46 -0.93
C ASN A 127 -36.51 -16.35 0.12
N GLU A 128 -37.66 -15.70 0.19
CA GLU A 128 -37.77 -14.59 1.15
C GLU A 128 -37.74 -15.05 2.62
N ASP A 129 -37.79 -16.35 2.86
CA ASP A 129 -37.59 -16.85 4.23
C ASP A 129 -36.10 -16.91 4.61
N LEU A 130 -35.24 -16.60 3.64
CA LEU A 130 -33.79 -16.63 3.84
C LEU A 130 -33.24 -18.00 4.29
N ARG A 131 -33.99 -19.07 4.03
CA ARG A 131 -33.55 -20.44 4.38
C ARG A 131 -33.36 -21.37 3.20
N SER A 132 -34.14 -21.17 2.14
CA SER A 132 -34.16 -22.06 0.99
C SER A 132 -33.88 -21.37 -0.37
N TRP A 133 -33.66 -22.20 -1.40
CA TRP A 133 -33.42 -21.69 -2.72
C TRP A 133 -34.54 -22.00 -3.69
N ILE A 134 -34.61 -21.21 -4.75
CA ILE A 134 -35.57 -21.35 -5.83
C ILE A 134 -34.73 -21.56 -7.10
N ALA A 135 -34.72 -22.78 -7.63
CA ALA A 135 -33.95 -23.10 -8.82
C ALA A 135 -34.86 -23.26 -10.02
N ALA A 136 -34.64 -22.46 -11.05
CA ALA A 136 -35.49 -22.48 -12.24
C ALA A 136 -35.39 -23.77 -13.04
N ASP A 137 -34.19 -24.32 -13.15
CA ASP A 137 -33.95 -25.39 -14.10
C ASP A 137 -33.26 -26.58 -13.51
N MET A 138 -33.09 -27.61 -14.33
CA MET A 138 -32.39 -28.80 -13.92
C MET A 138 -30.98 -28.45 -13.50
N ALA A 139 -30.28 -27.74 -14.37
CA ALA A 139 -28.91 -27.36 -14.09
C ALA A 139 -28.83 -26.64 -12.76
N ALA A 140 -29.75 -25.71 -12.52
CA ALA A 140 -29.71 -24.93 -11.28
C ALA A 140 -29.97 -25.79 -10.07
N GLN A 141 -30.86 -26.77 -10.20
CA GLN A 141 -31.13 -27.69 -9.12
C GLN A 141 -29.88 -28.45 -8.68
N ASN A 142 -28.87 -28.58 -9.56
CA ASN A 142 -27.52 -28.99 -9.14
C ASN A 142 -27.03 -28.11 -8.02
N THR A 143 -26.89 -26.85 -8.36
CA THR A 143 -26.33 -25.85 -7.47
C THR A 143 -27.11 -25.87 -6.19
N GLN A 144 -28.43 -26.04 -6.29
CA GLN A 144 -29.29 -26.09 -5.11
C GLN A 144 -28.87 -27.22 -4.18
N ARG A 145 -28.52 -28.37 -4.69
CA ARG A 145 -28.11 -29.50 -3.89
C ARG A 145 -26.82 -29.24 -3.23
N LYS A 146 -25.89 -28.74 -3.97
CA LYS A 146 -24.62 -28.39 -3.44
C LYS A 146 -24.71 -27.36 -2.33
N TRP A 147 -25.54 -26.35 -2.50
CA TRP A 147 -25.67 -25.27 -1.52
C TRP A 147 -26.51 -25.63 -0.32
N GLU A 148 -27.36 -26.65 -0.42
CA GLU A 148 -28.12 -27.06 0.76
C GLU A 148 -27.26 -28.01 1.59
N ALA A 149 -26.33 -28.69 0.94
CA ALA A 149 -25.39 -29.61 1.55
C ALA A 149 -24.33 -28.93 2.44
N THR A 150 -23.78 -27.80 2.00
CA THR A 150 -22.77 -27.06 2.77
C THR A 150 -23.46 -26.03 3.62
N ARG A 151 -24.76 -26.01 3.49
CA ARG A 151 -25.62 -25.11 4.23
C ARG A 151 -25.26 -23.65 4.11
N TYR A 152 -25.01 -23.25 2.88
CA TYR A 152 -24.61 -21.89 2.50
C TYR A 152 -25.53 -20.74 2.94
N ALA A 153 -26.83 -21.01 3.01
CA ALA A 153 -27.82 -19.99 3.36
C ALA A 153 -27.71 -19.40 4.77
N GLU A 154 -27.29 -20.18 5.73
CA GLU A 154 -27.15 -19.72 7.08
C GLU A 154 -25.98 -18.81 7.15
N ARG A 155 -24.96 -19.16 6.44
CA ARG A 155 -23.74 -18.41 6.31
C ARG A 155 -24.09 -17.08 5.70
N PHE A 156 -24.85 -17.12 4.61
CA PHE A 156 -25.22 -15.87 3.97
C PHE A 156 -26.24 -15.08 4.76
N ARG A 157 -27.16 -15.75 5.48
CA ARG A 157 -28.10 -15.03 6.34
C ARG A 157 -27.33 -14.21 7.40
N ALA A 158 -26.22 -14.79 7.87
CA ALA A 158 -25.39 -14.16 8.89
C ALA A 158 -24.70 -12.91 8.34
N TYR A 159 -24.30 -12.94 7.07
CA TYR A 159 -23.79 -11.74 6.46
C TYR A 159 -24.90 -10.67 6.36
N LEU A 160 -26.10 -11.02 5.90
CA LEU A 160 -27.17 -10.03 5.73
C LEU A 160 -27.60 -9.40 7.06
N GLU A 161 -27.87 -10.19 8.08
CA GLU A 161 -28.27 -9.65 9.37
C GLU A 161 -27.12 -8.95 10.12
N GLY A 162 -25.89 -9.19 9.69
CA GLY A 162 -24.73 -8.65 10.39
C GLY A 162 -24.03 -7.54 9.67
N PRO A 163 -22.90 -7.86 9.04
CA PRO A 163 -22.06 -6.86 8.39
C PRO A 163 -22.85 -6.04 7.35
N CYS A 164 -23.75 -6.68 6.62
CA CYS A 164 -24.52 -5.95 5.61
C CYS A 164 -25.38 -4.82 6.17
N LEU A 165 -26.27 -5.13 7.12
CA LEU A 165 -27.07 -4.08 7.73
C LEU A 165 -26.26 -2.97 8.37
N GLU A 166 -25.10 -3.31 8.95
CA GLU A 166 -24.33 -2.29 9.63
C GLU A 166 -23.64 -1.36 8.66
N TRP A 167 -23.17 -1.89 7.54
CA TRP A 167 -22.59 -1.03 6.52
C TRP A 167 -23.65 -0.08 5.99
N LEU A 168 -24.87 -0.59 5.82
CA LEU A 168 -25.97 0.26 5.35
C LEU A 168 -26.20 1.40 6.35
N ARG A 169 -26.22 1.06 7.64
CA ARG A 169 -26.37 2.07 8.66
C ARG A 169 -25.21 3.07 8.61
N ARG A 170 -23.99 2.60 8.38
CA ARG A 170 -22.85 3.52 8.41
C ARG A 170 -22.94 4.47 7.19
N TYR A 171 -23.29 3.92 6.03
CA TYR A 171 -23.42 4.71 4.81
C TYR A 171 -24.52 5.77 4.95
N LEU A 172 -25.64 5.36 5.53
CA LEU A 172 -26.78 6.25 5.70
C LEU A 172 -26.43 7.45 6.58
N GLU A 173 -25.48 7.25 7.49
CA GLU A 173 -25.06 8.31 8.39
C GLU A 173 -24.07 9.24 7.70
N ASN A 174 -23.05 8.66 7.08
CA ASN A 174 -22.10 9.43 6.30
C ASN A 174 -22.73 10.25 5.19
N GLY A 175 -23.83 9.76 4.61
CA GLY A 175 -24.43 10.40 3.46
C GLY A 175 -25.78 11.03 3.75
N LYS A 176 -26.05 11.27 5.04
CA LYS A 176 -27.39 11.66 5.48
C LYS A 176 -27.93 12.92 4.82
N GLU A 177 -27.05 13.83 4.42
CA GLU A 177 -27.53 15.09 3.86
C GLU A 177 -27.93 14.94 2.39
N THR A 178 -27.77 13.75 1.83
CA THR A 178 -28.30 13.47 0.48
C THR A 178 -29.21 12.24 0.54
N LEU A 179 -28.84 11.22 1.32
CA LEU A 179 -29.57 9.94 1.31
C LEU A 179 -30.83 9.91 2.22
N GLN A 180 -30.96 10.82 3.18
CA GLN A 180 -32.12 10.81 4.07
C GLN A 180 -32.98 12.09 4.00
N HIS A 181 -32.67 12.91 3.00
CA HIS A 181 -33.37 14.16 2.70
C HIS A 181 -33.99 14.00 1.30
N ALA A 182 -35.25 13.59 1.27
CA ALA A 182 -35.90 13.42 -0.02
C ALA A 182 -36.03 14.75 -0.76
N ASP A 183 -35.87 14.72 -2.07
CA ASP A 183 -36.11 15.90 -2.88
C ASP A 183 -37.44 15.80 -3.56
N PRO A 184 -38.34 16.73 -3.25
CA PRO A 184 -39.65 16.71 -3.90
C PRO A 184 -39.47 17.17 -5.34
N PRO A 185 -40.34 16.69 -6.23
CA PRO A 185 -40.29 17.08 -7.65
C PRO A 185 -40.75 18.51 -7.87
N LYS A 186 -40.26 19.12 -8.94
CA LYS A 186 -40.80 20.39 -9.38
C LYS A 186 -41.78 20.08 -10.52
N THR A 187 -42.98 20.58 -10.43
CA THR A 187 -43.99 20.16 -11.34
C THR A 187 -44.67 21.22 -12.14
N HIS A 188 -44.97 20.95 -13.39
CA HIS A 188 -45.67 21.89 -14.23
C HIS A 188 -46.36 21.15 -15.37
N VAL A 189 -47.40 21.78 -15.92
CA VAL A 189 -48.14 21.24 -17.03
C VAL A 189 -47.90 22.04 -18.29
N THR A 190 -47.75 21.36 -19.41
CA THR A 190 -47.58 22.05 -20.68
C THR A 190 -48.66 21.65 -21.67
N HIS A 191 -48.98 22.57 -22.57
CA HIS A 191 -50.10 22.46 -23.49
C HIS A 191 -49.65 22.61 -24.93
N HIS A 192 -49.91 21.59 -25.73
CA HIS A 192 -49.46 21.60 -27.12
C HIS A 192 -50.57 21.15 -28.07
N PRO A 193 -51.19 22.11 -28.77
CA PRO A 193 -52.21 21.81 -29.79
C PRO A 193 -51.77 20.75 -30.81
N VAL A 194 -52.64 19.76 -30.99
CA VAL A 194 -52.47 18.70 -31.98
C VAL A 194 -53.25 19.04 -33.24
N SER A 195 -54.43 19.61 -33.05
CA SER A 195 -55.29 20.02 -34.16
C SER A 195 -56.10 21.23 -33.69
N ASP A 196 -57.23 21.50 -34.33
CA ASP A 196 -58.07 22.59 -33.84
C ASP A 196 -59.20 21.97 -33.04
N HIS A 197 -59.16 20.65 -32.95
CA HIS A 197 -60.09 19.92 -32.11
C HIS A 197 -59.46 19.28 -30.87
N GLU A 198 -58.17 19.00 -30.92
CA GLU A 198 -57.52 18.34 -29.79
C GLU A 198 -56.30 19.13 -29.34
N ALA A 199 -55.76 18.76 -28.18
CA ALA A 199 -54.53 19.33 -27.63
C ALA A 199 -53.85 18.32 -26.70
N THR A 200 -52.55 18.50 -26.46
CA THR A 200 -51.85 17.61 -25.52
C THR A 200 -51.56 18.27 -24.18
N LEU A 201 -51.89 17.56 -23.11
CA LEU A 201 -51.48 18.00 -21.78
C LEU A 201 -50.33 17.11 -21.31
N ARG A 202 -49.22 17.72 -20.90
CA ARG A 202 -48.08 16.94 -20.46
C ARG A 202 -47.65 17.39 -19.09
N CYS A 203 -47.75 16.47 -18.15
CA CYS A 203 -47.41 16.73 -16.77
C CYS A 203 -45.95 16.38 -16.49
N TRP A 204 -45.19 17.34 -15.95
CA TRP A 204 -43.78 17.10 -15.70
C TRP A 204 -43.44 16.97 -14.22
N ALA A 205 -42.61 15.99 -13.89
CA ALA A 205 -42.00 15.92 -12.57
C ALA A 205 -40.47 15.92 -12.72
N LEU A 206 -39.82 16.97 -12.21
CA LEU A 206 -38.37 17.18 -12.41
C LEU A 206 -37.59 17.34 -11.12
N GLY A 207 -36.40 16.74 -11.09
CA GLY A 207 -35.40 16.98 -10.05
C GLY A 207 -35.60 16.34 -8.69
N PHE A 208 -36.23 15.16 -8.68
CA PHE A 208 -36.56 14.48 -7.41
C PHE A 208 -35.66 13.30 -7.03
N TYR A 209 -35.70 12.99 -5.74
CA TYR A 209 -35.03 11.85 -5.17
C TYR A 209 -35.80 11.44 -3.93
N PRO A 210 -35.99 10.14 -3.73
CA PRO A 210 -35.50 9.00 -4.52
C PRO A 210 -36.33 8.82 -5.80
N ALA A 211 -36.09 7.75 -6.54
CA ALA A 211 -36.69 7.60 -7.86
C ALA A 211 -38.17 7.16 -7.90
N GLU A 212 -38.72 6.67 -6.79
N GLU A 212 -38.72 6.67 -6.78
CA GLU A 212 -40.11 6.17 -6.78
CA GLU A 212 -40.12 6.24 -6.75
C GLU A 212 -41.13 7.33 -6.76
C GLU A 212 -41.06 7.43 -6.84
N ILE A 213 -42.04 7.33 -7.75
CA ILE A 213 -43.00 8.40 -7.94
C ILE A 213 -44.26 7.84 -8.59
N THR A 214 -45.38 8.49 -8.30
CA THR A 214 -46.64 8.13 -8.91
C THR A 214 -47.13 9.38 -9.63
N LEU A 215 -47.34 9.28 -10.93
CA LEU A 215 -47.82 10.40 -11.69
C LEU A 215 -48.98 9.93 -12.47
N THR A 216 -50.16 10.49 -12.28
CA THR A 216 -51.34 10.05 -13.01
C THR A 216 -52.23 11.18 -13.47
N TRP A 217 -52.99 10.96 -14.52
CA TRP A 217 -53.97 11.95 -14.99
C TRP A 217 -55.39 11.55 -14.60
N GLN A 218 -56.18 12.54 -14.25
CA GLN A 218 -57.60 12.36 -14.01
C GLN A 218 -58.44 13.29 -14.87
N ARG A 219 -59.57 12.78 -15.33
CA ARG A 219 -60.58 13.62 -15.98
C ARG A 219 -61.81 13.66 -15.05
N ASP A 220 -62.07 14.83 -14.50
CA ASP A 220 -63.17 15.00 -13.54
C ASP A 220 -63.12 14.01 -12.38
N GLY A 221 -61.97 13.88 -11.73
CA GLY A 221 -61.84 13.06 -10.54
C GLY A 221 -61.65 11.57 -10.78
N GLU A 222 -61.73 11.11 -12.04
CA GLU A 222 -61.51 9.70 -12.40
C GLU A 222 -60.22 9.50 -13.14
N GLU A 223 -59.57 8.36 -12.95
CA GLU A 223 -58.24 8.16 -13.50
C GLU A 223 -58.28 7.57 -14.92
N GLN A 224 -57.48 8.14 -15.82
CA GLN A 224 -57.42 7.73 -17.22
C GLN A 224 -56.48 6.51 -17.34
N THR A 225 -56.94 5.39 -17.91
CA THR A 225 -56.10 4.19 -17.91
C THR A 225 -55.72 3.68 -19.30
N GLN A 226 -56.38 4.32 -20.24
CA GLN A 226 -56.25 4.19 -21.67
C GLN A 226 -55.95 5.58 -22.22
N ASP A 227 -55.36 5.59 -23.42
CA ASP A 227 -54.98 6.82 -24.16
C ASP A 227 -53.94 7.71 -23.49
N ILE A 228 -53.14 7.16 -22.59
CA ILE A 228 -52.09 7.94 -21.97
C ILE A 228 -50.69 7.42 -22.16
N GLU A 229 -49.78 8.35 -22.28
CA GLU A 229 -48.33 8.03 -22.41
C GLU A 229 -47.51 8.37 -21.16
N PHE A 230 -46.77 7.38 -20.64
CA PHE A 230 -45.84 7.58 -19.53
C PHE A 230 -44.47 7.13 -19.98
N VAL A 231 -43.52 8.04 -20.04
CA VAL A 231 -42.15 7.59 -20.24
C VAL A 231 -41.67 7.02 -18.90
N GLU A 232 -40.77 6.03 -18.95
CA GLU A 232 -40.26 5.47 -17.71
C GLU A 232 -39.35 6.51 -17.07
N THR A 233 -39.31 6.49 -15.75
CA THR A 233 -38.55 7.42 -14.94
C THR A 233 -37.08 7.40 -15.35
N ARG A 234 -36.47 8.57 -15.49
CA ARG A 234 -35.13 8.61 -16.07
C ARG A 234 -34.15 9.46 -15.29
N PRO A 235 -32.85 9.12 -15.32
CA PRO A 235 -31.92 9.96 -14.57
C PRO A 235 -31.61 11.26 -15.31
N ALA A 236 -31.50 12.35 -14.56
CA ALA A 236 -31.08 13.62 -15.12
C ALA A 236 -29.59 13.60 -15.40
N GLY A 237 -28.85 12.81 -14.62
CA GLY A 237 -27.41 12.79 -14.72
C GLY A 237 -26.74 13.42 -13.52
N ASP A 238 -27.52 14.11 -12.68
CA ASP A 238 -27.02 14.86 -11.54
C ASP A 238 -27.45 14.28 -10.19
N GLY A 239 -28.01 13.07 -10.17
CA GLY A 239 -28.42 12.50 -8.90
C GLY A 239 -29.94 12.52 -8.69
N THR A 240 -30.65 13.15 -9.62
CA THR A 240 -32.09 13.25 -9.56
C THR A 240 -32.84 12.58 -10.74
N PHE A 241 -34.16 12.53 -10.65
CA PHE A 241 -34.86 11.81 -11.68
C PHE A 241 -35.94 12.71 -12.25
N GLN A 242 -36.41 12.35 -13.43
CA GLN A 242 -37.44 13.06 -14.14
C GLN A 242 -38.48 12.06 -14.61
N LYS A 243 -39.72 12.50 -14.75
CA LYS A 243 -40.73 11.70 -15.40
C LYS A 243 -41.78 12.66 -15.94
N TRP A 244 -42.44 12.27 -17.02
CA TRP A 244 -43.67 12.96 -17.39
C TRP A 244 -44.79 12.05 -17.86
N GLY A 245 -45.99 12.57 -17.83
CA GLY A 245 -47.12 11.82 -18.34
C GLY A 245 -47.94 12.74 -19.20
N ALA A 246 -48.48 12.20 -20.28
CA ALA A 246 -49.21 13.03 -21.23
C ALA A 246 -50.56 12.43 -21.59
N VAL A 247 -51.54 13.31 -21.79
CA VAL A 247 -52.90 12.94 -22.18
C VAL A 247 -53.34 13.84 -23.33
N VAL A 248 -54.08 13.29 -24.30
CA VAL A 248 -54.65 14.09 -25.40
C VAL A 248 -56.12 14.40 -25.10
N VAL A 249 -56.48 15.67 -25.18
CA VAL A 249 -57.79 16.12 -24.73
C VAL A 249 -58.55 17.00 -25.75
N PRO A 250 -59.88 17.05 -25.63
CA PRO A 250 -60.64 17.99 -26.47
C PRO A 250 -60.36 19.46 -26.14
N SER A 251 -60.17 20.29 -27.18
CA SER A 251 -59.87 21.70 -26.99
C SER A 251 -60.95 22.36 -26.12
N GLY A 252 -60.53 23.25 -25.23
CA GLY A 252 -61.47 23.91 -24.34
C GLY A 252 -61.85 23.08 -23.12
N GLU A 253 -61.62 21.76 -23.14
CA GLU A 253 -62.00 20.94 -21.99
C GLU A 253 -60.79 20.61 -21.10
N GLU A 254 -59.72 21.38 -21.28
CA GLU A 254 -58.47 21.16 -20.55
C GLU A 254 -58.63 21.32 -19.05
N GLN A 255 -59.49 22.22 -18.62
CA GLN A 255 -59.65 22.50 -17.21
C GLN A 255 -60.39 21.39 -16.47
N ARG A 256 -60.80 20.36 -17.21
CA ARG A 256 -61.47 19.19 -16.63
C ARG A 256 -60.45 18.14 -16.19
N TYR A 257 -59.18 18.36 -16.56
CA TYR A 257 -58.12 17.40 -16.31
C TYR A 257 -57.20 17.82 -15.18
N THR A 258 -56.83 16.86 -14.34
CA THR A 258 -55.86 17.13 -13.28
C THR A 258 -54.73 16.09 -13.29
N CYS A 259 -53.51 16.53 -12.95
CA CYS A 259 -52.36 15.63 -12.81
C CYS A 259 -52.12 15.37 -11.34
N HIS A 260 -51.82 14.14 -10.97
CA HIS A 260 -51.64 13.81 -9.55
C HIS A 260 -50.28 13.21 -9.23
N VAL A 261 -49.55 13.88 -8.36
CA VAL A 261 -48.19 13.49 -8.09
C VAL A 261 -48.04 13.07 -6.64
N GLN A 262 -47.53 11.87 -6.45
CA GLN A 262 -47.24 11.35 -5.14
C GLN A 262 -45.74 11.04 -5.05
N HIS A 263 -45.10 11.46 -3.96
CA HIS A 263 -43.68 11.25 -3.79
C HIS A 263 -43.27 11.51 -2.36
N LYS A 264 -42.31 10.74 -1.87
CA LYS A 264 -41.96 10.76 -0.46
C LYS A 264 -41.46 12.14 0.03
N GLY A 265 -40.99 12.98 -0.89
CA GLY A 265 -40.54 14.32 -0.55
C GLY A 265 -41.66 15.35 -0.49
N LEU A 266 -42.88 14.91 -0.77
CA LEU A 266 -44.06 15.76 -0.67
C LEU A 266 -44.73 15.53 0.68
N PRO A 267 -45.08 16.63 1.39
CA PRO A 267 -45.79 16.55 2.67
C PRO A 267 -47.03 15.70 2.46
N GLU A 268 -47.78 16.02 1.41
CA GLU A 268 -48.94 15.24 0.96
C GLU A 268 -49.05 15.30 -0.58
N PRO A 269 -49.88 14.42 -1.18
CA PRO A 269 -50.07 14.47 -2.64
C PRO A 269 -50.36 15.82 -3.28
N LEU A 270 -49.96 15.91 -4.54
CA LEU A 270 -50.04 17.15 -5.31
C LEU A 270 -51.03 16.95 -6.45
N THR A 271 -51.83 17.98 -6.71
CA THR A 271 -52.82 17.98 -7.77
C THR A 271 -52.66 19.25 -8.56
N LEU A 272 -52.43 19.16 -9.87
CA LEU A 272 -52.14 20.39 -10.60
C LEU A 272 -52.84 20.42 -11.94
N ARG A 273 -53.11 21.65 -12.39
CA ARG A 273 -53.79 21.92 -13.66
C ARG A 273 -52.87 22.72 -14.58
N TRP A 274 -53.21 22.72 -15.87
CA TRP A 274 -52.57 23.63 -16.82
C TRP A 274 -52.95 25.06 -16.46
N GLU A 275 -51.94 25.88 -16.16
CA GLU A 275 -52.13 27.30 -15.85
C GLU A 275 -51.80 28.19 -17.08
N PRO A 276 -52.84 28.70 -17.79
CA PRO A 276 -52.70 29.59 -18.96
C PRO A 276 -51.91 30.86 -18.68
N ALA B 1 -31.04 -17.94 -24.49
CA ALA B 1 -30.53 -16.57 -24.47
C ALA B 1 -31.64 -15.57 -24.75
N ILE B 2 -32.29 -15.05 -23.71
CA ILE B 2 -33.35 -14.11 -23.96
C ILE B 2 -32.80 -12.76 -24.47
N GLN B 3 -33.56 -12.17 -25.38
CA GLN B 3 -33.22 -10.91 -25.99
C GLN B 3 -34.30 -9.93 -25.66
N ARG B 4 -33.89 -8.72 -25.28
CA ARG B 4 -34.84 -7.67 -25.00
C ARG B 4 -34.33 -6.44 -25.68
N THR B 5 -35.27 -5.71 -26.28
CA THR B 5 -35.00 -4.57 -27.14
C THR B 5 -34.99 -3.30 -26.34
N PRO B 6 -33.92 -2.50 -26.50
CA PRO B 6 -33.75 -1.26 -25.75
C PRO B 6 -34.88 -0.26 -25.93
N LYS B 7 -35.32 0.35 -24.84
CA LYS B 7 -36.18 1.52 -24.92
C LYS B 7 -35.27 2.76 -24.94
N ILE B 8 -35.55 3.71 -25.81
CA ILE B 8 -34.65 4.86 -25.98
C ILE B 8 -35.30 6.19 -25.59
N GLN B 9 -34.56 7.04 -24.87
CA GLN B 9 -35.05 8.38 -24.53
C GLN B 9 -33.98 9.45 -24.76
N VAL B 10 -34.36 10.54 -25.41
CA VAL B 10 -33.43 11.62 -25.61
C VAL B 10 -33.98 12.89 -25.00
N TYR B 11 -33.16 13.54 -24.19
CA TYR B 11 -33.66 14.65 -23.40
C TYR B 11 -32.51 15.43 -22.81
N SER B 12 -32.79 16.60 -22.26
CA SER B 12 -31.77 17.41 -21.64
C SER B 12 -31.92 17.39 -20.11
N ARG B 13 -30.82 17.62 -19.40
CA ARG B 13 -30.83 17.63 -17.95
C ARG B 13 -31.78 18.70 -17.40
N HIS B 14 -31.60 19.94 -17.83
CA HIS B 14 -32.48 21.01 -17.39
C HIS B 14 -33.40 21.40 -18.54
N PRO B 15 -34.53 22.07 -18.24
CA PRO B 15 -35.36 22.51 -19.36
C PRO B 15 -34.56 23.40 -20.31
N PRO B 16 -34.68 23.17 -21.62
CA PRO B 16 -33.77 23.81 -22.57
C PRO B 16 -34.09 25.29 -22.77
N GLU B 17 -33.09 26.12 -22.51
CA GLU B 17 -33.14 27.54 -22.75
C GLU B 17 -31.98 27.97 -23.66
N ASN B 18 -32.27 28.80 -24.67
CA ASN B 18 -31.27 29.21 -25.68
C ASN B 18 -29.97 29.83 -25.24
N GLY B 19 -28.88 29.19 -25.63
CA GLY B 19 -27.58 29.75 -25.33
C GLY B 19 -27.15 29.49 -23.90
N LYS B 20 -27.97 28.74 -23.16
CA LYS B 20 -27.63 28.42 -21.77
C LYS B 20 -27.12 26.98 -21.68
N PRO B 21 -25.95 26.78 -21.06
CA PRO B 21 -25.27 25.47 -20.99
C PRO B 21 -26.10 24.36 -20.32
N ASN B 22 -25.96 23.14 -20.82
CA ASN B 22 -26.83 22.05 -20.40
C ASN B 22 -26.10 20.72 -20.57
N PHE B 23 -26.80 19.61 -20.36
CA PHE B 23 -26.26 18.29 -20.71
C PHE B 23 -27.29 17.57 -21.57
N LEU B 24 -26.81 16.83 -22.57
CA LEU B 24 -27.71 16.13 -23.44
C LEU B 24 -27.63 14.67 -23.06
N ASN B 25 -28.75 14.07 -22.67
CA ASN B 25 -28.78 12.68 -22.20
C ASN B 25 -29.37 11.79 -23.25
N CYS B 26 -28.86 10.58 -23.34
CA CYS B 26 -29.54 9.51 -24.05
C CYS B 26 -29.62 8.34 -23.12
N TYR B 27 -30.84 7.93 -22.76
CA TYR B 27 -31.01 6.91 -21.74
C TYR B 27 -31.52 5.65 -22.43
N VAL B 28 -30.71 4.58 -22.47
CA VAL B 28 -31.18 3.30 -23.02
C VAL B 28 -31.44 2.29 -21.91
N SER B 29 -32.61 1.68 -21.92
CA SER B 29 -32.96 0.75 -20.85
C SER B 29 -33.75 -0.44 -21.36
N GLY B 30 -33.84 -1.46 -20.52
CA GLY B 30 -34.63 -2.66 -20.78
C GLY B 30 -34.02 -3.60 -21.80
N PHE B 31 -32.73 -3.51 -22.05
CA PHE B 31 -32.18 -4.32 -23.13
C PHE B 31 -31.40 -5.51 -22.62
N HIS B 32 -31.16 -6.45 -23.51
CA HIS B 32 -30.47 -7.71 -23.21
C HIS B 32 -30.18 -8.45 -24.51
N PRO B 33 -28.94 -8.91 -24.71
CA PRO B 33 -27.72 -8.88 -23.89
C PRO B 33 -27.12 -7.48 -23.75
N SER B 34 -26.03 -7.37 -22.99
CA SER B 34 -25.48 -6.08 -22.58
C SER B 34 -24.71 -5.33 -23.65
N ASP B 35 -24.41 -6.00 -24.75
CA ASP B 35 -23.60 -5.37 -25.78
C ASP B 35 -24.38 -4.33 -26.60
N ILE B 36 -24.02 -3.06 -26.49
CA ILE B 36 -24.80 -2.03 -27.15
C ILE B 36 -23.92 -0.87 -27.62
N GLU B 37 -24.35 -0.21 -28.67
CA GLU B 37 -23.61 0.91 -29.23
C GLU B 37 -24.54 2.14 -29.21
N VAL B 38 -24.08 3.25 -28.64
CA VAL B 38 -24.94 4.42 -28.51
C VAL B 38 -24.19 5.68 -28.89
N ASP B 39 -24.69 6.44 -29.87
CA ASP B 39 -24.03 7.70 -30.28
C ASP B 39 -24.95 8.90 -30.18
N LEU B 40 -24.50 9.96 -29.55
CA LEU B 40 -25.22 11.23 -29.60
C LEU B 40 -24.91 11.93 -30.92
N LEU B 41 -25.94 12.47 -31.57
CA LEU B 41 -25.74 13.12 -32.86
C LEU B 41 -25.99 14.60 -32.77
N LYS B 42 -25.15 15.38 -33.42
CA LYS B 42 -25.42 16.81 -33.68
C LYS B 42 -25.43 17.09 -35.17
N ASN B 43 -26.59 17.54 -35.67
CA ASN B 43 -26.79 17.74 -37.10
C ASN B 43 -26.25 16.56 -37.91
N GLY B 44 -26.66 15.35 -37.53
CA GLY B 44 -26.29 14.15 -38.26
C GLY B 44 -24.92 13.57 -37.93
N GLU B 45 -24.11 14.31 -37.17
CA GLU B 45 -22.75 13.86 -36.84
C GLU B 45 -22.57 13.36 -35.41
N LYS B 46 -21.67 12.38 -35.23
CA LYS B 46 -21.35 11.84 -33.92
C LYS B 46 -20.73 12.91 -33.03
N MET B 47 -21.34 13.12 -31.88
CA MET B 47 -20.77 14.04 -30.92
C MET B 47 -19.55 13.42 -30.20
N GLY B 48 -18.64 14.27 -29.75
CA GLY B 48 -17.47 13.80 -29.03
C GLY B 48 -17.56 13.98 -27.54
N LYS B 49 -16.64 13.39 -26.83
CA LYS B 49 -16.56 13.50 -25.40
C LYS B 49 -17.88 13.11 -24.73
N VAL B 50 -18.33 11.91 -25.10
CA VAL B 50 -19.58 11.36 -24.58
C VAL B 50 -19.26 10.36 -23.50
N GLU B 51 -19.68 10.68 -22.27
CA GLU B 51 -19.48 9.80 -21.11
C GLU B 51 -20.69 8.90 -20.82
N HIS B 52 -20.46 7.82 -20.07
CA HIS B 52 -21.60 7.00 -19.71
C HIS B 52 -21.50 6.38 -18.36
N SER B 53 -22.67 6.11 -17.78
CA SER B 53 -22.80 5.47 -16.47
C SER B 53 -22.35 4.02 -16.52
N ASP B 54 -22.03 3.47 -15.36
CA ASP B 54 -21.63 2.07 -15.29
C ASP B 54 -22.77 1.13 -15.58
N LEU B 55 -22.45 0.05 -16.29
CA LEU B 55 -23.43 -0.97 -16.61
C LEU B 55 -24.11 -1.46 -15.34
N SER B 56 -25.43 -1.32 -15.30
CA SER B 56 -26.18 -1.92 -14.23
C SER B 56 -27.53 -2.39 -14.78
N PHE B 57 -28.33 -3.05 -13.95
CA PHE B 57 -29.55 -3.68 -14.44
C PHE B 57 -30.65 -3.73 -13.40
N SER B 58 -31.86 -3.97 -13.89
CA SER B 58 -33.05 -4.00 -13.07
C SER B 58 -33.38 -5.40 -12.51
N LYS B 59 -34.53 -5.48 -11.85
CA LYS B 59 -34.95 -6.70 -11.14
C LYS B 59 -35.29 -7.80 -12.13
N ASP B 60 -35.64 -7.41 -13.34
CA ASP B 60 -36.00 -8.39 -14.34
C ASP B 60 -34.76 -8.68 -15.19
N TRP B 61 -33.61 -8.24 -14.67
CA TRP B 61 -32.28 -8.45 -15.26
C TRP B 61 -31.90 -7.64 -16.53
N SER B 62 -32.78 -6.77 -17.00
CA SER B 62 -32.46 -6.02 -18.21
C SER B 62 -31.60 -4.82 -17.86
N PHE B 63 -30.62 -4.56 -18.71
CA PHE B 63 -29.60 -3.53 -18.51
C PHE B 63 -30.09 -2.10 -18.71
N TYR B 64 -29.46 -1.15 -18.02
CA TYR B 64 -29.69 0.26 -18.31
C TYR B 64 -28.41 1.10 -18.28
N LEU B 65 -28.40 2.14 -19.12
CA LEU B 65 -27.22 2.98 -19.33
C LEU B 65 -27.62 4.43 -19.60
N LEU B 66 -26.86 5.37 -19.06
CA LEU B 66 -27.02 6.77 -19.41
C LEU B 66 -25.79 7.26 -20.23
N TYR B 67 -26.03 7.81 -21.40
CA TYR B 67 -25.00 8.45 -22.22
C TYR B 67 -25.20 9.97 -22.17
N TYR B 68 -24.15 10.74 -21.97
CA TYR B 68 -24.38 12.17 -21.80
C TYR B 68 -23.19 13.03 -22.23
N THR B 69 -23.46 14.28 -22.60
CA THR B 69 -22.41 15.25 -22.91
C THR B 69 -22.93 16.67 -22.69
N GLU B 70 -22.03 17.61 -22.42
CA GLU B 70 -22.37 19.03 -22.35
C GLU B 70 -22.70 19.56 -23.75
N PHE B 71 -23.67 20.43 -23.82
CA PHE B 71 -24.02 21.02 -25.05
C PHE B 71 -24.66 22.35 -24.82
N THR B 72 -24.56 23.27 -25.72
CA THR B 72 -25.34 24.49 -25.52
C THR B 72 -26.32 24.49 -26.67
N PRO B 73 -27.60 24.39 -26.32
CA PRO B 73 -28.60 24.40 -27.39
C PRO B 73 -28.86 25.79 -28.01
N ASN B 74 -29.07 25.82 -29.32
CA ASN B 74 -29.58 26.96 -30.09
C ASN B 74 -30.67 26.42 -31.07
N GLU B 75 -31.54 27.27 -31.53
CA GLU B 75 -32.63 26.84 -32.36
C GLU B 75 -32.39 26.28 -33.77
N LYS B 76 -31.21 26.43 -34.33
CA LYS B 76 -30.92 26.03 -35.69
C LYS B 76 -30.33 24.63 -35.64
N ASP B 77 -29.74 24.26 -34.50
CA ASP B 77 -29.06 22.97 -34.39
C ASP B 77 -30.00 21.83 -34.03
N GLU B 78 -29.82 20.68 -34.68
CA GLU B 78 -30.61 19.48 -34.39
C GLU B 78 -29.79 18.34 -33.75
N TYR B 79 -30.41 17.67 -32.78
CA TYR B 79 -29.72 16.62 -32.03
C TYR B 79 -30.49 15.32 -32.06
N ALA B 80 -29.78 14.20 -31.91
CA ALA B 80 -30.44 12.90 -31.82
C ALA B 80 -29.63 11.87 -31.03
N CYS B 81 -30.24 10.71 -30.87
CA CYS B 81 -29.56 9.56 -30.30
C CYS B 81 -29.70 8.46 -31.30
N ARG B 82 -28.63 7.73 -31.55
CA ARG B 82 -28.65 6.63 -32.50
C ARG B 82 -28.12 5.41 -31.79
N VAL B 83 -28.82 4.29 -31.95
CA VAL B 83 -28.59 3.12 -31.14
C VAL B 83 -28.50 1.83 -31.96
N ASN B 84 -27.48 1.02 -31.68
CA ASN B 84 -27.31 -0.28 -32.31
C ASN B 84 -27.36 -1.41 -31.29
N HIS B 85 -28.08 -2.48 -31.60
CA HIS B 85 -28.21 -3.61 -30.69
C HIS B 85 -28.50 -4.83 -31.54
N VAL B 86 -28.28 -6.03 -31.03
CA VAL B 86 -28.55 -7.20 -31.87
C VAL B 86 -30.04 -7.39 -32.23
N THR B 87 -30.92 -6.80 -31.43
CA THR B 87 -32.36 -6.96 -31.65
C THR B 87 -32.90 -5.95 -32.67
N LEU B 88 -32.04 -5.08 -33.18
CA LEU B 88 -32.45 -4.07 -34.14
C LEU B 88 -31.84 -4.33 -35.51
N SER B 89 -32.63 -4.15 -36.57
CA SER B 89 -32.14 -4.29 -37.93
C SER B 89 -31.67 -2.90 -38.38
N GLY B 90 -30.38 -2.66 -38.19
CA GLY B 90 -29.83 -1.35 -38.47
C GLY B 90 -30.18 -0.40 -37.34
N PRO B 91 -29.39 0.65 -37.20
CA PRO B 91 -29.49 1.54 -36.04
C PRO B 91 -30.83 2.21 -35.94
N ARG B 92 -31.36 2.43 -34.74
N ARG B 92 -31.35 2.45 -34.73
CA ARG B 92 -32.60 3.21 -34.62
CA ARG B 92 -32.61 3.19 -34.60
C ARG B 92 -32.18 4.61 -34.14
C ARG B 92 -32.21 4.60 -34.10
N THR B 93 -32.83 5.62 -34.68
CA THR B 93 -32.51 7.00 -34.34
C THR B 93 -33.75 7.67 -33.78
N VAL B 94 -33.58 8.32 -32.63
CA VAL B 94 -34.65 9.06 -32.01
C VAL B 94 -34.17 10.49 -31.98
N LYS B 95 -35.04 11.40 -32.43
CA LYS B 95 -34.71 12.83 -32.44
C LYS B 95 -34.96 13.48 -31.10
N TRP B 96 -34.20 14.54 -30.83
CA TRP B 96 -34.44 15.31 -29.63
C TRP B 96 -35.66 16.18 -29.91
N ASP B 97 -36.66 16.07 -29.05
CA ASP B 97 -37.82 16.95 -29.05
C ASP B 97 -37.75 17.73 -27.75
N ARG B 98 -37.65 19.04 -27.86
CA ARG B 98 -37.39 19.89 -26.69
C ARG B 98 -38.50 19.84 -25.66
N ASP B 99 -39.69 19.35 -26.07
CA ASP B 99 -40.83 19.23 -25.14
C ASP B 99 -41.04 17.82 -24.57
N MET B 100 -40.05 16.94 -24.73
CA MET B 100 -40.13 15.56 -24.25
C MET B 100 -38.84 15.08 -23.54
N GLY C 1 -19.75 -15.86 -1.96
CA GLY C 1 -18.56 -16.64 -2.16
C GLY C 1 -18.81 -17.98 -2.78
N GLY C 2 -19.92 -18.63 -2.48
CA GLY C 2 -20.24 -19.91 -3.04
C GLY C 2 -20.20 -19.96 -4.54
N ALA C 3 -19.73 -21.08 -5.04
CA ALA C 3 -19.61 -21.30 -6.46
C ALA C 3 -20.77 -22.09 -6.95
N ILE C 4 -21.26 -21.74 -8.11
CA ILE C 4 -22.38 -22.44 -8.69
C ILE C 4 -22.10 -23.90 -8.97
N ALA D 1 -9.29 -5.53 15.61
CA ALA D 1 -8.77 -6.73 14.98
C ALA D 1 -7.63 -7.34 15.80
N LYS D 2 -7.06 -6.52 16.70
CA LYS D 2 -6.05 -6.99 17.64
C LYS D 2 -6.75 -7.39 18.92
N THR D 3 -6.62 -8.65 19.32
CA THR D 3 -7.33 -9.15 20.49
C THR D 3 -6.44 -9.27 21.72
N THR D 4 -7.09 -9.15 22.89
CA THR D 4 -6.43 -9.31 24.17
C THR D 4 -7.26 -10.27 25.02
N GLN D 5 -6.60 -11.22 25.70
CA GLN D 5 -7.31 -12.17 26.56
C GLN D 5 -6.39 -12.62 27.69
N PRO D 6 -6.97 -13.14 28.80
CA PRO D 6 -6.15 -13.70 29.87
C PRO D 6 -5.08 -14.63 29.34
N ILE D 7 -3.91 -14.66 29.99
CA ILE D 7 -2.86 -15.57 29.55
C ILE D 7 -3.15 -17.04 29.91
N SER D 8 -3.62 -17.25 31.13
CA SER D 8 -3.88 -18.60 31.61
C SER D 8 -5.25 -18.66 32.28
N MET D 9 -5.78 -19.87 32.39
CA MET D 9 -7.02 -20.10 33.10
C MET D 9 -7.08 -21.51 33.66
N ASP D 10 -7.58 -21.63 34.88
CA ASP D 10 -7.78 -22.93 35.53
C ASP D 10 -9.27 -23.26 35.64
N SER D 11 -9.57 -24.56 35.62
CA SER D 11 -10.96 -25.01 35.71
C SER D 11 -11.03 -26.43 36.23
N TYR D 12 -12.08 -26.74 36.98
CA TYR D 12 -12.29 -28.11 37.42
C TYR D 12 -13.18 -28.86 36.44
N GLU D 13 -12.92 -30.14 36.24
CA GLU D 13 -13.71 -30.98 35.34
C GLU D 13 -15.19 -30.90 35.65
N GLY D 14 -16.01 -30.66 34.63
CA GLY D 14 -17.45 -30.56 34.79
C GLY D 14 -18.04 -29.16 34.96
N GLN D 15 -17.22 -28.18 35.35
CA GLN D 15 -17.67 -26.79 35.46
C GLN D 15 -17.79 -26.12 34.08
N GLU D 16 -18.33 -24.90 34.06
CA GLU D 16 -18.42 -24.13 32.82
C GLU D 16 -17.32 -23.06 32.77
N VAL D 17 -16.57 -23.04 31.67
CA VAL D 17 -15.45 -22.11 31.56
C VAL D 17 -15.86 -20.93 30.70
N ASN D 18 -15.56 -19.73 31.17
CA ASN D 18 -15.82 -18.53 30.38
C ASN D 18 -14.53 -17.77 30.12
N ILE D 19 -14.18 -17.63 28.85
CA ILE D 19 -13.01 -16.85 28.45
C ILE D 19 -13.45 -15.52 27.82
N THR D 20 -12.85 -14.42 28.27
CA THR D 20 -13.25 -13.12 27.76
C THR D 20 -12.14 -12.41 26.97
N CYS D 21 -12.47 -12.10 25.72
CA CYS D 21 -11.54 -11.48 24.77
C CYS D 21 -11.85 -10.00 24.58
N ASN D 22 -10.86 -9.18 24.24
CA ASN D 22 -11.11 -7.74 24.03
C ASN D 22 -10.70 -7.18 22.66
N HIS D 23 -11.62 -6.62 21.91
CA HIS D 23 -11.27 -6.09 20.63
C HIS D 23 -11.87 -4.73 20.54
N ASN D 24 -11.09 -3.74 20.88
CA ASN D 24 -11.64 -2.38 20.88
C ASN D 24 -11.60 -1.66 19.53
N ASP D 25 -10.84 -2.17 18.55
CA ASP D 25 -10.77 -1.48 17.26
C ASP D 25 -11.47 -2.36 16.19
N ILE D 26 -12.48 -3.09 16.63
CA ILE D 26 -13.23 -3.94 15.72
C ILE D 26 -13.96 -3.11 14.66
N ALA D 27 -13.67 -3.41 13.41
CA ALA D 27 -14.29 -2.75 12.26
C ALA D 27 -15.64 -3.41 11.88
N THR D 28 -16.40 -2.73 11.03
CA THR D 28 -17.73 -3.17 10.67
C THR D 28 -17.77 -4.54 10.00
N SER D 29 -16.77 -4.88 9.21
CA SER D 29 -16.80 -6.15 8.47
C SER D 29 -16.37 -7.35 9.30
N ASP D 30 -15.82 -7.09 10.48
CA ASP D 30 -15.17 -8.14 11.25
C ASP D 30 -16.12 -9.07 11.95
N TYR D 31 -15.84 -10.36 11.79
CA TYR D 31 -16.45 -11.42 12.58
C TYR D 31 -15.52 -11.77 13.72
N ILE D 32 -16.10 -12.43 14.71
CA ILE D 32 -15.38 -12.93 15.86
C ILE D 32 -15.28 -14.45 15.79
N MET D 33 -14.06 -14.96 15.85
CA MET D 33 -13.77 -16.39 15.73
C MET D 33 -12.91 -16.91 16.84
N TRP D 34 -13.22 -18.13 17.27
CA TRP D 34 -12.43 -18.77 18.31
C TRP D 34 -11.90 -20.06 17.77
N TYR D 35 -10.59 -20.25 17.90
CA TYR D 35 -9.95 -21.50 17.55
C TYR D 35 -9.32 -22.16 18.76
N GLN D 36 -9.14 -23.47 18.66
CA GLN D 36 -8.58 -24.30 19.72
C GLN D 36 -7.28 -24.90 19.21
N GLN D 37 -6.24 -25.02 20.05
CA GLN D 37 -5.07 -25.80 19.62
C GLN D 37 -4.48 -26.70 20.69
N PHE D 38 -4.36 -27.99 20.36
CA PHE D 38 -3.62 -28.94 21.19
C PHE D 38 -2.15 -28.85 20.90
N PRO D 39 -1.32 -29.34 21.92
CA PRO D 39 0.12 -29.27 21.60
C PRO D 39 0.37 -30.17 20.40
N ASN D 40 1.21 -29.81 19.43
CA ASN D 40 1.52 -30.75 18.34
C ASN D 40 0.36 -31.00 17.33
N GLN D 41 -0.59 -30.07 17.15
CA GLN D 41 -1.73 -30.42 16.29
C GLN D 41 -2.18 -29.20 15.51
N GLY D 42 -2.89 -29.36 14.57
CA GLY D 42 -3.43 -28.22 13.85
C GLY D 42 -4.55 -27.56 14.63
N PRO D 43 -4.61 -26.21 14.61
CA PRO D 43 -5.70 -25.48 15.28
C PRO D 43 -7.05 -25.99 14.78
N ARG D 44 -8.07 -25.96 15.63
CA ARG D 44 -9.38 -26.44 15.24
C ARG D 44 -10.44 -25.41 15.55
N PHE D 45 -11.26 -25.13 14.53
CA PHE D 45 -12.35 -24.18 14.64
C PHE D 45 -13.35 -24.60 15.71
N ILE D 46 -13.82 -23.62 16.47
CA ILE D 46 -14.80 -23.77 17.54
C ILE D 46 -16.12 -23.10 17.17
N ILE D 47 -16.05 -21.79 16.94
CA ILE D 47 -17.25 -20.99 16.80
C ILE D 47 -16.93 -19.59 16.23
N GLN D 48 -17.90 -19.03 15.53
CA GLN D 48 -17.76 -17.72 14.93
C GLN D 48 -19.12 -17.02 14.93
N GLY D 49 -19.08 -15.70 14.96
CA GLY D 49 -20.32 -14.96 14.96
C GLY D 49 -20.10 -13.51 14.71
N TYR D 50 -21.17 -12.77 14.50
CA TYR D 50 -21.07 -11.36 14.30
C TYR D 50 -21.69 -10.59 15.42
N LYS D 51 -22.83 -11.04 15.86
CA LYS D 51 -23.51 -10.33 16.89
C LYS D 51 -24.32 -11.22 17.75
N ALA D 52 -24.69 -10.69 18.90
CA ALA D 52 -25.52 -11.38 19.87
C ALA D 52 -24.96 -12.70 20.30
N ASN D 53 -25.73 -13.75 20.24
CA ASN D 53 -25.21 -15.01 20.66
C ASN D 53 -25.42 -16.07 19.62
N ILE D 54 -24.43 -16.93 19.51
CA ILE D 54 -24.30 -18.06 18.60
C ILE D 54 -24.09 -19.29 19.47
N ALA D 55 -24.61 -20.44 19.04
CA ALA D 55 -24.42 -21.67 19.81
C ALA D 55 -24.54 -22.93 18.97
N ASN D 56 -23.52 -23.76 19.07
CA ASN D 56 -23.46 -25.00 18.36
C ASN D 56 -23.22 -26.15 19.32
N GLU D 57 -22.84 -27.28 18.74
CA GLU D 57 -22.73 -28.52 19.47
C GLU D 57 -21.55 -28.50 20.47
N VAL D 58 -20.51 -27.72 20.19
CA VAL D 58 -19.28 -27.74 21.03
C VAL D 58 -19.12 -26.60 22.07
N ALA D 59 -19.54 -25.37 21.74
CA ALA D 59 -19.38 -24.26 22.67
C ALA D 59 -20.40 -23.15 22.38
N SER D 60 -20.27 -22.01 23.07
CA SER D 60 -21.10 -20.88 22.70
C SER D 60 -20.39 -19.53 22.92
N LEU D 61 -20.81 -18.53 22.16
CA LEU D 61 -20.17 -17.22 22.21
C LEU D 61 -21.21 -16.10 22.39
N PHE D 62 -20.94 -15.16 23.30
CA PHE D 62 -21.83 -14.01 23.51
C PHE D 62 -21.16 -12.71 23.12
N ILE D 63 -21.84 -11.91 22.31
CA ILE D 63 -21.28 -10.61 21.92
C ILE D 63 -22.21 -9.48 22.36
N PRO D 64 -21.69 -8.60 23.23
CA PRO D 64 -22.47 -7.42 23.61
C PRO D 64 -22.74 -6.57 22.37
N THR D 65 -23.73 -5.69 22.39
CA THR D 65 -24.12 -4.94 21.20
C THR D 65 -22.99 -4.00 20.80
N ASP D 66 -22.21 -3.59 21.78
CA ASP D 66 -21.09 -2.69 21.57
C ASP D 66 -19.97 -3.40 20.73
N ARG D 67 -20.02 -4.74 20.72
CA ARG D 67 -19.13 -5.62 19.94
C ARG D 67 -17.62 -5.53 20.24
N LYS D 68 -17.20 -4.92 21.34
CA LYS D 68 -15.77 -4.76 21.54
C LYS D 68 -15.18 -5.74 22.56
N SER D 69 -15.99 -6.65 23.07
CA SER D 69 -15.48 -7.75 23.86
C SER D 69 -16.31 -8.96 23.41
N SER D 70 -15.83 -10.15 23.70
CA SER D 70 -16.62 -11.35 23.48
C SER D 70 -16.25 -12.36 24.54
N THR D 71 -17.11 -13.35 24.73
CA THR D 71 -16.94 -14.32 25.78
C THR D 71 -17.21 -15.71 25.26
N LEU D 72 -16.19 -16.56 25.30
CA LEU D 72 -16.35 -17.94 24.88
C LEU D 72 -16.70 -18.81 26.07
N SER D 73 -17.76 -19.60 25.94
CA SER D 73 -18.16 -20.52 27.00
C SER D 73 -18.13 -21.97 26.57
N LEU D 74 -17.47 -22.76 27.39
CA LEU D 74 -17.33 -24.19 27.25
C LEU D 74 -18.26 -24.72 28.31
N PRO D 75 -19.27 -25.45 27.90
CA PRO D 75 -20.30 -25.87 28.84
C PRO D 75 -20.06 -26.80 30.01
N ARG D 76 -19.42 -27.94 29.79
CA ARG D 76 -19.20 -28.92 30.83
C ARG D 76 -17.94 -29.49 30.30
N VAL D 77 -16.86 -29.09 30.91
CA VAL D 77 -15.53 -29.38 30.39
C VAL D 77 -14.95 -30.72 30.84
N ALA D 78 -14.32 -31.40 29.89
CA ALA D 78 -13.63 -32.65 30.11
C ALA D 78 -12.15 -32.34 30.18
N LEU D 79 -11.32 -33.31 30.58
CA LEU D 79 -9.86 -33.11 30.52
C LEU D 79 -9.36 -33.02 29.07
N SER D 80 -10.15 -33.50 28.13
CA SER D 80 -9.80 -33.42 26.72
C SER D 80 -10.06 -32.01 26.19
N ASP D 81 -10.52 -31.14 27.07
CA ASP D 81 -10.67 -29.74 26.74
C ASP D 81 -9.45 -28.90 27.15
N THR D 82 -8.40 -29.51 27.67
CA THR D 82 -7.18 -28.73 27.97
C THR D 82 -6.46 -28.34 26.69
N ALA D 83 -6.37 -27.03 26.42
CA ALA D 83 -5.79 -26.56 25.17
C ALA D 83 -5.61 -25.05 25.19
N VAL D 84 -4.96 -24.51 24.16
CA VAL D 84 -4.84 -23.07 24.01
C VAL D 84 -6.01 -22.55 23.15
N TYR D 85 -6.69 -21.51 23.63
CA TYR D 85 -7.84 -20.92 22.94
C TYR D 85 -7.52 -19.55 22.37
N TYR D 86 -7.67 -19.43 21.06
CA TYR D 86 -7.37 -18.16 20.39
C TYR D 86 -8.67 -17.42 20.05
N CYS D 87 -8.64 -16.11 20.27
CA CYS D 87 -9.69 -15.22 19.87
C CYS D 87 -9.22 -14.44 18.64
N LEU D 88 -9.94 -14.55 17.53
CA LEU D 88 -9.56 -13.85 16.31
C LEU D 88 -10.65 -12.92 15.86
N VAL D 89 -10.26 -11.79 15.26
CA VAL D 89 -11.23 -10.80 14.78
C VAL D 89 -10.90 -10.19 13.41
N GLY D 90 -11.78 -10.43 12.44
CA GLY D 90 -11.71 -9.78 11.13
C GLY D 90 -10.75 -10.34 10.10
N GLY D 91 -10.00 -9.45 9.45
CA GLY D 91 -9.05 -9.81 8.40
C GLY D 91 -9.62 -10.02 7.00
N GLY D 92 -10.85 -9.60 6.78
CA GLY D 92 -11.53 -9.89 5.53
C GLY D 92 -12.07 -11.31 5.56
N GLY D 93 -11.81 -12.00 6.66
CA GLY D 93 -12.35 -13.33 6.91
C GLY D 93 -11.43 -14.51 6.74
N TYR D 94 -10.43 -14.39 5.87
CA TYR D 94 -9.54 -15.52 5.59
C TYR D 94 -8.09 -15.37 6.03
N VAL D 95 -7.63 -14.14 6.25
CA VAL D 95 -6.31 -13.95 6.84
C VAL D 95 -6.40 -14.02 8.37
N LEU D 96 -5.84 -15.06 8.97
CA LEU D 96 -5.98 -15.25 10.41
C LEU D 96 -4.75 -14.82 11.19
N THR D 97 -4.91 -13.79 12.01
CA THR D 97 -3.85 -13.43 12.94
C THR D 97 -4.11 -14.12 14.28
N PHE D 98 -3.32 -15.15 14.57
CA PHE D 98 -3.43 -15.81 15.86
C PHE D 98 -2.58 -15.05 16.85
N GLY D 99 -3.08 -14.90 18.08
CA GLY D 99 -2.30 -14.25 19.11
C GLY D 99 -1.59 -15.23 20.02
N ARG D 100 -1.25 -14.74 21.21
CA ARG D 100 -0.71 -15.58 22.25
C ARG D 100 -1.74 -16.62 22.64
N GLY D 101 -3.00 -16.19 22.73
CA GLY D 101 -4.07 -17.07 23.15
C GLY D 101 -4.12 -17.20 24.66
N THR D 102 -5.14 -17.91 25.14
CA THR D 102 -5.35 -18.25 26.53
C THR D 102 -5.06 -19.71 26.78
N SER D 103 -4.27 -20.03 27.79
CA SER D 103 -4.01 -21.44 28.05
C SER D 103 -4.99 -21.96 29.09
N LEU D 104 -5.91 -22.80 28.65
CA LEU D 104 -6.89 -23.38 29.56
C LEU D 104 -6.43 -24.73 30.08
N ILE D 105 -6.35 -24.85 31.40
CA ILE D 105 -6.08 -26.13 32.03
C ILE D 105 -7.29 -26.60 32.82
N VAL D 106 -7.83 -27.76 32.46
CA VAL D 106 -8.91 -28.32 33.26
C VAL D 106 -8.35 -29.40 34.20
N HIS D 107 -8.69 -29.29 35.46
CA HIS D 107 -8.12 -30.14 36.50
C HIS D 107 -9.11 -31.18 36.95
N PRO D 108 -8.61 -32.36 37.35
CA PRO D 108 -9.53 -33.34 37.92
C PRO D 108 -9.94 -32.92 39.33
N TYR D 109 -11.15 -33.28 39.74
CA TYR D 109 -11.53 -33.09 41.12
C TYR D 109 -11.08 -34.32 41.88
N ILE D 110 -10.40 -34.10 43.00
CA ILE D 110 -9.81 -35.18 43.77
C ILE D 110 -10.57 -35.47 45.05
N GLN D 111 -11.23 -36.62 45.11
CA GLN D 111 -12.05 -36.99 46.24
C GLN D 111 -11.32 -36.86 47.57
N ASN D 112 -10.24 -37.62 47.69
CA ASN D 112 -9.43 -37.58 48.88
C ASN D 112 -7.99 -37.52 48.43
N PRO D 113 -7.26 -36.48 48.86
CA PRO D 113 -5.86 -36.41 48.48
C PRO D 113 -5.08 -37.41 49.29
N ASP D 114 -4.03 -37.97 48.70
CA ASP D 114 -3.15 -38.88 49.42
C ASP D 114 -1.75 -38.56 48.92
N PRO D 115 -1.29 -37.34 49.21
CA PRO D 115 -0.02 -36.85 48.67
C PRO D 115 1.15 -37.68 49.19
N ALA D 116 1.94 -38.23 48.27
CA ALA D 116 3.09 -39.05 48.64
C ALA D 116 4.19 -38.87 47.61
N VAL D 117 5.43 -38.96 48.06
CA VAL D 117 6.56 -38.85 47.16
C VAL D 117 7.34 -40.17 47.19
N TYR D 118 7.30 -40.91 46.08
CA TYR D 118 7.94 -42.21 46.00
C TYR D 118 9.28 -42.18 45.25
N GLN D 119 10.17 -43.10 45.60
CA GLN D 119 11.43 -43.27 44.87
C GLN D 119 11.26 -44.41 43.90
N LEU D 120 11.85 -44.33 42.71
CA LEU D 120 11.69 -45.43 41.77
C LEU D 120 12.96 -46.21 41.50
N ARG D 121 12.74 -47.48 41.23
CA ARG D 121 13.79 -48.43 41.00
C ARG D 121 14.24 -48.46 39.58
N GLY D 122 15.45 -47.97 39.34
CA GLY D 122 16.04 -47.99 38.03
C GLY D 122 16.84 -49.26 37.93
N SER D 123 17.01 -49.75 36.71
CA SER D 123 17.80 -50.96 36.48
C SER D 123 19.26 -50.74 36.87
N LYS D 124 19.90 -51.80 37.36
CA LYS D 124 21.31 -51.73 37.79
C LYS D 124 22.27 -50.99 36.86
N SER D 125 22.00 -50.97 35.56
CA SER D 125 22.83 -50.23 34.60
C SER D 125 22.74 -48.71 34.74
N ASN D 126 21.56 -48.20 35.12
CA ASN D 126 21.34 -46.78 35.27
C ASN D 126 21.36 -46.26 36.66
N ASP D 127 21.97 -45.11 36.84
CA ASP D 127 22.14 -44.51 38.13
C ASP D 127 21.37 -43.22 38.29
N THR D 128 20.36 -43.03 37.47
CA THR D 128 19.50 -41.87 37.49
C THR D 128 18.47 -42.11 38.56
N SER D 129 18.23 -41.12 39.41
CA SER D 129 17.24 -41.32 40.45
C SER D 129 15.97 -40.63 39.98
N VAL D 130 14.84 -41.30 40.20
CA VAL D 130 13.54 -40.83 39.72
C VAL D 130 12.54 -40.72 40.86
N CYS D 131 11.98 -39.54 41.06
CA CYS D 131 11.00 -39.32 42.12
C CYS D 131 9.64 -38.97 41.56
N LEU D 132 8.61 -39.51 42.18
CA LEU D 132 7.27 -39.37 41.66
C LEU D 132 6.33 -38.82 42.72
N PHE D 133 5.96 -37.57 42.55
CA PHE D 133 4.98 -36.92 43.40
C PHE D 133 3.60 -37.26 42.85
N THR D 134 2.69 -37.76 43.68
CA THR D 134 1.44 -38.31 43.16
C THR D 134 0.25 -38.23 44.11
N ASP D 135 -0.96 -38.29 43.53
CA ASP D 135 -2.24 -38.36 44.22
C ASP D 135 -2.62 -37.13 45.04
N PHE D 136 -2.07 -35.97 44.67
CA PHE D 136 -2.48 -34.68 45.22
C PHE D 136 -3.58 -34.04 44.35
N ASP D 137 -4.05 -32.87 44.76
CA ASP D 137 -5.04 -32.10 44.02
C ASP D 137 -4.37 -31.00 43.16
N VAL D 142 2.54 -27.20 41.10
CA VAL D 142 3.85 -27.82 41.05
C VAL D 142 4.71 -26.91 40.25
N SER D 143 5.83 -26.54 40.83
CA SER D 143 6.77 -25.57 40.29
C SER D 143 8.07 -26.18 39.76
N GLN D 144 8.82 -25.36 39.04
CA GLN D 144 10.14 -25.74 38.53
C GLN D 144 11.24 -25.79 39.59
N SER D 145 12.34 -26.44 39.24
CA SER D 145 13.51 -26.56 40.08
C SER D 145 14.46 -25.42 39.78
N LYS D 146 15.09 -24.86 40.80
CA LYS D 146 16.02 -23.77 40.55
C LYS D 146 17.32 -24.34 40.03
N ASP D 147 17.54 -25.63 40.30
CA ASP D 147 18.79 -26.27 39.91
C ASP D 147 18.83 -26.81 38.48
N SER D 148 19.89 -26.47 37.76
CA SER D 148 20.15 -26.96 36.41
C SER D 148 20.30 -28.48 36.39
N ASP D 149 20.60 -29.05 37.55
CA ASP D 149 20.96 -30.46 37.64
C ASP D 149 19.74 -31.33 37.86
N VAL D 150 18.61 -30.70 38.16
CA VAL D 150 17.37 -31.43 38.42
C VAL D 150 16.30 -31.09 37.39
N HIS D 151 15.58 -32.11 36.94
CA HIS D 151 14.53 -31.96 35.93
C HIS D 151 13.17 -32.31 36.55
N ILE D 152 12.20 -31.42 36.44
CA ILE D 152 10.88 -31.74 36.95
C ILE D 152 9.83 -31.45 35.87
N THR D 153 9.04 -32.46 35.51
CA THR D 153 7.94 -32.21 34.61
C THR D 153 6.87 -31.47 35.36
N ASP D 154 6.03 -30.71 34.66
CA ASP D 154 4.91 -30.07 35.35
C ASP D 154 3.79 -31.09 35.45
N LYS D 155 2.74 -30.72 36.17
CA LYS D 155 1.62 -31.61 36.48
C LYS D 155 1.05 -32.28 35.24
N CYS D 156 0.83 -33.59 35.35
CA CYS D 156 0.30 -34.37 34.24
C CYS D 156 -0.87 -35.22 34.79
N VAL D 157 -1.95 -35.42 34.03
CA VAL D 157 -3.11 -36.16 34.54
C VAL D 157 -3.35 -37.57 33.94
N LEU D 158 -3.54 -38.54 34.84
CA LEU D 158 -3.68 -39.96 34.52
C LEU D 158 -5.12 -40.50 34.61
N ASP D 159 -5.60 -41.19 33.57
CA ASP D 159 -6.95 -41.79 33.66
C ASP D 159 -6.89 -43.32 33.34
N MET D 160 -7.31 -44.11 34.32
CA MET D 160 -7.32 -45.57 34.29
C MET D 160 -8.71 -46.12 33.87
N ARG D 161 -8.91 -46.55 32.63
CA ARG D 161 -10.25 -46.91 32.13
C ARG D 161 -10.98 -47.91 32.99
N SER D 162 -10.27 -48.92 33.45
CA SER D 162 -10.85 -49.88 34.35
C SER D 162 -11.23 -49.18 35.67
N MET D 163 -10.39 -48.27 36.14
CA MET D 163 -10.64 -47.60 37.41
C MET D 163 -11.67 -46.47 37.44
N ASP D 164 -12.24 -46.21 38.63
CA ASP D 164 -13.32 -45.22 38.78
C ASP D 164 -12.98 -43.76 38.48
N PHE D 165 -11.83 -43.31 38.92
CA PHE D 165 -11.35 -41.96 38.73
C PHE D 165 -9.89 -41.68 38.37
N LYS D 166 -9.62 -40.41 38.16
CA LYS D 166 -8.34 -39.81 37.72
C LYS D 166 -7.38 -39.37 38.83
N SER D 167 -6.14 -39.09 38.44
CA SER D 167 -5.03 -38.85 39.39
C SER D 167 -4.01 -37.82 38.85
N ASN D 168 -3.58 -36.90 39.71
CA ASN D 168 -2.55 -35.93 39.35
C ASN D 168 -1.19 -36.56 39.59
N GLY D 169 -0.18 -36.11 38.87
CA GLY D 169 1.16 -36.65 39.06
C GLY D 169 2.25 -35.79 38.46
N ALA D 170 3.44 -35.94 39.01
CA ALA D 170 4.58 -35.19 38.54
C ALA D 170 5.82 -36.05 38.71
N VAL D 171 6.80 -35.88 37.82
CA VAL D 171 8.00 -36.69 37.87
C VAL D 171 9.24 -35.80 37.91
N ALA D 172 10.14 -36.11 38.85
CA ALA D 172 11.43 -35.43 38.93
C ALA D 172 12.53 -36.48 38.81
N TRP D 173 13.64 -36.12 38.17
CA TRP D 173 14.76 -37.05 38.10
C TRP D 173 16.07 -36.29 38.01
N SER D 174 17.12 -36.87 38.59
CA SER D 174 18.43 -36.24 38.57
C SER D 174 19.59 -37.23 38.61
N ASN D 175 20.77 -36.74 38.28
CA ASN D 175 22.00 -37.52 38.38
C ASN D 175 22.98 -36.90 39.39
N LYS D 176 22.47 -35.91 40.14
CA LYS D 176 23.19 -35.18 41.20
C LYS D 176 23.90 -36.08 42.22
N SER D 177 25.04 -35.59 42.72
CA SER D 177 25.85 -36.30 43.69
C SER D 177 25.09 -36.91 44.87
N ASP D 178 24.27 -36.13 45.57
CA ASP D 178 23.58 -36.69 46.71
C ASP D 178 22.11 -36.48 46.61
N PHE D 179 21.53 -36.84 45.49
CA PHE D 179 20.11 -36.60 45.27
C PHE D 179 19.15 -37.46 46.09
N ALA D 180 18.47 -36.82 47.02
CA ALA D 180 17.45 -37.44 47.83
C ALA D 180 16.08 -36.93 47.38
N CYS D 181 15.16 -37.88 47.29
CA CYS D 181 13.77 -37.63 46.94
C CYS D 181 13.05 -36.93 48.07
N THR D 182 13.76 -36.80 49.16
CA THR D 182 13.31 -36.19 50.35
C THR D 182 12.89 -34.79 50.08
N SER D 183 13.74 -34.08 49.37
CA SER D 183 13.43 -32.71 49.05
C SER D 183 13.74 -32.45 47.61
N ALA D 184 12.99 -33.08 46.72
CA ALA D 184 13.25 -32.89 45.32
C ALA D 184 12.44 -31.76 44.77
N PHE D 185 11.20 -31.68 45.20
CA PHE D 185 10.29 -30.64 44.74
C PHE D 185 10.01 -29.49 45.66
N LYS D 186 10.83 -29.25 46.67
CA LYS D 186 10.37 -28.24 47.63
C LYS D 186 10.54 -26.76 47.17
N ASP D 187 10.85 -26.54 45.89
CA ASP D 187 10.63 -25.18 45.38
C ASP D 187 9.12 -24.97 45.21
N SER D 188 8.35 -26.01 45.55
CA SER D 188 6.89 -26.05 45.46
C SER D 188 6.27 -26.14 46.85
N VAL D 189 4.97 -25.86 46.93
CA VAL D 189 4.24 -25.94 48.19
C VAL D 189 3.65 -27.33 48.43
N ILE D 190 4.39 -28.15 49.17
CA ILE D 190 4.03 -29.52 49.50
C ILE D 190 2.93 -29.56 50.61
N PRO D 191 1.96 -30.47 50.50
CA PRO D 191 0.99 -30.62 51.59
C PRO D 191 1.66 -31.11 52.88
N ALA D 192 1.16 -30.68 54.04
CA ALA D 192 1.77 -31.02 55.32
C ALA D 192 1.73 -32.53 55.56
N ASP D 193 0.70 -33.16 55.00
CA ASP D 193 0.42 -34.58 55.19
C ASP D 193 1.04 -35.46 54.09
N THR D 194 2.07 -34.96 53.42
CA THR D 194 2.73 -35.75 52.39
C THR D 194 3.50 -36.95 52.98
N PHE D 195 3.20 -38.13 52.44
CA PHE D 195 3.82 -39.38 52.86
C PHE D 195 5.22 -39.55 52.28
N PHE D 196 6.23 -39.66 53.15
CA PHE D 196 7.62 -39.88 52.73
C PHE D 196 8.19 -41.19 53.27
N PRO D 197 8.01 -42.32 52.54
CA PRO D 197 8.67 -43.51 53.08
C PRO D 197 10.20 -43.40 52.97
N GLY D 198 10.91 -43.77 54.02
CA GLY D 198 12.36 -43.66 54.05
C GLY D 198 13.02 -44.32 55.25
N ASP E 1 -13.60 -41.11 6.33
CA ASP E 1 -12.76 -40.02 6.81
C ASP E 1 -12.45 -39.03 5.70
N THR E 2 -12.45 -37.75 6.05
CA THR E 2 -12.07 -36.69 5.12
C THR E 2 -11.34 -35.56 5.86
N ALA E 3 -10.15 -35.18 5.39
CA ALA E 3 -9.34 -34.21 6.14
C ALA E 3 -8.16 -33.64 5.34
N VAL E 4 -7.49 -32.65 5.90
CA VAL E 4 -6.32 -32.09 5.27
C VAL E 4 -5.15 -32.99 5.63
N SER E 5 -4.49 -33.54 4.63
CA SER E 5 -3.38 -34.42 4.92
C SER E 5 -2.10 -33.71 4.49
N GLN E 6 -1.02 -34.03 5.19
CA GLN E 6 0.23 -33.32 5.02
C GLN E 6 1.39 -34.31 5.19
N THR E 7 2.43 -34.20 4.37
CA THR E 7 3.61 -35.08 4.46
C THR E 7 4.87 -34.30 4.11
N PRO E 8 5.99 -34.64 4.78
CA PRO E 8 6.08 -35.69 5.82
C PRO E 8 5.67 -35.17 7.19
N LYS E 9 5.85 -35.94 8.27
CA LYS E 9 5.46 -35.44 9.58
C LYS E 9 6.65 -34.82 10.32
N TYR E 10 7.85 -35.33 10.04
CA TYR E 10 9.08 -34.80 10.63
C TYR E 10 10.18 -34.66 9.58
N LEU E 11 11.08 -33.71 9.77
CA LEU E 11 12.14 -33.48 8.80
C LEU E 11 13.38 -32.84 9.40
N VAL E 12 14.53 -33.47 9.23
CA VAL E 12 15.79 -32.84 9.64
C VAL E 12 16.74 -32.80 8.43
N ARG E 13 17.19 -31.60 8.08
CA ARG E 13 18.02 -31.41 6.91
C ARG E 13 19.14 -30.39 7.18
N GLN E 14 20.15 -30.40 6.33
CA GLN E 14 21.31 -29.53 6.43
C GLN E 14 21.00 -28.17 5.78
N THR E 15 21.63 -27.09 6.24
CA THR E 15 21.46 -25.81 5.55
C THR E 15 21.88 -25.94 4.08
N GLY E 16 21.28 -25.12 3.22
CA GLY E 16 21.66 -25.07 1.83
C GLY E 16 20.98 -26.14 0.99
N LYS E 17 20.50 -27.20 1.64
CA LYS E 17 19.80 -28.22 0.88
C LYS E 17 18.43 -27.72 0.49
N ASN E 18 17.78 -28.44 -0.40
CA ASN E 18 16.46 -28.04 -0.86
C ASN E 18 15.42 -29.09 -0.48
N GLU E 19 14.18 -28.65 -0.31
CA GLU E 19 13.16 -29.52 0.25
C GLU E 19 11.77 -29.16 -0.24
N SER E 20 10.89 -30.16 -0.19
CA SER E 20 9.52 -30.04 -0.64
C SER E 20 8.56 -30.45 0.47
N LEU E 21 7.68 -29.53 0.84
CA LEU E 21 6.54 -29.82 1.71
C LEU E 21 5.28 -29.93 0.86
N LYS E 22 4.54 -31.02 1.01
CA LYS E 22 3.36 -31.29 0.19
C LYS E 22 2.05 -31.36 1.01
N CYS E 23 1.00 -30.70 0.55
CA CYS E 23 -0.27 -30.62 1.29
C CYS E 23 -1.44 -31.01 0.40
N GLU E 24 -2.35 -31.81 0.94
CA GLU E 24 -3.43 -32.36 0.15
C GLU E 24 -4.74 -32.36 0.94
N GLN E 25 -5.83 -31.95 0.30
CA GLN E 25 -7.14 -31.96 0.94
C GLN E 25 -8.22 -32.43 -0.05
N ASN E 26 -9.02 -33.40 0.38
CA ASN E 26 -10.11 -33.94 -0.46
C ASN E 26 -11.49 -33.53 0.08
N LEU E 27 -11.60 -32.27 0.51
CA LEU E 27 -12.84 -31.73 1.08
C LEU E 27 -13.71 -30.93 0.09
N GLY E 28 -13.19 -30.69 -1.12
CA GLY E 28 -13.89 -29.88 -2.10
C GLY E 28 -13.61 -28.39 -1.97
N HIS E 29 -12.79 -28.03 -1.02
CA HIS E 29 -12.44 -26.67 -0.77
C HIS E 29 -11.61 -26.07 -1.88
N ASN E 30 -11.72 -24.78 -2.07
CA ASN E 30 -11.00 -24.11 -3.12
C ASN E 30 -9.89 -23.25 -2.61
N ALA E 31 -9.89 -22.91 -1.34
CA ALA E 31 -8.89 -21.98 -0.82
C ALA E 31 -7.92 -22.73 0.07
N MET E 32 -6.62 -22.55 -0.15
CA MET E 32 -5.61 -23.24 0.66
C MET E 32 -4.59 -22.28 1.26
N TYR E 33 -4.08 -22.66 2.43
CA TYR E 33 -3.24 -21.76 3.19
C TYR E 33 -2.02 -22.52 3.71
N TRP E 34 -0.87 -21.83 3.79
CA TRP E 34 0.32 -22.30 4.50
C TRP E 34 0.65 -21.38 5.68
N TYR E 35 0.87 -21.98 6.85
CA TYR E 35 1.18 -21.24 8.06
C TYR E 35 2.53 -21.70 8.60
N LYS E 36 3.32 -20.75 9.04
CA LYS E 36 4.57 -21.03 9.72
C LYS E 36 4.36 -20.82 11.21
N GLN E 37 4.87 -21.72 12.03
CA GLN E 37 4.78 -21.56 13.47
C GLN E 37 6.12 -21.74 14.16
N ASP E 38 6.78 -20.62 14.49
CA ASP E 38 8.11 -20.64 15.09
C ASP E 38 8.09 -21.19 16.52
N SER E 39 9.26 -21.27 17.16
CA SER E 39 9.35 -21.80 18.53
C SER E 39 8.69 -20.90 19.58
N LYS E 40 8.49 -19.63 19.24
CA LYS E 40 7.79 -18.73 20.16
C LYS E 40 6.28 -18.79 19.88
N LYS E 41 5.85 -19.90 19.26
CA LYS E 41 4.46 -20.39 19.14
C LYS E 41 3.36 -19.47 18.54
N LEU E 42 3.72 -18.59 17.60
CA LEU E 42 2.73 -17.73 16.95
C LEU E 42 2.54 -18.17 15.49
N LEU E 43 1.29 -18.32 15.04
CA LEU E 43 1.03 -18.74 13.67
C LEU E 43 1.04 -17.56 12.73
N LYS E 44 1.98 -17.56 11.81
CA LYS E 44 2.07 -16.50 10.83
C LYS E 44 1.67 -17.06 9.48
N ILE E 45 0.75 -16.39 8.81
CA ILE E 45 0.36 -16.81 7.49
C ILE E 45 1.56 -16.63 6.57
N MET E 46 1.66 -17.48 5.56
CA MET E 46 2.66 -17.34 4.57
C MET E 46 2.01 -17.10 3.23
N PHE E 47 1.24 -18.06 2.74
CA PHE E 47 0.61 -18.02 1.43
C PHE E 47 -0.90 -18.32 1.46
N ILE E 48 -1.64 -17.67 0.57
CA ILE E 48 -3.05 -17.98 0.41
C ILE E 48 -3.31 -18.24 -1.06
N TYR E 49 -3.88 -19.40 -1.37
CA TYR E 49 -4.22 -19.74 -2.73
C TYR E 49 -5.71 -19.99 -2.88
N ASN E 50 -6.28 -19.65 -4.02
CA ASN E 50 -7.67 -19.85 -4.28
C ASN E 50 -7.86 -20.20 -5.71
N ASN E 51 -8.38 -21.39 -5.98
CA ASN E 51 -8.63 -21.89 -7.35
C ASN E 51 -7.38 -21.75 -8.21
N LYS E 52 -6.27 -22.23 -7.64
CA LYS E 52 -4.95 -22.24 -8.26
C LYS E 52 -4.30 -20.85 -8.48
N GLU E 53 -4.71 -19.84 -7.72
CA GLU E 53 -4.14 -18.51 -7.87
C GLU E 53 -3.58 -17.90 -6.58
N PRO E 54 -2.40 -17.26 -6.66
CA PRO E 54 -1.90 -16.46 -5.54
C PRO E 54 -2.86 -15.31 -5.14
N ILE E 55 -3.12 -15.17 -3.85
CA ILE E 55 -3.96 -14.10 -3.34
C ILE E 55 -3.13 -13.24 -2.43
N LEU E 56 -2.30 -13.91 -1.64
CA LEU E 56 -1.45 -13.26 -0.65
C LEU E 56 -0.03 -13.81 -0.62
N ASN E 57 0.92 -12.98 -0.22
CA ASN E 57 2.29 -13.41 0.06
C ASN E 57 2.91 -12.55 1.18
N PRO E 61 10.63 -13.00 -0.70
CA PRO E 61 11.56 -14.13 -0.84
C PRO E 61 11.13 -14.99 -2.00
N TYR E 62 12.05 -15.54 -2.79
CA TYR E 62 11.62 -16.60 -3.69
C TYR E 62 12.40 -17.89 -3.39
N ARG E 63 12.81 -18.00 -2.12
CA ARG E 63 13.31 -19.27 -1.60
C ARG E 63 12.10 -20.19 -1.44
N PHE E 64 10.99 -19.60 -1.02
CA PHE E 64 9.73 -20.34 -0.89
C PHE E 64 8.89 -20.17 -2.15
N SER E 65 8.64 -21.28 -2.83
CA SER E 65 7.94 -21.29 -4.12
C SER E 65 6.79 -22.27 -4.08
N PRO E 66 5.59 -21.79 -3.71
CA PRO E 66 4.41 -22.65 -3.66
C PRO E 66 4.01 -23.08 -5.06
N LYS E 67 3.54 -24.31 -5.18
CA LYS E 67 3.10 -24.87 -6.46
C LYS E 67 1.70 -25.42 -6.26
N SER E 68 0.82 -25.21 -7.23
CA SER E 68 -0.55 -25.68 -7.12
C SER E 68 -1.02 -26.30 -8.44
N PRO E 69 -0.63 -27.52 -8.69
CA PRO E 69 -0.95 -28.29 -9.88
C PRO E 69 -2.44 -28.37 -10.11
N ASP E 70 -3.18 -28.42 -9.03
CA ASP E 70 -4.62 -28.48 -9.07
C ASP E 70 -5.17 -27.90 -7.79
N LYS E 71 -6.45 -27.91 -7.65
CA LYS E 71 -7.07 -27.33 -6.48
C LYS E 71 -7.01 -28.11 -5.20
N ALA E 72 -6.75 -29.40 -5.27
CA ALA E 72 -6.69 -30.19 -4.04
C ALA E 72 -5.29 -30.24 -3.40
N HIS E 73 -4.28 -29.77 -4.12
CA HIS E 73 -2.91 -29.81 -3.65
C HIS E 73 -2.28 -28.42 -3.67
N LEU E 74 -1.69 -28.02 -2.55
CA LEU E 74 -0.84 -26.84 -2.52
C LEU E 74 0.49 -27.25 -1.90
N ASN E 75 1.52 -27.32 -2.74
CA ASN E 75 2.81 -27.84 -2.30
C ASN E 75 3.83 -26.71 -2.12
N LEU E 76 4.70 -26.87 -1.13
CA LEU E 76 5.70 -25.86 -0.76
C LEU E 76 7.09 -26.36 -1.11
N HIS E 77 7.74 -25.69 -2.06
CA HIS E 77 9.07 -26.09 -2.48
C HIS E 77 10.07 -25.04 -1.99
N ILE E 78 10.94 -25.46 -1.06
CA ILE E 78 11.87 -24.54 -0.39
C ILE E 78 13.31 -24.73 -0.86
N LYS E 79 14.00 -23.62 -1.10
CA LYS E 79 15.38 -23.64 -1.57
C LYS E 79 16.30 -22.93 -0.57
N SER E 80 17.57 -23.33 -0.55
CA SER E 80 18.60 -22.71 0.31
C SER E 80 18.20 -22.59 1.78
N LEU E 81 17.91 -23.73 2.42
CA LEU E 81 17.52 -23.74 3.81
C LEU E 81 18.46 -22.96 4.75
N GLU E 82 17.88 -22.17 5.65
CA GLU E 82 18.64 -21.43 6.66
C GLU E 82 18.08 -21.76 8.05
N LEU E 83 18.74 -21.27 9.11
CA LEU E 83 18.35 -21.64 10.48
C LEU E 83 16.99 -21.08 10.87
N GLY E 84 16.61 -19.97 10.26
CA GLY E 84 15.34 -19.35 10.59
C GLY E 84 14.15 -20.14 10.05
N ASP E 85 14.41 -21.07 9.13
CA ASP E 85 13.34 -21.85 8.53
C ASP E 85 12.82 -22.96 9.44
N SER E 86 13.32 -23.05 10.65
CA SER E 86 12.87 -24.09 11.53
C SER E 86 11.60 -23.74 12.24
N ALA E 87 10.55 -24.50 11.94
CA ALA E 87 9.23 -24.33 12.49
C ALA E 87 8.37 -25.47 12.14
N VAL E 88 7.16 -25.42 12.62
CA VAL E 88 6.19 -26.39 12.21
C VAL E 88 5.43 -25.67 11.15
N TYR E 89 5.26 -26.30 10.01
CA TYR E 89 4.54 -25.72 8.90
C TYR E 89 3.20 -26.39 8.86
N PHE E 90 2.15 -25.58 9.01
CA PHE E 90 0.78 -26.08 8.95
C PHE E 90 0.16 -25.70 7.63
N CYS E 91 -0.51 -26.66 7.02
CA CYS E 91 -1.26 -26.38 5.82
C CYS E 91 -2.74 -26.35 6.16
N ALA E 92 -3.47 -25.46 5.51
CA ALA E 92 -4.89 -25.32 5.83
C ALA E 92 -5.68 -25.14 4.56
N SER E 93 -7.01 -25.29 4.66
CA SER E 93 -7.94 -25.00 3.54
C SER E 93 -9.32 -24.50 3.98
N SER E 94 -10.00 -23.78 3.08
CA SER E 94 -11.37 -23.26 3.29
C SER E 94 -12.26 -23.58 2.12
N GLN E 95 -13.56 -23.67 2.38
CA GLN E 95 -14.55 -23.90 1.32
C GLN E 95 -14.35 -22.84 0.26
N ASP E 96 -14.22 -21.61 0.69
CA ASP E 96 -14.04 -20.48 -0.22
C ASP E 96 -13.33 -19.33 0.51
N LEU E 97 -12.73 -18.42 -0.23
CA LEU E 97 -12.49 -17.09 0.33
C LEU E 97 -13.83 -16.38 0.46
N GLY E 98 -14.04 -15.69 1.58
CA GLY E 98 -15.31 -14.98 1.68
C GLY E 98 -15.45 -13.87 0.66
N ALA E 99 -16.68 -13.49 0.42
CA ALA E 99 -16.93 -12.29 -0.30
C ALA E 99 -17.87 -11.48 0.57
N GLY E 100 -17.71 -11.59 1.88
CA GLY E 100 -18.51 -10.93 2.89
C GLY E 100 -18.80 -11.87 4.04
N GLU E 101 -19.15 -13.09 3.72
CA GLU E 101 -19.35 -14.07 4.77
C GLU E 101 -18.04 -14.77 5.04
N VAL E 102 -17.93 -15.51 6.12
CA VAL E 102 -16.62 -16.10 6.41
C VAL E 102 -16.65 -17.61 6.61
N TYR E 103 -15.52 -18.23 6.29
CA TYR E 103 -15.37 -19.68 6.32
C TYR E 103 -14.27 -20.11 7.29
N GLU E 104 -14.63 -21.06 8.14
CA GLU E 104 -13.67 -21.69 9.05
C GLU E 104 -12.59 -22.36 8.22
N GLN E 105 -11.39 -22.44 8.79
CA GLN E 105 -10.28 -23.10 8.11
C GLN E 105 -10.07 -24.48 8.74
N TYR E 106 -9.70 -25.47 7.92
CA TYR E 106 -9.33 -26.76 8.47
C TYR E 106 -7.82 -26.91 8.35
N PHE E 107 -7.20 -27.42 9.40
CA PHE E 107 -5.75 -27.48 9.45
C PHE E 107 -5.21 -28.91 9.31
N GLY E 108 -4.07 -29.03 8.62
CA GLY E 108 -3.32 -30.27 8.58
C GLY E 108 -2.53 -30.50 9.87
N PRO E 109 -1.86 -31.67 9.99
CA PRO E 109 -1.19 -32.09 11.23
C PRO E 109 0.17 -31.44 11.42
N GLY E 110 0.64 -30.72 10.40
CA GLY E 110 1.90 -30.02 10.47
C GLY E 110 3.10 -30.80 9.96
N THR E 111 4.14 -30.08 9.60
CA THR E 111 5.40 -30.73 9.35
C THR E 111 6.41 -30.07 10.25
N ARG E 112 7.03 -30.83 11.13
CA ARG E 112 8.03 -30.25 12.01
C ARG E 112 9.39 -30.33 11.32
N LEU E 113 9.92 -29.17 10.97
CA LEU E 113 11.18 -29.07 10.23
C LEU E 113 12.28 -28.46 11.08
N THR E 114 13.38 -29.19 11.27
CA THR E 114 14.57 -28.65 11.94
C THR E 114 15.74 -28.59 10.94
N VAL E 115 16.38 -27.44 10.82
CA VAL E 115 17.59 -27.33 9.99
C VAL E 115 18.83 -27.18 10.86
N ILE E 116 19.86 -27.93 10.50
CA ILE E 116 21.11 -27.96 11.25
C ILE E 116 22.36 -27.54 10.49
N GLU E 117 23.28 -26.92 11.21
CA GLU E 117 24.51 -26.45 10.62
C GLU E 117 25.29 -27.60 10.09
N ASP E 118 25.19 -28.73 10.78
CA ASP E 118 25.79 -30.00 10.37
C ASP E 118 25.19 -31.14 11.19
N LEU E 119 25.14 -32.37 10.69
CA LEU E 119 24.50 -33.46 11.46
C LEU E 119 25.10 -33.89 12.78
N LYS E 120 26.30 -33.45 13.04
CA LYS E 120 27.00 -33.85 14.27
C LYS E 120 26.28 -33.63 15.55
N LYS E 121 25.30 -32.75 15.56
CA LYS E 121 24.44 -32.59 16.73
C LYS E 121 23.25 -33.55 16.88
N VAL E 122 22.90 -34.30 15.85
CA VAL E 122 21.79 -35.24 15.90
C VAL E 122 22.11 -36.53 16.64
N PHE E 123 21.39 -36.79 17.71
CA PHE E 123 21.63 -37.94 18.58
C PHE E 123 20.36 -38.74 18.83
N PRO E 124 20.42 -40.07 18.64
CA PRO E 124 19.25 -40.87 19.00
C PRO E 124 19.07 -40.88 20.52
N PRO E 125 17.86 -41.16 21.00
CA PRO E 125 17.66 -41.15 22.46
C PRO E 125 18.21 -42.40 23.14
N LYS E 126 18.59 -42.29 24.41
CA LYS E 126 18.74 -43.45 25.29
C LYS E 126 17.41 -43.56 26.05
N VAL E 127 16.92 -44.78 26.22
CA VAL E 127 15.61 -44.98 26.82
C VAL E 127 15.72 -45.92 27.99
N ALA E 128 15.12 -45.57 29.12
CA ALA E 128 15.20 -46.42 30.30
C ALA E 128 13.84 -46.57 30.96
N VAL E 129 13.62 -47.69 31.64
CA VAL E 129 12.37 -47.89 32.37
C VAL E 129 12.65 -47.89 33.86
N PHE E 130 11.72 -47.37 34.65
CA PHE E 130 11.88 -47.30 36.09
C PHE E 130 10.69 -47.99 36.73
N GLU E 131 10.93 -49.19 37.25
CA GLU E 131 9.89 -50.05 37.80
C GLU E 131 9.21 -49.40 39.01
N PRO E 132 7.99 -49.85 39.35
CA PRO E 132 7.23 -49.23 40.44
C PRO E 132 7.95 -49.38 41.75
N SER E 133 7.68 -48.48 42.68
CA SER E 133 8.27 -48.59 43.98
C SER E 133 7.34 -49.52 44.73
N GLU E 134 7.89 -50.44 45.47
CA GLU E 134 7.08 -51.39 46.21
C GLU E 134 6.41 -50.66 47.37
N ALA E 135 6.93 -49.47 47.68
CA ALA E 135 6.36 -48.61 48.71
C ALA E 135 4.92 -48.16 48.40
N GLU E 136 4.64 -47.77 47.15
CA GLU E 136 3.30 -47.28 46.88
C GLU E 136 2.30 -48.42 46.69
N ILE E 137 2.78 -49.57 46.21
CA ILE E 137 1.94 -50.76 46.12
C ILE E 137 1.38 -51.11 47.51
N SER E 138 2.14 -50.79 48.54
CA SER E 138 1.64 -50.95 49.89
C SER E 138 0.49 -49.96 50.09
N HIS E 139 0.82 -48.69 49.91
CA HIS E 139 -0.08 -47.59 50.24
C HIS E 139 -1.28 -47.45 49.29
N THR E 140 -1.18 -48.00 48.08
CA THR E 140 -2.25 -47.78 47.09
C THR E 140 -2.85 -48.89 46.29
N GLN E 141 -2.12 -50.00 46.18
CA GLN E 141 -2.45 -51.21 45.39
C GLN E 141 -2.35 -50.98 43.87
N LYS E 142 -1.86 -49.80 43.48
CA LYS E 142 -1.63 -49.46 42.08
C LYS E 142 -0.11 -49.38 41.82
N ALA E 143 0.30 -49.56 40.56
CA ALA E 143 1.72 -49.57 40.24
C ALA E 143 2.05 -48.62 39.09
N THR E 144 3.05 -47.75 39.30
CA THR E 144 3.39 -46.70 38.35
C THR E 144 4.79 -46.92 37.75
N LEU E 145 4.86 -47.04 36.43
CA LEU E 145 6.15 -47.14 35.73
C LEU E 145 6.50 -45.80 35.09
N VAL E 146 7.72 -45.32 35.24
CA VAL E 146 8.12 -44.09 34.57
C VAL E 146 9.05 -44.47 33.44
N CYS E 147 8.89 -43.85 32.26
CA CYS E 147 9.88 -44.00 31.18
C CYS E 147 10.65 -42.72 30.88
N LEU E 148 11.98 -42.77 30.89
CA LEU E 148 12.78 -41.60 30.50
C LEU E 148 13.51 -41.80 29.17
N ALA E 149 13.24 -40.90 28.22
CA ALA E 149 13.99 -40.81 26.97
C ALA E 149 14.87 -39.59 27.03
N THR E 150 16.19 -39.77 27.02
CA THR E 150 17.07 -38.66 27.28
C THR E 150 18.13 -38.47 26.21
N GLY E 151 18.70 -37.27 26.18
CA GLY E 151 19.88 -36.97 25.40
C GLY E 151 19.74 -37.05 23.90
N PHE E 152 18.55 -36.76 23.37
CA PHE E 152 18.36 -36.84 21.93
C PHE E 152 18.23 -35.46 21.29
N TYR E 153 18.52 -35.43 19.99
CA TYR E 153 18.38 -34.23 19.19
C TYR E 153 18.24 -34.65 17.74
N PRO E 154 17.25 -34.09 17.01
CA PRO E 154 16.31 -33.05 17.46
C PRO E 154 15.17 -33.57 18.32
N ASP E 155 14.20 -32.74 18.64
CA ASP E 155 13.08 -33.18 19.44
C ASP E 155 11.99 -33.87 18.66
N HIS E 156 12.38 -34.70 17.70
CA HIS E 156 11.42 -35.41 16.92
C HIS E 156 11.24 -36.84 17.46
N VAL E 157 10.35 -37.02 18.42
CA VAL E 157 10.13 -38.31 19.07
C VAL E 157 8.65 -38.57 19.38
N GLU E 158 8.27 -39.84 19.30
CA GLU E 158 6.95 -40.29 19.69
C GLU E 158 7.11 -41.41 20.68
N LEU E 159 6.56 -41.24 21.86
CA LEU E 159 6.67 -42.26 22.88
C LEU E 159 5.38 -43.06 22.91
N SER E 160 5.50 -44.36 23.11
CA SER E 160 4.33 -45.23 23.17
C SER E 160 4.55 -46.41 24.11
N TRP E 161 3.47 -46.84 24.76
CA TRP E 161 3.54 -47.99 25.66
C TRP E 161 2.95 -49.25 25.05
N TRP E 162 3.64 -50.36 25.27
CA TRP E 162 3.23 -51.66 24.77
C TRP E 162 3.14 -52.64 25.92
N VAL E 163 1.99 -53.29 26.04
CA VAL E 163 1.81 -54.32 27.05
C VAL E 163 1.48 -55.64 26.38
N ASN E 164 2.30 -56.66 26.63
CA ASN E 164 2.15 -57.97 25.99
C ASN E 164 2.08 -57.85 24.47
N GLY E 165 2.97 -57.05 23.89
CA GLY E 165 3.07 -56.89 22.46
C GLY E 165 2.12 -55.91 21.77
N LYS E 166 1.08 -55.43 22.45
CA LYS E 166 0.15 -54.46 21.85
C LYS E 166 0.14 -53.09 22.57
N GLU E 167 -0.11 -52.02 21.82
CA GLU E 167 -0.08 -50.63 22.33
C GLU E 167 -1.29 -50.19 23.17
N VAL E 168 -0.99 -49.63 24.34
CA VAL E 168 -1.99 -49.22 25.32
C VAL E 168 -2.03 -47.68 25.42
N HIS E 169 -3.24 -47.13 25.54
CA HIS E 169 -3.48 -45.69 25.78
C HIS E 169 -4.06 -45.45 27.17
N SER E 170 -4.25 -46.54 27.90
CA SER E 170 -4.87 -46.55 29.22
C SER E 170 -3.91 -46.40 30.38
N GLY E 171 -4.24 -45.58 31.37
CA GLY E 171 -3.28 -45.41 32.45
C GLY E 171 -2.01 -44.70 32.03
N VAL E 172 -2.11 -43.96 30.93
CA VAL E 172 -0.90 -43.33 30.39
C VAL E 172 -0.98 -41.80 30.39
N CYS E 173 0.11 -41.21 30.85
CA CYS E 173 0.32 -39.77 30.78
C CYS E 173 1.70 -39.44 30.29
N THR E 174 1.79 -38.90 29.08
CA THR E 174 3.07 -38.52 28.48
C THR E 174 3.15 -36.99 28.50
N ASP E 175 4.36 -36.47 28.66
CA ASP E 175 4.58 -35.04 28.55
C ASP E 175 4.14 -34.53 27.17
N PRO E 176 3.48 -33.36 27.14
CA PRO E 176 2.99 -32.87 25.84
C PRO E 176 4.12 -32.70 24.82
N GLN E 177 5.25 -32.17 25.25
CA GLN E 177 6.39 -31.92 24.36
C GLN E 177 7.69 -32.23 25.09
N PRO E 178 8.72 -32.58 24.33
CA PRO E 178 10.06 -32.75 24.89
C PRO E 178 10.62 -31.41 25.36
N LEU E 179 11.48 -31.44 26.38
CA LEU E 179 12.06 -30.23 26.93
C LEU E 179 13.58 -30.27 26.90
N LYS E 180 14.17 -29.11 26.66
CA LYS E 180 15.62 -28.96 26.62
C LYS E 180 16.19 -29.33 28.00
N GLU E 181 17.20 -30.21 27.99
CA GLU E 181 17.84 -30.68 29.21
C GLU E 181 18.45 -29.53 29.97
N GLN E 182 18.95 -28.58 29.19
CA GLN E 182 19.57 -27.37 29.67
C GLN E 182 19.10 -26.24 28.79
N PRO E 183 17.98 -25.62 29.17
CA PRO E 183 17.29 -24.62 28.34
C PRO E 183 18.10 -23.36 27.96
N ALA E 184 19.24 -23.11 28.62
CA ALA E 184 20.00 -21.89 28.32
C ALA E 184 21.12 -22.09 27.29
N LEU E 185 21.32 -23.32 26.82
CA LEU E 185 22.41 -23.60 25.87
C LEU E 185 21.90 -23.76 24.43
N GLU E 186 22.75 -23.45 23.46
CA GLU E 186 22.38 -23.62 22.07
C GLU E 186 22.41 -25.09 21.64
N ASP E 187 23.37 -25.88 22.13
CA ASP E 187 23.48 -27.28 21.67
C ASP E 187 22.92 -28.29 22.66
N SER E 188 22.00 -27.88 23.53
CA SER E 188 21.33 -28.82 24.44
C SER E 188 20.55 -29.89 23.69
N ARG E 189 20.42 -31.03 24.33
CA ARG E 189 19.55 -32.09 23.87
C ARG E 189 18.25 -32.12 24.62
N TYR E 190 17.37 -32.99 24.19
CA TYR E 190 16.04 -32.99 24.73
C TYR E 190 15.81 -34.23 25.57
N CYS E 191 14.91 -34.11 26.54
CA CYS E 191 14.46 -35.26 27.31
C CYS E 191 12.95 -35.36 27.22
N LEU E 192 12.41 -36.55 27.45
CA LEU E 192 10.96 -36.75 27.45
C LEU E 192 10.59 -37.76 28.53
N SER E 193 9.50 -37.52 29.25
CA SER E 193 9.10 -38.44 30.30
C SER E 193 7.67 -38.94 30.14
N SER E 194 7.38 -40.13 30.65
CA SER E 194 6.02 -40.66 30.62
C SER E 194 5.76 -41.66 31.74
N ARG E 195 4.51 -41.84 32.14
CA ARG E 195 4.25 -42.87 33.13
C ARG E 195 3.01 -43.72 32.84
N LEU E 196 3.10 -45.01 33.16
CA LEU E 196 2.00 -45.95 33.01
C LEU E 196 1.61 -46.54 34.37
N ARG E 197 0.31 -46.52 34.64
CA ARG E 197 -0.22 -47.01 35.91
C ARG E 197 -1.33 -48.05 35.76
N VAL E 198 -1.08 -49.23 36.35
CA VAL E 198 -1.99 -50.36 36.34
C VAL E 198 -2.30 -50.69 37.80
N SER E 199 -3.13 -51.70 38.06
CA SER E 199 -3.31 -52.10 39.46
C SER E 199 -2.27 -53.19 39.78
N ALA E 200 -1.97 -53.40 41.06
CA ALA E 200 -0.81 -54.19 41.48
C ALA E 200 -0.88 -55.66 41.04
N THR E 201 -2.09 -56.20 40.99
CA THR E 201 -2.31 -57.58 40.57
C THR E 201 -1.86 -57.77 39.13
N PHE E 202 -2.06 -56.75 38.32
CA PHE E 202 -1.63 -56.82 36.95
C PHE E 202 -0.11 -56.87 36.87
N TRP E 203 0.52 -56.08 37.73
CA TRP E 203 1.97 -55.96 37.74
C TRP E 203 2.73 -57.13 38.37
N HIS E 204 2.19 -57.77 39.41
CA HIS E 204 2.93 -58.84 40.11
C HIS E 204 3.01 -60.15 39.30
N ASN E 205 2.35 -60.16 38.15
CA ASN E 205 2.32 -61.32 37.25
C ASN E 205 3.49 -61.34 36.29
N PRO E 206 4.35 -62.36 36.39
CA PRO E 206 5.62 -62.37 35.65
C PRO E 206 5.51 -62.56 34.15
N ARG E 207 4.30 -62.72 33.66
CA ARG E 207 4.05 -62.87 32.26
C ARG E 207 3.63 -61.55 31.57
N ASN E 208 3.25 -60.55 32.34
CA ASN E 208 2.88 -59.25 31.80
C ASN E 208 4.18 -58.55 31.47
N HIS E 209 4.31 -58.19 30.20
CA HIS E 209 5.55 -57.66 29.65
C HIS E 209 5.36 -56.21 29.20
N PHE E 210 6.18 -55.34 29.78
CA PHE E 210 6.10 -53.90 29.54
C PHE E 210 7.28 -53.39 28.71
N ARG E 211 6.96 -52.60 27.70
CA ARG E 211 7.95 -52.03 26.82
C ARG E 211 7.63 -50.56 26.56
N CYS E 212 8.57 -49.67 26.85
CA CYS E 212 8.45 -48.26 26.49
C CYS E 212 9.15 -48.05 25.17
N GLN E 213 8.48 -47.41 24.22
CA GLN E 213 9.05 -47.31 22.89
C GLN E 213 9.05 -45.90 22.40
N VAL E 214 10.23 -45.43 22.04
CA VAL E 214 10.36 -44.15 21.40
C VAL E 214 10.77 -44.36 19.95
N GLN E 215 9.96 -43.78 19.08
CA GLN E 215 10.25 -43.70 17.67
C GLN E 215 11.05 -42.43 17.41
N PHE E 216 12.27 -42.56 16.94
CA PHE E 216 13.09 -41.38 16.71
C PHE E 216 13.14 -41.10 15.21
N TYR E 217 12.92 -39.88 14.82
CA TYR E 217 13.02 -39.56 13.44
C TYR E 217 14.27 -38.78 13.29
N GLY E 218 15.19 -39.34 12.53
CA GLY E 218 16.46 -38.70 12.30
C GLY E 218 16.86 -38.54 10.85
N LEU E 219 18.07 -38.94 10.54
CA LEU E 219 18.65 -38.80 9.21
C LEU E 219 18.19 -39.61 8.00
N SER E 220 18.19 -38.96 6.84
CA SER E 220 17.97 -39.55 5.53
C SER E 220 19.11 -40.50 5.16
N TRP E 225 28.99 -39.05 6.70
CA TRP E 225 29.10 -39.41 8.10
C TRP E 225 30.29 -40.30 8.37
N THR E 226 31.44 -39.69 8.41
CA THR E 226 32.68 -40.40 8.64
C THR E 226 32.85 -41.10 9.99
N GLU E 227 32.29 -40.55 11.06
CA GLU E 227 32.42 -41.08 12.41
C GLU E 227 32.20 -42.57 12.69
N ASP E 228 32.89 -43.04 13.72
CA ASP E 228 32.82 -44.41 14.18
C ASP E 228 31.46 -44.73 14.79
N ARG E 229 30.85 -43.74 15.46
CA ARG E 229 29.50 -43.94 16.02
C ARG E 229 28.56 -44.09 14.82
N ASP E 230 27.59 -44.96 14.90
CA ASP E 230 26.73 -45.10 13.76
C ASP E 230 25.84 -43.88 13.63
N LYS E 231 25.53 -43.49 12.41
CA LYS E 231 24.66 -42.34 12.27
C LYS E 231 23.20 -42.59 12.65
N PRO E 232 22.54 -41.55 13.13
CA PRO E 232 21.16 -41.49 13.60
C PRO E 232 20.20 -41.35 12.48
N ILE E 233 19.75 -42.49 11.96
CA ILE E 233 18.82 -42.54 10.87
C ILE E 233 17.56 -42.80 11.65
N THR E 234 16.40 -42.60 11.04
CA THR E 234 15.14 -42.88 11.70
C THR E 234 15.18 -44.29 12.29
N GLN E 235 14.69 -44.44 13.52
CA GLN E 235 14.77 -45.72 14.22
C GLN E 235 13.87 -45.80 15.45
N LYS E 236 13.63 -47.02 15.93
CA LYS E 236 12.93 -47.18 17.20
C LYS E 236 13.91 -47.63 18.28
N ILE E 237 13.73 -47.10 19.49
CA ILE E 237 14.54 -47.48 20.62
C ILE E 237 13.58 -47.79 21.76
N SER E 238 13.82 -48.88 22.47
CA SER E 238 12.92 -49.36 23.52
C SER E 238 13.66 -49.90 24.74
N ALA E 239 12.97 -49.86 25.88
CA ALA E 239 13.47 -50.46 27.11
C ALA E 239 12.31 -51.22 27.74
N GLU E 240 12.62 -52.26 28.52
CA GLU E 240 11.60 -53.23 28.93
C GLU E 240 11.71 -53.66 30.39
N ALA E 241 10.63 -54.24 30.91
CA ALA E 241 10.60 -54.87 32.22
C ALA E 241 9.51 -55.96 32.28
N TRP E 242 9.70 -57.00 33.09
CA TRP E 242 8.67 -58.01 33.27
C TRP E 242 8.11 -57.83 34.66
N GLY E 243 6.92 -58.38 34.92
CA GLY E 243 6.37 -58.32 36.26
C GLY E 243 7.26 -58.98 37.31
N ARG E 244 7.16 -58.52 38.54
CA ARG E 244 7.94 -59.04 39.65
C ARG E 244 7.12 -59.18 40.91
N ALA E 245 7.79 -59.47 42.03
CA ALA E 245 7.15 -59.64 43.36
C ALA E 245 6.00 -60.67 43.37
N GLY F 1 20.62 20.50 25.99
CA GLY F 1 21.39 21.67 25.59
C GLY F 1 21.65 21.71 24.10
N SER F 2 22.45 20.76 23.62
CA SER F 2 22.73 20.63 22.20
C SER F 2 22.20 19.27 21.77
N HIS F 3 21.56 19.20 20.60
CA HIS F 3 21.01 17.94 20.09
C HIS F 3 21.51 17.60 18.70
N SER F 4 21.39 16.33 18.32
CA SER F 4 21.94 15.91 17.05
C SER F 4 21.13 14.81 16.39
N LEU F 5 21.12 14.89 15.05
CA LEU F 5 20.50 13.88 14.20
C LEU F 5 21.63 13.32 13.35
N ARG F 6 21.86 12.01 13.45
CA ARG F 6 22.97 11.35 12.75
C ARG F 6 22.49 10.10 12.06
N TYR F 7 22.99 9.91 10.83
CA TYR F 7 22.73 8.68 10.07
C TYR F 7 24.06 8.01 9.76
N PHE F 8 24.12 6.70 9.85
CA PHE F 8 25.37 5.98 9.68
C PHE F 8 25.22 4.85 8.70
N GLY F 9 26.24 4.62 7.88
CA GLY F 9 26.14 3.50 6.97
C GLY F 9 27.35 2.61 6.88
N THR F 10 27.11 1.31 6.81
CA THR F 10 28.17 0.35 6.59
C THR F 10 27.86 -0.45 5.36
N ALA F 11 28.73 -0.32 4.37
CA ALA F 11 28.65 -1.14 3.17
C ALA F 11 29.88 -2.01 3.17
N VAL F 12 29.68 -3.32 3.12
CA VAL F 12 30.81 -4.25 3.17
C VAL F 12 30.80 -5.14 1.96
N SER F 13 31.85 -5.00 1.15
CA SER F 13 32.02 -5.78 -0.07
C SER F 13 32.21 -7.24 0.29
N ARG F 14 31.52 -8.13 -0.41
CA ARG F 14 31.69 -9.54 -0.12
C ARG F 14 32.04 -10.33 -1.38
N PRO F 15 33.32 -10.37 -1.71
CA PRO F 15 33.80 -11.05 -2.91
C PRO F 15 33.50 -12.52 -2.90
N GLY F 16 33.73 -13.15 -1.76
CA GLY F 16 33.47 -14.56 -1.63
C GLY F 16 32.05 -15.06 -1.69
N ARG F 17 31.13 -14.37 -1.03
CA ARG F 17 29.76 -14.84 -0.93
C ARG F 17 28.64 -14.28 -1.81
N GLY F 18 28.95 -13.33 -2.66
CA GLY F 18 27.95 -12.74 -3.52
C GLY F 18 27.86 -11.24 -3.42
N GLU F 19 26.63 -10.74 -3.40
CA GLU F 19 26.36 -9.32 -3.29
C GLU F 19 26.70 -8.79 -1.90
N PRO F 20 26.91 -7.49 -1.81
CA PRO F 20 27.34 -6.89 -0.55
C PRO F 20 26.23 -6.72 0.49
N ARG F 21 26.61 -6.19 1.65
CA ARG F 21 25.69 -6.00 2.76
C ARG F 21 25.69 -4.55 3.17
N PHE F 22 24.48 -4.00 3.26
CA PHE F 22 24.25 -2.62 3.64
C PHE F 22 23.49 -2.51 4.97
N ILE F 23 24.09 -1.85 5.96
CA ILE F 23 23.44 -1.65 7.23
C ILE F 23 23.37 -0.17 7.58
N TYR F 24 22.15 0.32 7.75
CA TYR F 24 21.88 1.74 8.02
C TYR F 24 21.19 1.91 9.35
N VAL F 25 21.64 2.89 10.12
CA VAL F 25 21.05 3.18 11.40
C VAL F 25 20.90 4.68 11.57
N GLY F 26 19.90 5.11 12.36
CA GLY F 26 19.70 6.51 12.62
C GLY F 26 19.51 6.83 14.09
N TYR F 27 20.13 7.93 14.51
CA TYR F 27 20.19 8.37 15.90
C TYR F 27 19.72 9.80 16.12
N VAL F 28 18.99 10.03 17.23
CA VAL F 28 18.81 11.38 17.77
C VAL F 28 19.53 11.35 19.10
N ASP F 29 20.59 12.09 19.20
CA ASP F 29 21.38 12.03 20.37
C ASP F 29 21.93 10.64 20.54
N ASP F 30 21.68 9.99 21.65
CA ASP F 30 22.21 8.66 21.88
C ASP F 30 21.13 7.58 21.75
N THR F 31 20.03 7.93 21.09
CA THR F 31 18.90 7.00 20.97
C THR F 31 18.71 6.58 19.51
N GLN F 32 18.96 5.31 19.22
CA GLN F 32 18.79 4.82 17.88
C GLN F 32 17.32 4.72 17.62
N PHE F 33 16.84 5.29 16.52
CA PHE F 33 15.38 5.25 16.28
C PHE F 33 14.94 4.55 15.01
N VAL F 34 15.89 4.30 14.12
CA VAL F 34 15.58 3.73 12.83
C VAL F 34 16.70 2.85 12.31
N ARG F 35 16.37 1.81 11.55
CA ARG F 35 17.39 0.96 10.96
C ARG F 35 16.98 0.34 9.61
N PHE F 36 17.97 0.03 8.78
CA PHE F 36 17.75 -0.68 7.51
C PHE F 36 18.87 -1.71 7.27
N ASP F 37 18.48 -2.96 6.97
CA ASP F 37 19.41 -4.07 6.68
C ASP F 37 19.06 -4.65 5.32
N SER F 38 20.00 -4.58 4.38
CA SER F 38 19.73 -4.98 3.00
C SER F 38 19.60 -6.50 2.86
N ASP F 39 20.04 -7.25 3.87
CA ASP F 39 19.91 -8.71 3.88
C ASP F 39 18.72 -9.18 4.70
N ALA F 40 17.54 -9.09 4.10
CA ALA F 40 16.34 -9.55 4.75
C ALA F 40 15.37 -9.91 3.66
N ALA F 41 14.32 -10.62 4.03
CA ALA F 41 13.34 -11.07 3.07
C ALA F 41 12.83 -9.86 2.28
N SER F 42 12.72 -8.74 3.00
CA SER F 42 11.90 -7.60 2.60
C SER F 42 12.51 -6.28 3.05
N PRO F 43 13.72 -5.95 2.56
CA PRO F 43 14.41 -4.79 3.13
C PRO F 43 13.51 -3.54 3.18
N ARG F 44 13.27 -3.05 4.39
N ARG F 44 13.19 -3.09 4.39
CA ARG F 44 12.43 -1.90 4.62
CA ARG F 44 12.39 -1.88 4.62
C ARG F 44 13.00 -1.15 5.81
C ARG F 44 13.00 -1.16 5.80
N THR F 45 12.87 0.15 5.83
CA THR F 45 13.31 0.94 6.96
C THR F 45 12.37 0.70 8.14
N GLU F 46 12.92 0.21 9.25
CA GLU F 46 12.12 -0.15 10.41
C GLU F 46 12.34 0.78 11.61
N PRO F 47 11.29 0.95 12.42
CA PRO F 47 11.33 1.69 13.69
C PRO F 47 12.12 0.96 14.78
N ARG F 48 12.83 1.74 15.58
CA ARG F 48 13.58 1.23 16.73
C ARG F 48 13.41 2.12 17.97
N ALA F 49 12.48 3.08 17.90
CA ALA F 49 12.07 3.87 19.06
C ALA F 49 10.60 4.32 18.93
N PRO F 50 9.81 4.25 20.01
CA PRO F 50 8.36 4.55 19.99
C PRO F 50 7.97 5.94 19.47
N TRP F 51 8.80 6.96 19.67
CA TRP F 51 8.41 8.31 19.26
C TRP F 51 8.48 8.50 17.75
N VAL F 52 8.93 7.46 17.03
CA VAL F 52 8.90 7.52 15.58
C VAL F 52 7.92 6.49 15.00
N GLU F 53 7.56 5.48 15.77
CA GLU F 53 6.68 4.45 15.25
C GLU F 53 5.30 5.02 14.93
N GLN F 54 4.91 6.06 15.65
CA GLN F 54 3.66 6.75 15.38
C GLN F 54 3.60 7.52 14.05
N GLU F 55 4.71 7.62 13.32
CA GLU F 55 4.66 8.30 12.01
C GLU F 55 3.85 7.41 11.07
N GLY F 56 3.21 8.02 10.07
CA GLY F 56 2.31 7.26 9.20
C GLY F 56 2.99 6.42 8.14
N PRO F 57 2.18 5.79 7.28
CA PRO F 57 2.70 4.86 6.26
C PRO F 57 3.51 5.57 5.18
N GLU F 58 3.25 6.86 4.97
CA GLU F 58 3.90 7.60 3.92
C GLU F 58 5.30 8.06 4.32
N TYR F 59 5.54 8.12 5.64
CA TYR F 59 6.88 8.31 6.18
C TYR F 59 7.70 7.06 5.94
N TRP F 60 7.25 5.93 6.45
CA TRP F 60 8.01 4.69 6.28
C TRP F 60 8.24 4.35 4.82
N GLU F 61 7.30 4.70 3.95
CA GLU F 61 7.50 4.45 2.53
C GLU F 61 8.52 5.41 1.89
N GLU F 62 8.67 6.61 2.44
CA GLU F 62 9.62 7.57 1.87
C GLU F 62 11.03 7.29 2.37
N GLU F 63 11.14 6.84 3.62
CA GLU F 63 12.43 6.54 4.19
C GLU F 63 12.97 5.21 3.66
N THR F 64 12.10 4.29 3.27
CA THR F 64 12.58 3.06 2.65
C THR F 64 13.10 3.30 1.22
N ARG F 65 12.42 4.15 0.45
CA ARG F 65 12.92 4.52 -0.88
C ARG F 65 14.29 5.16 -0.69
N ARG F 66 14.37 6.02 0.30
CA ARG F 66 15.59 6.71 0.61
C ARG F 66 16.77 5.73 0.89
N ALA F 67 16.51 4.64 1.59
CA ALA F 67 17.56 3.70 1.92
C ALA F 67 18.01 2.97 0.67
N LYS F 68 17.03 2.47 -0.08
CA LYS F 68 17.29 1.64 -1.24
C LYS F 68 18.00 2.46 -2.28
N ALA F 69 17.64 3.74 -2.37
CA ALA F 69 18.34 4.67 -3.24
C ALA F 69 19.80 4.75 -2.82
N ARG F 70 20.03 4.90 -1.51
CA ARG F 70 21.39 5.06 -0.99
C ARG F 70 22.16 3.75 -1.08
N ALA F 71 21.48 2.61 -0.97
CA ALA F 71 22.18 1.33 -1.14
C ALA F 71 22.65 1.17 -2.58
N GLN F 72 21.88 1.72 -3.51
CA GLN F 72 22.26 1.75 -4.93
C GLN F 72 23.51 2.61 -5.16
N THR F 73 23.62 3.72 -4.44
CA THR F 73 24.82 4.55 -4.53
C THR F 73 26.00 3.81 -3.91
N ASP F 74 25.77 3.22 -2.73
CA ASP F 74 26.83 2.51 -2.01
C ASP F 74 27.32 1.25 -2.75
N ARG F 75 26.46 0.65 -3.56
CA ARG F 75 26.85 -0.52 -4.36
C ARG F 75 27.80 -0.07 -5.48
N ALA F 76 27.53 1.08 -6.07
CA ALA F 76 28.40 1.66 -7.07
C ALA F 76 29.72 2.10 -6.51
N ASP F 77 29.65 2.63 -5.29
CA ASP F 77 30.80 3.25 -4.62
C ASP F 77 31.86 2.19 -4.33
N LEU F 78 31.39 1.00 -4.00
CA LEU F 78 32.30 -0.11 -3.74
C LEU F 78 33.08 -0.47 -4.99
N ARG F 79 32.37 -0.55 -6.11
CA ARG F 79 32.98 -0.88 -7.37
C ARG F 79 33.86 0.29 -7.82
N THR F 80 33.37 1.50 -7.67
CA THR F 80 34.15 2.66 -8.09
C THR F 80 35.45 2.78 -7.33
N LEU F 81 35.42 2.48 -6.03
CA LEU F 81 36.60 2.70 -5.18
C LEU F 81 37.75 1.73 -5.45
N ARG F 82 37.42 0.49 -5.82
CA ARG F 82 38.47 -0.43 -6.23
C ARG F 82 39.24 0.13 -7.43
N GLY F 83 38.53 0.75 -8.37
CA GLY F 83 39.14 1.42 -9.49
C GLY F 83 40.16 2.44 -8.99
N TYR F 84 39.72 3.40 -8.19
CA TYR F 84 40.60 4.45 -7.67
C TYR F 84 41.85 3.91 -6.95
N TYR F 85 41.67 2.81 -6.22
CA TYR F 85 42.73 2.23 -5.39
C TYR F 85 43.44 1.00 -5.97
N ASN F 86 43.19 0.67 -7.23
CA ASN F 86 43.83 -0.50 -7.86
C ASN F 86 43.65 -1.76 -7.05
N GLN F 87 42.43 -2.25 -6.87
CA GLN F 87 42.28 -3.43 -6.04
C GLN F 87 41.70 -4.66 -6.70
N SER F 88 42.14 -5.82 -6.25
CA SER F 88 41.63 -7.09 -6.76
C SER F 88 40.26 -7.30 -6.12
N GLU F 89 39.39 -8.05 -6.81
CA GLU F 89 38.04 -8.29 -6.31
C GLU F 89 38.06 -9.63 -5.53
N ALA F 90 39.24 -9.95 -5.00
CA ALA F 90 39.39 -11.10 -4.12
C ALA F 90 39.39 -10.62 -2.67
N GLY F 91 39.78 -9.37 -2.44
CA GLY F 91 39.71 -8.83 -1.09
C GLY F 91 38.33 -8.32 -0.74
N SER F 92 38.05 -8.30 0.56
CA SER F 92 36.81 -7.71 1.06
C SER F 92 37.11 -6.31 1.54
N HIS F 93 36.21 -5.38 1.22
CA HIS F 93 36.43 -4.00 1.62
C HIS F 93 35.16 -3.45 2.24
N THR F 94 35.27 -2.38 3.03
CA THR F 94 34.10 -1.86 3.69
C THR F 94 34.04 -0.37 3.52
N LEU F 95 32.84 0.13 3.21
CA LEU F 95 32.61 1.56 3.12
C LEU F 95 31.74 2.06 4.28
N GLN F 96 32.08 3.25 4.78
CA GLN F 96 31.32 3.90 5.86
C GLN F 96 31.09 5.37 5.61
N TRP F 97 29.85 5.82 5.85
CA TRP F 97 29.51 7.24 5.82
C TRP F 97 28.61 7.64 6.99
N MET F 98 28.66 8.92 7.30
CA MET F 98 27.79 9.46 8.33
C MET F 98 27.42 10.87 7.91
N ALA F 99 26.14 11.20 8.02
CA ALA F 99 25.72 12.56 7.77
C ALA F 99 24.73 12.96 8.80
N GLY F 100 24.64 14.26 9.05
CA GLY F 100 23.59 14.75 9.90
C GLY F 100 23.86 16.13 10.41
N CYS F 101 23.01 16.58 11.32
CA CYS F 101 23.10 17.95 11.82
C CYS F 101 23.09 17.95 13.31
N ASP F 102 23.74 18.97 13.85
CA ASP F 102 23.66 19.31 15.25
C ASP F 102 22.85 20.60 15.38
N LEU F 103 21.96 20.62 16.36
CA LEU F 103 21.16 21.79 16.68
C LEU F 103 21.65 22.38 18.00
N GLY F 104 22.06 23.63 17.99
CA GLY F 104 22.60 24.26 19.18
C GLY F 104 21.50 24.69 20.13
N PRO F 105 21.87 25.25 21.29
CA PRO F 105 20.83 25.79 22.19
C PRO F 105 20.29 27.18 21.77
N ASN F 106 20.77 27.71 20.64
CA ASN F 106 20.30 28.98 20.06
C ASN F 106 19.15 28.81 19.06
N GLY F 107 18.82 27.55 18.80
CA GLY F 107 17.80 27.21 17.82
C GLY F 107 18.32 27.17 16.40
N ARG F 108 19.63 27.27 16.23
CA ARG F 108 20.20 27.25 14.88
C ARG F 108 21.13 26.06 14.67
N LEU F 109 21.55 25.90 13.42
CA LEU F 109 22.43 24.81 13.02
C LEU F 109 23.84 25.09 13.53
N LEU F 110 24.29 24.28 14.47
CA LEU F 110 25.59 24.48 15.07
C LEU F 110 26.70 23.92 14.16
N ARG F 111 26.44 22.74 13.61
CA ARG F 111 27.41 22.04 12.77
C ARG F 111 26.71 21.08 11.82
N GLY F 112 27.30 20.90 10.63
CA GLY F 112 26.75 19.96 9.67
C GLY F 112 27.77 18.90 9.36
N TYR F 113 27.32 17.72 8.95
CA TYR F 113 28.20 16.59 8.75
C TYR F 113 27.92 15.82 7.49
N HIS F 114 28.98 15.48 6.77
CA HIS F 114 28.92 14.58 5.61
C HIS F 114 30.33 13.96 5.51
N GLN F 115 30.49 12.71 5.92
CA GLN F 115 31.83 12.09 5.97
C GLN F 115 31.87 10.65 5.47
N SER F 116 33.03 10.28 4.94
CA SER F 116 33.21 8.93 4.43
C SER F 116 34.54 8.30 4.89
N ALA F 117 34.55 6.97 4.90
CA ALA F 117 35.74 6.21 5.21
C ALA F 117 35.84 5.03 4.29
N TYR F 118 37.05 4.69 3.87
CA TYR F 118 37.25 3.47 3.07
C TYR F 118 38.27 2.57 3.77
N ASP F 119 37.86 1.33 4.01
CA ASP F 119 38.67 0.33 4.77
C ASP F 119 39.31 0.91 6.06
N GLY F 120 38.52 1.65 6.82
CA GLY F 120 38.96 2.20 8.10
C GLY F 120 39.69 3.53 8.02
N LYS F 121 39.97 4.02 6.83
CA LYS F 121 40.69 5.28 6.71
C LYS F 121 39.76 6.36 6.18
N ASP F 122 39.96 7.61 6.61
CA ASP F 122 39.13 8.72 6.17
C ASP F 122 39.24 8.82 4.66
N TYR F 123 38.16 9.23 4.01
CA TYR F 123 38.10 9.38 2.56
C TYR F 123 37.88 10.84 2.19
N ILE F 124 36.65 11.29 2.24
CA ILE F 124 36.34 12.67 1.93
C ILE F 124 35.32 13.15 2.95
N ALA F 125 35.40 14.41 3.32
CA ALA F 125 34.44 14.92 4.30
C ALA F 125 34.19 16.43 4.18
N LEU F 126 32.96 16.83 4.51
CA LEU F 126 32.55 18.24 4.45
C LEU F 126 33.13 19.06 5.59
N ASN F 127 33.80 20.16 5.25
CA ASN F 127 34.35 21.05 6.25
C ASN F 127 33.21 21.78 6.93
N GLU F 128 33.38 22.20 8.17
CA GLU F 128 32.26 22.82 8.88
C GLU F 128 31.92 24.24 8.41
N ASP F 129 32.66 24.78 7.44
CA ASP F 129 32.18 25.99 6.80
C ASP F 129 31.08 25.57 5.82
N LEU F 130 30.96 24.24 5.65
CA LEU F 130 30.00 23.60 4.76
C LEU F 130 30.10 24.03 3.29
N ARG F 131 31.27 24.51 2.86
CA ARG F 131 31.42 24.93 1.46
C ARG F 131 32.45 24.10 0.71
N SER F 132 33.45 23.59 1.42
CA SER F 132 34.55 22.88 0.77
C SER F 132 34.63 21.43 1.26
N TRP F 133 35.44 20.62 0.59
CA TRP F 133 35.63 19.24 1.04
C TRP F 133 37.05 19.01 1.54
N ILE F 134 37.23 17.92 2.28
CA ILE F 134 38.53 17.51 2.77
C ILE F 134 38.84 16.09 2.29
N ALA F 135 39.80 15.95 1.37
CA ALA F 135 40.15 14.62 0.86
C ALA F 135 41.43 14.13 1.52
N ALA F 136 41.32 12.96 2.14
CA ALA F 136 42.40 12.38 2.93
C ALA F 136 43.60 12.04 2.05
N ASP F 137 43.33 11.55 0.84
CA ASP F 137 44.40 11.09 -0.03
C ASP F 137 44.21 11.54 -1.48
N MET F 138 45.05 11.00 -2.36
CA MET F 138 44.97 11.24 -3.80
C MET F 138 43.67 10.77 -4.42
N ALA F 139 43.33 9.51 -4.19
CA ALA F 139 42.15 8.88 -4.77
C ALA F 139 40.88 9.67 -4.53
N ALA F 140 40.69 10.12 -3.31
CA ALA F 140 39.49 10.86 -2.95
C ALA F 140 39.43 12.17 -3.73
N GLN F 141 40.58 12.75 -4.09
CA GLN F 141 40.59 13.98 -4.89
C GLN F 141 39.86 13.81 -6.22
N ASN F 142 39.80 12.58 -6.71
CA ASN F 142 38.89 12.26 -7.80
C ASN F 142 37.52 12.76 -7.38
N THR F 143 37.00 12.18 -6.30
CA THR F 143 35.67 12.50 -5.80
C THR F 143 35.52 13.98 -5.53
N GLN F 144 36.56 14.61 -4.98
CA GLN F 144 36.47 16.05 -4.69
C GLN F 144 36.20 16.88 -5.95
N ARG F 145 36.88 16.61 -7.06
CA ARG F 145 36.67 17.41 -8.28
C ARG F 145 35.25 17.27 -8.80
N LYS F 146 34.79 16.03 -8.85
CA LYS F 146 33.47 15.70 -9.32
C LYS F 146 32.36 16.45 -8.55
N TRP F 147 32.46 16.49 -7.22
CA TRP F 147 31.44 17.14 -6.39
C TRP F 147 31.54 18.65 -6.38
N GLU F 148 32.70 19.16 -6.75
CA GLU F 148 32.86 20.60 -6.79
C GLU F 148 32.31 21.11 -8.13
N ALA F 149 32.37 20.25 -9.14
CA ALA F 149 31.83 20.54 -10.48
C ALA F 149 30.30 20.64 -10.49
N THR F 150 29.65 19.71 -9.79
CA THR F 150 28.21 19.61 -9.71
C THR F 150 27.67 20.45 -8.56
N ARG F 151 28.52 21.21 -7.93
CA ARG F 151 28.12 22.04 -6.80
C ARG F 151 27.35 21.35 -5.69
N TYR F 152 27.71 20.12 -5.40
CA TYR F 152 27.03 19.32 -4.37
C TYR F 152 26.97 19.93 -2.99
N ALA F 153 28.01 20.65 -2.59
CA ALA F 153 28.04 21.23 -1.26
C ALA F 153 26.94 22.27 -1.03
N GLU F 154 26.57 23.00 -2.06
CA GLU F 154 25.54 24.02 -1.97
C GLU F 154 24.19 23.39 -1.80
N ARG F 155 23.93 22.34 -2.54
CA ARG F 155 22.71 21.58 -2.43
C ARG F 155 22.64 20.93 -1.05
N PHE F 156 23.74 20.36 -0.58
CA PHE F 156 23.69 19.65 0.68
C PHE F 156 23.54 20.60 1.86
N ARG F 157 24.07 21.81 1.73
CA ARG F 157 23.88 22.83 2.74
C ARG F 157 22.39 23.12 2.93
N ALA F 158 21.66 23.06 1.83
CA ALA F 158 20.23 23.37 1.80
C ALA F 158 19.43 22.37 2.62
N TYR F 159 19.82 21.11 2.48
CA TYR F 159 19.26 20.00 3.24
C TYR F 159 19.53 20.19 4.73
N LEU F 160 20.77 20.52 5.10
CA LEU F 160 21.12 20.64 6.50
C LEU F 160 20.35 21.76 7.18
N GLU F 161 20.36 22.96 6.63
CA GLU F 161 19.67 24.09 7.28
C GLU F 161 18.13 24.00 7.20
N GLY F 162 17.63 23.12 6.38
CA GLY F 162 16.22 22.95 6.16
C GLY F 162 15.56 21.71 6.70
N PRO F 163 15.29 20.72 5.87
CA PRO F 163 14.60 19.52 6.32
C PRO F 163 15.27 18.87 7.51
N CYS F 164 16.61 18.76 7.51
CA CYS F 164 17.36 18.11 8.59
C CYS F 164 17.09 18.72 9.95
N LEU F 165 17.33 20.03 10.10
CA LEU F 165 16.99 20.70 11.36
C LEU F 165 15.52 20.51 11.77
N GLU F 166 14.59 20.49 10.81
CA GLU F 166 13.16 20.39 11.11
C GLU F 166 12.80 19.02 11.58
N TRP F 167 13.46 18.01 11.00
CA TRP F 167 13.30 16.66 11.46
C TRP F 167 13.82 16.53 12.88
N LEU F 168 14.97 17.15 13.11
CA LEU F 168 15.57 17.09 14.42
C LEU F 168 14.63 17.73 15.42
N ARG F 169 14.12 18.91 15.11
CA ARG F 169 13.18 19.57 16.01
C ARG F 169 11.93 18.72 16.25
N ARG F 170 11.45 18.07 15.20
CA ARG F 170 10.22 17.32 15.27
C ARG F 170 10.37 16.07 16.09
N TYR F 171 11.48 15.37 15.89
CA TYR F 171 11.74 14.14 16.65
C TYR F 171 11.83 14.52 18.11
N LEU F 172 12.48 15.65 18.36
CA LEU F 172 12.72 16.10 19.71
C LEU F 172 11.45 16.38 20.46
N GLU F 173 10.40 16.77 19.74
CA GLU F 173 9.14 17.06 20.42
C GLU F 173 8.32 15.80 20.59
N ASN F 174 8.16 15.03 19.53
CA ASN F 174 7.48 13.74 19.62
C ASN F 174 8.08 12.86 20.71
N GLY F 175 9.37 13.03 20.95
CA GLY F 175 10.08 12.20 21.90
C GLY F 175 10.54 12.93 23.14
N LYS F 176 9.96 14.10 23.44
CA LYS F 176 10.48 14.97 24.51
C LYS F 176 10.52 14.33 25.91
N GLU F 177 9.64 13.36 26.15
CA GLU F 177 9.55 12.70 27.45
C GLU F 177 10.69 11.72 27.64
N THR F 178 11.50 11.57 26.60
CA THR F 178 12.64 10.68 26.61
C THR F 178 13.92 11.42 26.30
N LEU F 179 13.88 12.24 25.26
CA LEU F 179 15.07 12.84 24.71
C LEU F 179 15.46 14.14 25.39
N GLN F 180 14.50 14.76 26.07
CA GLN F 180 14.76 16.04 26.69
C GLN F 180 14.70 15.95 28.21
N HIS F 181 14.65 14.72 28.73
CA HIS F 181 14.72 14.51 30.17
C HIS F 181 15.93 13.62 30.51
N ALA F 182 17.03 14.25 30.95
CA ALA F 182 18.23 13.52 31.34
C ALA F 182 17.94 12.60 32.54
N ASP F 183 18.61 11.44 32.58
CA ASP F 183 18.51 10.54 33.73
C ASP F 183 19.81 10.62 34.54
N PRO F 184 19.70 10.96 35.83
CA PRO F 184 20.91 11.06 36.65
C PRO F 184 21.49 9.68 36.97
N PRO F 185 22.82 9.61 37.14
CA PRO F 185 23.44 8.32 37.50
C PRO F 185 23.28 7.98 38.97
N LYS F 186 23.24 6.72 39.29
CA LYS F 186 23.20 6.31 40.66
C LYS F 186 24.63 5.94 40.93
N THR F 187 25.24 6.42 42.00
CA THR F 187 26.65 6.19 42.27
C THR F 187 27.00 5.53 43.57
N HIS F 188 28.03 4.70 43.58
CA HIS F 188 28.54 4.07 44.77
C HIS F 188 29.95 3.57 44.60
N VAL F 189 30.68 3.41 45.69
CA VAL F 189 32.06 2.92 45.64
C VAL F 189 32.17 1.53 46.25
N THR F 190 32.98 0.66 45.66
CA THR F 190 33.17 -0.67 46.20
C THR F 190 34.63 -0.87 46.52
N HIS F 191 34.89 -1.73 47.49
CA HIS F 191 36.24 -1.96 48.00
C HIS F 191 36.61 -3.45 47.92
N HIS F 192 37.66 -3.73 47.13
CA HIS F 192 38.13 -5.10 46.85
C HIS F 192 39.64 -5.22 46.97
N PRO F 193 40.11 -5.94 48.02
CA PRO F 193 41.52 -6.29 48.25
C PRO F 193 42.21 -6.95 47.05
N VAL F 194 43.38 -6.45 46.64
CA VAL F 194 44.17 -7.05 45.57
C VAL F 194 45.16 -8.01 46.20
N SER F 195 45.66 -7.58 47.34
CA SER F 195 46.56 -8.32 48.20
C SER F 195 46.16 -7.77 49.56
N ASP F 196 47.00 -7.91 50.57
CA ASP F 196 46.67 -7.25 51.84
C ASP F 196 47.62 -6.09 52.14
N HIS F 197 48.42 -5.74 51.12
CA HIS F 197 49.28 -4.58 51.15
C HIS F 197 48.62 -3.48 50.30
N GLU F 198 47.74 -3.91 49.38
CA GLU F 198 47.01 -3.03 48.47
C GLU F 198 45.49 -3.30 48.50
N ALA F 199 44.74 -2.43 47.84
CA ALA F 199 43.30 -2.65 47.61
C ALA F 199 42.86 -1.93 46.35
N THR F 200 41.74 -2.36 45.77
CA THR F 200 41.15 -1.66 44.63
C THR F 200 39.87 -0.92 45.04
N LEU F 201 39.80 0.37 44.71
CA LEU F 201 38.56 1.15 44.84
C LEU F 201 37.91 1.37 43.49
N ARG F 202 36.62 1.09 43.42
CA ARG F 202 35.90 1.17 42.16
C ARG F 202 34.67 2.07 42.26
N CYS F 203 34.69 3.14 41.49
CA CYS F 203 33.57 4.07 41.48
C CYS F 203 32.58 3.72 40.39
N TRP F 204 31.31 3.56 40.74
CA TRP F 204 30.29 3.18 39.76
C TRP F 204 29.30 4.28 39.38
N ALA F 205 29.03 4.43 38.09
CA ALA F 205 27.93 5.27 37.61
C ALA F 205 26.95 4.41 36.79
N LEU F 206 25.72 4.30 37.26
CA LEU F 206 24.75 3.38 36.66
C LEU F 206 23.43 4.06 36.28
N GLY F 207 22.87 3.70 35.14
CA GLY F 207 21.50 4.08 34.81
C GLY F 207 21.29 5.52 34.39
N PHE F 208 22.30 6.10 33.74
CA PHE F 208 22.18 7.48 33.26
C PHE F 208 21.96 7.58 31.74
N TYR F 209 21.40 8.73 31.35
CA TYR F 209 21.23 9.12 29.97
C TYR F 209 21.24 10.64 29.93
N PRO F 210 21.91 11.25 28.93
CA PRO F 210 22.65 10.57 27.85
C PRO F 210 24.01 10.06 28.34
N ALA F 211 24.83 9.57 27.41
CA ALA F 211 26.05 8.87 27.76
C ALA F 211 27.22 9.76 28.17
N GLU F 212 27.14 11.05 27.96
CA GLU F 212 28.22 11.96 28.30
C GLU F 212 28.41 12.04 29.79
N ILE F 213 29.56 11.64 30.32
CA ILE F 213 29.75 11.64 31.75
C ILE F 213 31.21 11.94 32.01
N THR F 214 31.50 12.51 33.15
CA THR F 214 32.87 12.69 33.57
C THR F 214 33.03 11.96 34.88
N LEU F 215 34.04 11.12 34.94
CA LEU F 215 34.36 10.39 36.14
C LEU F 215 35.86 10.42 36.40
N THR F 216 36.27 11.02 37.51
CA THR F 216 37.69 11.05 37.86
C THR F 216 37.90 10.75 39.35
N TRP F 217 39.12 10.32 39.67
CA TRP F 217 39.51 10.09 41.06
C TRP F 217 40.43 11.22 41.52
N GLN F 218 40.30 11.63 42.78
CA GLN F 218 41.24 12.59 43.39
C GLN F 218 41.81 12.01 44.69
N ARG F 219 43.09 12.25 44.92
CA ARG F 219 43.73 11.91 46.20
C ARG F 219 44.17 13.15 46.95
N ASP F 220 43.49 13.41 48.06
CA ASP F 220 43.67 14.64 48.83
C ASP F 220 43.50 15.85 47.93
N GLY F 221 42.42 15.86 47.15
CA GLY F 221 42.04 17.00 46.37
C GLY F 221 42.80 17.16 45.07
N GLU F 222 43.79 16.29 44.83
CA GLU F 222 44.57 16.39 43.62
C GLU F 222 44.18 15.24 42.71
N GLU F 223 44.25 15.46 41.39
CA GLU F 223 43.71 14.47 40.46
C GLU F 223 44.71 13.39 40.10
N GLN F 224 44.24 12.14 40.20
CA GLN F 224 45.05 10.94 39.89
C GLN F 224 44.99 10.61 38.41
N THR F 225 46.16 10.52 37.81
CA THR F 225 46.30 10.27 36.39
C THR F 225 47.03 8.99 36.06
N GLN F 226 47.60 8.36 37.05
CA GLN F 226 48.25 7.06 36.85
C GLN F 226 47.69 6.03 37.85
N ASP F 227 47.78 4.74 37.50
CA ASP F 227 47.40 3.64 38.40
C ASP F 227 45.88 3.50 38.47
N ILE F 228 45.19 4.16 37.52
CA ILE F 228 43.73 4.20 37.45
C ILE F 228 43.19 3.57 36.16
N GLU F 229 42.12 2.79 36.27
CA GLU F 229 41.48 2.28 35.05
C GLU F 229 40.10 2.86 34.85
N PHE F 230 39.84 3.32 33.63
CA PHE F 230 38.50 3.76 33.23
C PHE F 230 38.02 2.89 32.08
N VAL F 231 36.97 2.13 32.30
CA VAL F 231 36.35 1.44 31.19
C VAL F 231 35.55 2.45 30.41
N GLU F 232 35.44 2.27 29.11
CA GLU F 232 34.67 3.22 28.34
C GLU F 232 33.15 3.04 28.58
N THR F 233 32.42 4.15 28.50
CA THR F 233 30.99 4.15 28.78
C THR F 233 30.28 3.12 27.91
N ARG F 234 29.37 2.37 28.54
CA ARG F 234 28.78 1.19 27.91
C ARG F 234 27.26 1.20 28.06
N PRO F 235 26.56 0.55 27.13
CA PRO F 235 25.10 0.45 27.19
C PRO F 235 24.60 -0.59 28.23
N ALA F 236 23.53 -0.26 28.95
CA ALA F 236 22.88 -1.21 29.84
C ALA F 236 22.01 -2.18 29.05
N GLY F 237 21.49 -1.71 27.92
CA GLY F 237 20.58 -2.50 27.10
C GLY F 237 19.15 -1.99 27.11
N ASP F 238 18.86 -1.07 28.02
CA ASP F 238 17.54 -0.51 28.25
C ASP F 238 17.40 0.96 27.94
N GLY F 239 18.38 1.55 27.26
CA GLY F 239 18.31 2.97 26.98
C GLY F 239 19.24 3.78 27.87
N THR F 240 19.86 3.13 28.85
CA THR F 240 20.77 3.84 29.76
C THR F 240 22.22 3.38 29.70
N PHE F 241 23.09 4.11 30.39
CA PHE F 241 24.51 3.85 30.29
C PHE F 241 25.17 3.67 31.66
N GLN F 242 26.29 2.96 31.63
CA GLN F 242 27.07 2.64 32.81
C GLN F 242 28.50 2.98 32.53
N LYS F 243 29.22 3.36 33.59
CA LYS F 243 30.67 3.58 33.58
C LYS F 243 31.24 3.37 34.96
N TRP F 244 32.47 2.87 35.04
CA TRP F 244 33.20 2.94 36.30
C TRP F 244 34.66 3.31 36.13
N GLY F 245 35.25 3.77 37.22
CA GLY F 245 36.67 4.07 37.25
C GLY F 245 37.26 3.53 38.53
N ALA F 246 38.46 2.97 38.43
CA ALA F 246 39.06 2.33 39.59
C ALA F 246 40.49 2.75 39.77
N VAL F 247 40.90 2.77 41.04
CA VAL F 247 42.29 3.07 41.41
C VAL F 247 42.77 2.01 42.41
N VAL F 248 44.04 1.63 42.31
CA VAL F 248 44.60 0.72 43.29
C VAL F 248 45.36 1.54 44.32
N VAL F 249 45.09 1.27 45.59
CA VAL F 249 45.63 2.09 46.66
C VAL F 249 46.31 1.26 47.74
N PRO F 250 47.27 1.88 48.46
CA PRO F 250 47.88 1.24 49.63
C PRO F 250 46.85 1.05 50.75
N SER F 251 46.79 -0.16 51.31
CA SER F 251 45.76 -0.52 52.29
C SER F 251 45.71 0.40 53.50
N GLY F 252 44.49 0.63 53.98
CA GLY F 252 44.22 1.46 55.16
C GLY F 252 44.22 2.95 54.87
N GLU F 253 44.79 3.34 53.73
CA GLU F 253 44.91 4.72 53.33
C GLU F 253 43.84 5.08 52.29
N GLU F 254 42.77 4.30 52.26
CA GLU F 254 41.71 4.49 51.26
C GLU F 254 40.95 5.83 51.37
N GLN F 255 40.67 6.28 52.60
CA GLN F 255 39.84 7.48 52.81
C GLN F 255 40.49 8.77 52.40
N ARG F 256 41.68 8.69 51.83
CA ARG F 256 42.32 9.87 51.27
C ARG F 256 41.79 10.10 49.86
N TYR F 257 41.05 9.13 49.33
CA TYR F 257 40.66 9.17 47.93
C TYR F 257 39.19 9.54 47.75
N THR F 258 38.89 10.35 46.74
CA THR F 258 37.50 10.68 46.40
C THR F 258 37.20 10.47 44.91
N CYS F 259 35.95 10.10 44.64
CA CYS F 259 35.44 9.94 43.28
C CYS F 259 34.60 11.18 42.88
N HIS F 260 34.77 11.65 41.65
CA HIS F 260 34.07 12.84 41.23
C HIS F 260 33.25 12.63 39.97
N VAL F 261 31.95 12.86 40.07
CA VAL F 261 31.01 12.57 38.99
C VAL F 261 30.26 13.77 38.49
N GLN F 262 30.34 14.03 37.18
CA GLN F 262 29.58 15.09 36.51
C GLN F 262 28.66 14.52 35.41
N HIS F 263 27.42 14.98 35.37
CA HIS F 263 26.45 14.55 34.36
C HIS F 263 25.26 15.53 34.36
N LYS F 264 24.71 15.84 33.19
CA LYS F 264 23.73 16.92 33.09
C LYS F 264 22.44 16.67 33.85
N GLY F 265 22.21 15.43 34.29
CA GLY F 265 21.08 15.13 35.14
C GLY F 265 21.33 15.38 36.62
N LEU F 266 22.54 15.81 36.98
CA LEU F 266 22.84 16.12 38.38
C LEU F 266 22.68 17.61 38.69
N PRO F 267 22.07 17.89 39.85
CA PRO F 267 21.91 19.27 40.34
C PRO F 267 23.24 20.01 40.42
N GLU F 268 24.23 19.35 41.02
CA GLU F 268 25.57 19.89 41.16
C GLU F 268 26.56 18.72 41.03
N PRO F 269 27.86 19.02 40.79
CA PRO F 269 28.87 17.95 40.76
C PRO F 269 28.82 17.12 42.02
N LEU F 270 29.12 15.83 41.86
CA LEU F 270 28.95 14.86 42.93
C LEU F 270 30.28 14.32 43.39
N THR F 271 30.41 14.13 44.70
CA THR F 271 31.66 13.66 45.32
C THR F 271 31.34 12.47 46.24
N LEU F 272 32.04 11.37 46.10
CA LEU F 272 31.78 10.23 46.94
C LEU F 272 32.98 9.52 47.50
N ARG F 273 32.82 8.94 48.67
CA ARG F 273 33.87 8.26 49.38
C ARG F 273 33.49 6.78 49.50
N TRP F 274 34.49 5.91 49.63
CA TRP F 274 34.14 4.56 50.00
C TRP F 274 33.63 4.62 51.43
N GLU F 275 32.38 4.21 51.64
CA GLU F 275 31.80 4.14 52.99
C GLU F 275 32.00 2.73 53.57
N PRO F 276 32.98 2.57 54.49
CA PRO F 276 33.29 1.26 55.05
C PRO F 276 32.08 0.58 55.70
N ALA G 1 44.27 -0.42 4.81
CA ALA G 1 43.24 -1.04 5.66
C ALA G 1 43.70 -1.18 7.12
N ILE G 2 43.36 -0.17 7.93
CA ILE G 2 43.67 -0.18 9.36
C ILE G 2 42.79 -1.24 10.04
N GLN G 3 43.34 -1.91 11.05
CA GLN G 3 42.58 -2.88 11.84
C GLN G 3 42.61 -2.43 13.29
N ARG G 4 41.48 -2.50 13.98
CA ARG G 4 41.47 -2.08 15.38
C ARG G 4 40.91 -3.16 16.26
N THR G 5 41.51 -3.30 17.44
CA THR G 5 41.29 -4.45 18.31
C THR G 5 40.15 -4.22 19.27
N PRO G 6 39.22 -5.19 19.31
CA PRO G 6 38.03 -5.04 20.14
C PRO G 6 38.41 -4.89 21.61
N LYS G 7 37.77 -3.94 22.29
CA LYS G 7 37.80 -3.84 23.73
C LYS G 7 36.59 -4.63 24.21
N ILE G 8 36.79 -5.50 25.20
CA ILE G 8 35.67 -6.36 25.63
C ILE G 8 35.23 -6.14 27.09
N GLN G 9 33.92 -6.10 27.30
CA GLN G 9 33.36 -5.94 28.63
C GLN G 9 32.22 -6.90 28.88
N VAL G 10 32.25 -7.57 30.03
CA VAL G 10 31.13 -8.45 30.41
C VAL G 10 30.48 -8.03 31.73
N TYR G 11 29.18 -7.93 31.73
CA TYR G 11 28.52 -7.31 32.85
C TYR G 11 27.04 -7.49 32.76
N SER G 12 26.33 -7.18 33.83
CA SER G 12 24.89 -7.33 33.85
C SER G 12 24.15 -5.99 33.73
N ARG G 13 22.93 -6.05 33.20
CA ARG G 13 22.12 -4.84 33.04
C ARG G 13 21.88 -4.20 34.38
N HIS G 14 21.36 -4.98 35.32
CA HIS G 14 21.12 -4.51 36.69
C HIS G 14 22.14 -5.14 37.61
N PRO G 15 22.33 -4.55 38.82
CA PRO G 15 23.21 -5.14 39.85
C PRO G 15 22.76 -6.55 40.22
N PRO G 16 23.71 -7.51 40.25
CA PRO G 16 23.33 -8.93 40.32
C PRO G 16 22.88 -9.39 41.70
N GLU G 17 21.67 -9.92 41.75
CA GLU G 17 21.12 -10.50 42.97
C GLU G 17 20.81 -11.95 42.69
N ASN G 18 21.29 -12.82 43.55
CA ASN G 18 21.14 -14.26 43.37
C ASN G 18 19.66 -14.64 43.29
N GLY G 19 19.27 -15.27 42.18
CA GLY G 19 17.89 -15.67 41.97
C GLY G 19 16.92 -14.63 41.39
N LYS G 20 17.37 -13.42 41.09
CA LYS G 20 16.46 -12.45 40.50
C LYS G 20 16.83 -12.27 39.02
N PRO G 21 15.85 -12.40 38.11
CA PRO G 21 16.08 -12.32 36.66
C PRO G 21 16.67 -10.97 36.19
N ASN G 22 17.59 -11.08 35.23
CA ASN G 22 18.45 -9.98 34.83
C ASN G 22 18.79 -10.15 33.37
N PHE G 23 19.71 -9.34 32.87
CA PHE G 23 20.26 -9.54 31.55
C PHE G 23 21.76 -9.55 31.65
N LEU G 24 22.37 -10.42 30.86
CA LEU G 24 23.82 -10.56 30.81
C LEU G 24 24.31 -9.89 29.52
N ASN G 25 25.22 -8.92 29.64
CA ASN G 25 25.74 -8.22 28.46
C ASN G 25 27.18 -8.53 28.09
N CYS G 26 27.46 -8.57 26.79
CA CYS G 26 28.85 -8.56 26.35
C CYS G 26 29.07 -7.41 25.37
N TYR G 27 29.90 -6.44 25.73
CA TYR G 27 30.01 -5.26 24.87
C TYR G 27 31.33 -5.17 24.19
N VAL G 28 31.35 -5.37 22.87
CA VAL G 28 32.60 -5.20 22.10
C VAL G 28 32.58 -3.90 21.29
N SER G 29 33.68 -3.15 21.41
CA SER G 29 33.75 -1.83 20.78
C SER G 29 35.14 -1.56 20.28
N GLY G 30 35.26 -0.57 19.41
CA GLY G 30 36.54 -0.10 18.91
C GLY G 30 37.22 -1.01 17.92
N PHE G 31 36.50 -1.88 17.26
CA PHE G 31 37.10 -2.77 16.29
C PHE G 31 36.92 -2.39 14.82
N HIS G 32 37.67 -3.05 13.94
CA HIS G 32 37.65 -2.85 12.50
C HIS G 32 38.48 -3.96 11.88
N PRO G 33 37.95 -4.68 10.91
CA PRO G 33 36.64 -4.64 10.25
C PRO G 33 35.45 -5.08 11.13
N SER G 34 34.23 -5.03 10.58
CA SER G 34 33.02 -5.30 11.35
C SER G 34 32.83 -6.78 11.54
N ASP G 35 33.65 -7.60 10.91
CA ASP G 35 33.44 -9.03 10.99
C ASP G 35 33.92 -9.54 12.37
N ILE G 36 32.97 -10.02 13.19
CA ILE G 36 33.27 -10.43 14.56
C ILE G 36 32.35 -11.55 15.04
N GLU G 37 32.85 -12.41 15.91
CA GLU G 37 32.04 -13.49 16.45
C GLU G 37 31.98 -13.40 17.94
N VAL G 38 30.78 -13.40 18.50
CA VAL G 38 30.61 -13.25 19.94
C VAL G 38 29.64 -14.29 20.51
N ASP G 39 30.17 -15.10 21.41
CA ASP G 39 29.37 -16.12 22.06
C ASP G 39 29.35 -15.86 23.55
N LEU G 40 28.15 -15.82 24.13
CA LEU G 40 28.02 -15.82 25.58
C LEU G 40 28.10 -17.25 26.11
N LEU G 41 28.87 -17.45 27.17
CA LEU G 41 29.11 -18.77 27.69
C LEU G 41 28.47 -18.94 29.08
N LYS G 42 27.84 -20.09 29.31
CA LYS G 42 27.42 -20.50 30.65
C LYS G 42 28.16 -21.78 30.99
N ASN G 43 29.00 -21.73 32.03
CA ASN G 43 29.89 -22.83 32.38
C ASN G 43 30.56 -23.40 31.14
N GLY G 44 31.09 -22.53 30.28
CA GLY G 44 31.84 -22.96 29.11
C GLY G 44 31.09 -23.32 27.84
N GLU G 45 29.77 -23.40 27.92
CA GLU G 45 29.01 -23.83 26.75
C GLU G 45 28.35 -22.58 26.15
N LYS G 46 28.21 -22.53 24.82
CA LYS G 46 27.52 -21.38 24.21
C LYS G 46 26.11 -21.30 24.68
N MET G 47 25.71 -20.11 25.13
CA MET G 47 24.33 -19.87 25.50
C MET G 47 23.46 -19.65 24.27
N GLY G 48 22.18 -19.96 24.41
CA GLY G 48 21.23 -19.78 23.33
C GLY G 48 20.48 -18.50 23.54
N LYS G 49 19.55 -18.22 22.63
CA LYS G 49 18.78 -16.98 22.61
C LYS G 49 19.61 -15.72 22.89
N VAL G 50 20.67 -15.51 22.12
CA VAL G 50 21.48 -14.30 22.27
C VAL G 50 21.20 -13.29 21.16
N GLU G 51 20.56 -12.17 21.49
CA GLU G 51 20.32 -11.16 20.48
C GLU G 51 21.41 -10.10 20.50
N HIS G 52 21.47 -9.28 19.47
CA HIS G 52 22.44 -8.20 19.49
C HIS G 52 21.91 -6.91 18.83
N SER G 53 22.56 -5.80 19.21
CA SER G 53 22.28 -4.50 18.61
C SER G 53 22.68 -4.44 17.15
N ASP G 54 22.16 -3.45 16.43
CA ASP G 54 22.59 -3.20 15.06
C ASP G 54 23.98 -2.58 14.97
N LEU G 55 24.73 -3.03 13.98
CA LEU G 55 26.05 -2.49 13.74
C LEU G 55 26.01 -0.98 13.62
N SER G 56 26.75 -0.28 14.47
CA SER G 56 26.93 1.16 14.35
C SER G 56 28.36 1.46 14.75
N PHE G 57 28.78 2.72 14.67
CA PHE G 57 30.18 3.00 14.92
C PHE G 57 30.41 4.41 15.45
N SER G 58 31.61 4.66 15.98
CA SER G 58 31.96 5.93 16.63
C SER G 58 32.52 6.94 15.64
N LYS G 59 32.93 8.11 16.10
CA LYS G 59 33.47 9.14 15.23
C LYS G 59 34.81 8.83 14.62
N ASP G 60 35.52 7.87 15.16
CA ASP G 60 36.80 7.46 14.58
C ASP G 60 36.61 6.22 13.70
N TRP G 61 35.36 5.96 13.32
CA TRP G 61 35.00 4.86 12.41
C TRP G 61 35.09 3.44 13.01
N SER G 62 35.38 3.31 14.29
CA SER G 62 35.46 1.98 14.90
C SER G 62 34.11 1.39 15.33
N PHE G 63 33.86 0.12 15.01
CA PHE G 63 32.55 -0.50 15.26
C PHE G 63 32.26 -0.78 16.72
N TYR G 64 30.97 -0.80 17.09
CA TYR G 64 30.59 -1.30 18.40
C TYR G 64 29.32 -2.12 18.37
N LEU G 65 29.27 -3.10 19.26
CA LEU G 65 28.12 -4.02 19.31
C LEU G 65 27.77 -4.43 20.73
N LEU G 66 26.47 -4.58 20.98
CA LEU G 66 26.04 -5.16 22.25
C LEU G 66 25.38 -6.51 21.98
N TYR G 67 25.92 -7.53 22.63
CA TYR G 67 25.33 -8.85 22.60
C TYR G 67 24.72 -9.06 23.97
N TYR G 68 23.51 -9.60 24.02
CA TYR G 68 22.86 -9.73 25.30
C TYR G 68 21.95 -10.93 25.34
N THR G 69 21.72 -11.44 26.54
CA THR G 69 20.71 -12.48 26.72
C THR G 69 20.09 -12.43 28.09
N GLU G 70 18.87 -12.94 28.20
CA GLU G 70 18.19 -13.06 29.48
C GLU G 70 18.89 -14.09 30.34
N PHE G 71 18.84 -13.82 31.64
CA PHE G 71 19.74 -14.44 32.59
C PHE G 71 19.16 -14.50 34.01
N THR G 72 19.36 -15.59 34.73
CA THR G 72 19.16 -15.56 36.19
C THR G 72 20.44 -16.01 36.94
N PRO G 73 21.06 -15.05 37.68
CA PRO G 73 22.31 -15.35 38.40
C PRO G 73 22.11 -16.22 39.65
N ASN G 74 23.05 -17.13 39.84
CA ASN G 74 23.16 -17.92 41.06
C ASN G 74 24.63 -18.12 41.45
N GLU G 75 24.88 -18.45 42.71
CA GLU G 75 26.26 -18.49 43.20
C GLU G 75 26.92 -19.82 42.83
N LYS G 76 26.27 -20.59 41.96
CA LYS G 76 26.90 -21.77 41.39
C LYS G 76 27.51 -21.46 40.02
N ASP G 77 26.86 -20.55 39.30
CA ASP G 77 27.13 -20.34 37.88
C ASP G 77 28.23 -19.35 37.51
N GLU G 78 29.02 -19.74 36.53
CA GLU G 78 30.06 -18.89 35.97
C GLU G 78 29.65 -18.53 34.53
N TYR G 79 29.81 -17.27 34.15
CA TYR G 79 29.46 -16.84 32.79
C TYR G 79 30.63 -16.15 32.17
N ALA G 80 30.70 -16.18 30.85
CA ALA G 80 31.78 -15.47 30.18
C ALA G 80 31.34 -14.98 28.84
N CYS G 81 32.25 -14.29 28.16
CA CYS G 81 32.05 -13.87 26.81
C CYS G 81 33.22 -14.35 25.96
N ARG G 82 32.97 -14.91 24.79
CA ARG G 82 34.06 -15.36 23.97
C ARG G 82 33.99 -14.64 22.64
N VAL G 83 35.14 -14.14 22.20
CA VAL G 83 35.20 -13.21 21.08
C VAL G 83 36.26 -13.60 20.07
N ASN G 84 35.86 -13.66 18.80
CA ASN G 84 36.78 -13.89 17.69
C ASN G 84 36.83 -12.72 16.72
N HIS G 85 38.04 -12.34 16.34
CA HIS G 85 38.28 -11.23 15.46
C HIS G 85 39.60 -11.44 14.73
N VAL G 86 39.76 -10.79 13.59
CA VAL G 86 40.97 -10.97 12.79
C VAL G 86 42.20 -10.35 13.49
N THR G 87 41.96 -9.44 14.45
CA THR G 87 43.08 -8.84 15.18
C THR G 87 43.46 -9.62 16.44
N LEU G 88 42.77 -10.72 16.69
CA LEU G 88 43.07 -11.54 17.84
C LEU G 88 43.61 -12.87 17.40
N SER G 89 44.65 -13.31 18.11
CA SER G 89 45.26 -14.60 17.85
C SER G 89 44.50 -15.62 18.67
N GLY G 90 43.48 -16.22 18.07
CA GLY G 90 42.65 -17.14 18.81
C GLY G 90 41.59 -16.43 19.64
N PRO G 91 40.57 -17.17 20.06
CA PRO G 91 39.45 -16.53 20.76
C PRO G 91 39.92 -15.93 22.09
N ARG G 92 39.40 -14.76 22.44
CA ARG G 92 39.70 -14.16 23.72
C ARG G 92 38.46 -14.37 24.57
N THR G 93 38.67 -14.71 25.83
CA THR G 93 37.57 -14.98 26.77
C THR G 93 37.70 -14.06 27.94
N VAL G 94 36.61 -13.41 28.29
CA VAL G 94 36.57 -12.54 29.45
C VAL G 94 35.52 -13.08 30.38
N LYS G 95 35.91 -13.30 31.63
CA LYS G 95 34.98 -13.89 32.56
C LYS G 95 34.10 -12.82 33.16
N TRP G 96 32.92 -13.20 33.59
CA TRP G 96 32.04 -12.31 34.33
C TRP G 96 32.61 -12.26 35.74
N ASP G 97 32.86 -11.07 36.24
CA ASP G 97 33.20 -10.88 37.64
C ASP G 97 32.10 -10.02 38.26
N ARG G 98 31.40 -10.51 39.29
CA ARG G 98 30.25 -9.76 39.82
C ARG G 98 30.73 -8.43 40.37
N ASP G 99 32.05 -8.26 40.47
CA ASP G 99 32.62 -6.98 40.91
C ASP G 99 33.16 -6.19 39.70
N MET G 100 32.95 -6.73 38.50
CA MET G 100 33.39 -6.21 37.17
C MET G 100 34.86 -5.77 37.08
N GLY H 1 23.55 12.17 -2.28
CA GLY H 1 23.12 11.44 -3.45
C GLY H 1 24.22 11.35 -4.45
N GLY H 2 25.17 12.26 -4.32
CA GLY H 2 26.33 12.27 -5.15
C GLY H 2 27.01 10.94 -5.09
N ALA H 3 27.26 10.39 -6.25
CA ALA H 3 27.91 9.14 -6.29
C ALA H 3 29.37 9.44 -6.15
N ILE H 4 30.06 8.62 -5.42
CA ILE H 4 31.46 8.80 -5.25
C ILE H 4 32.17 8.56 -6.58
N ALA I 1 1.66 17.32 -0.53
CA ALA I 1 1.95 17.02 -1.92
C ALA I 1 0.80 17.50 -2.80
N LYS I 2 -0.36 17.72 -2.19
CA LYS I 2 -1.49 18.28 -2.92
C LYS I 2 -1.47 19.78 -2.81
N THR I 3 -1.23 20.45 -3.93
CA THR I 3 -1.19 21.91 -3.95
C THR I 3 -2.43 22.42 -4.61
N THR I 4 -2.93 23.57 -4.19
CA THR I 4 -4.05 24.19 -4.92
C THR I 4 -3.74 25.67 -5.17
N GLN I 5 -4.07 26.12 -6.37
CA GLN I 5 -3.77 27.46 -6.83
C GLN I 5 -4.85 27.90 -7.81
N PRO I 6 -5.02 29.21 -8.02
CA PRO I 6 -6.00 29.70 -8.99
C PRO I 6 -5.89 29.01 -10.36
N ILE I 7 -7.02 28.83 -11.04
CA ILE I 7 -7.02 28.19 -12.33
C ILE I 7 -6.41 29.19 -13.30
N SER I 8 -6.80 30.46 -13.15
CA SER I 8 -6.29 31.52 -14.02
C SER I 8 -5.94 32.83 -13.28
N MET I 9 -5.15 33.67 -13.92
CA MET I 9 -4.85 34.94 -13.34
C MET I 9 -4.65 35.92 -14.49
N ASP I 10 -5.21 37.12 -14.37
CA ASP I 10 -4.98 38.18 -15.36
C ASP I 10 -4.09 39.26 -14.81
N SER I 11 -3.34 39.88 -15.70
CA SER I 11 -2.43 40.92 -15.26
C SER I 11 -2.06 41.87 -16.37
N TYR I 12 -1.80 43.13 -16.03
CA TYR I 12 -1.28 44.08 -17.01
C TYR I 12 0.23 44.07 -17.11
N GLU I 13 0.72 44.23 -18.32
CA GLU I 13 2.15 44.34 -18.60
C GLU I 13 2.83 45.42 -17.73
N GLY I 14 3.94 45.05 -17.12
CA GLY I 14 4.70 45.97 -16.27
C GLY I 14 4.39 45.94 -14.78
N GLN I 15 3.21 45.46 -14.41
CA GLN I 15 2.86 45.32 -13.00
C GLN I 15 3.54 44.08 -12.42
N GLU I 16 3.46 43.90 -11.11
CA GLU I 16 4.04 42.75 -10.43
C GLU I 16 3.00 41.70 -10.13
N VAL I 17 3.27 40.45 -10.48
CA VAL I 17 2.33 39.37 -10.24
C VAL I 17 2.69 38.47 -9.05
N ASN I 18 1.69 38.22 -8.18
CA ASN I 18 1.87 37.30 -7.06
C ASN I 18 0.91 36.16 -7.21
N ILE I 19 1.42 34.94 -7.30
CA ILE I 19 0.59 33.75 -7.34
C ILE I 19 0.71 33.02 -6.03
N THR I 20 -0.40 32.68 -5.43
CA THR I 20 -0.32 32.02 -4.14
C THR I 20 -0.74 30.58 -4.30
N CYS I 21 0.15 29.68 -3.87
CA CYS I 21 -0.14 28.27 -3.87
C CYS I 21 -0.51 27.82 -2.41
N ASN I 22 -1.39 26.81 -2.27
CA ASN I 22 -1.77 26.34 -0.94
C ASN I 22 -1.40 24.86 -0.74
N HIS I 23 -0.53 24.54 0.21
CA HIS I 23 -0.12 23.17 0.43
C HIS I 23 -0.19 22.79 1.91
N ASN I 24 -1.40 22.55 2.40
CA ASN I 24 -1.63 22.46 3.84
C ASN I 24 -1.11 21.20 4.53
N ASP I 25 -0.85 20.13 3.79
CA ASP I 25 -0.41 18.87 4.40
C ASP I 25 1.03 18.58 4.00
N ILE I 26 1.77 19.64 3.80
CA ILE I 26 3.15 19.54 3.45
C ILE I 26 3.93 18.83 4.56
N ALA I 27 4.60 17.73 4.22
CA ALA I 27 5.42 17.03 5.22
C ALA I 27 6.82 17.63 5.33
N THR I 28 7.49 17.30 6.42
CA THR I 28 8.77 17.91 6.82
C THR I 28 9.89 17.75 5.78
N SER I 29 9.84 16.68 4.97
CA SER I 29 10.88 16.44 4.00
C SER I 29 10.70 17.25 2.71
N ASP I 30 9.52 17.86 2.53
CA ASP I 30 9.12 18.42 1.23
C ASP I 30 9.68 19.78 0.94
N TYR I 31 10.24 19.99 -0.26
CA TYR I 31 10.62 21.33 -0.67
C TYR I 31 9.48 21.93 -1.48
N ILE I 32 9.47 23.24 -1.59
CA ILE I 32 8.49 23.91 -2.43
C ILE I 32 9.17 24.37 -3.72
N MET I 33 8.62 23.94 -4.86
CA MET I 33 9.20 24.12 -6.18
C MET I 33 8.18 24.75 -7.12
N TRP I 34 8.63 25.63 -8.00
CA TRP I 34 7.75 26.19 -9.02
C TRP I 34 8.31 26.00 -10.41
N TYR I 35 7.46 25.48 -11.31
CA TYR I 35 7.81 25.38 -12.73
C TYR I 35 6.92 26.21 -13.65
N GLN I 36 7.39 26.44 -14.85
CA GLN I 36 6.70 27.25 -15.83
C GLN I 36 6.57 26.47 -17.09
N GLN I 37 5.49 26.60 -17.80
CA GLN I 37 5.40 25.93 -19.10
C GLN I 37 4.71 26.76 -20.16
N PHE I 38 5.42 27.00 -21.25
CA PHE I 38 4.85 27.68 -22.41
C PHE I 38 4.11 26.64 -23.23
N PRO I 39 3.10 27.07 -23.99
CA PRO I 39 2.34 26.09 -24.79
C PRO I 39 3.22 25.39 -25.83
N ASN I 40 3.05 24.08 -25.94
CA ASN I 40 3.72 23.28 -26.97
C ASN I 40 5.17 23.02 -26.60
N GLN I 41 5.48 23.18 -25.32
CA GLN I 41 6.86 23.24 -24.89
C GLN I 41 7.04 22.53 -23.57
N GLY I 42 8.28 22.17 -23.26
CA GLY I 42 8.59 21.48 -22.03
C GLY I 42 8.63 22.34 -20.79
N PRO I 43 8.12 21.83 -19.66
CA PRO I 43 8.16 22.62 -18.42
C PRO I 43 9.56 23.11 -18.14
N ARG I 44 9.68 24.28 -17.52
CA ARG I 44 10.99 24.85 -17.23
C ARG I 44 11.04 25.29 -15.78
N PHE I 45 12.08 24.86 -15.06
CA PHE I 45 12.28 25.22 -13.68
C PHE I 45 12.44 26.73 -13.45
N ILE I 46 11.82 27.25 -12.40
CA ILE I 46 11.92 28.66 -12.07
C ILE I 46 12.72 28.86 -10.78
N ILE I 47 12.25 28.22 -9.71
CA ILE I 47 12.76 28.51 -8.38
C ILE I 47 12.31 27.47 -7.37
N GLN I 48 13.11 27.29 -6.33
CA GLN I 48 12.74 26.35 -5.28
C GLN I 48 13.29 26.78 -3.94
N GLY I 49 12.64 26.35 -2.87
CA GLY I 49 13.05 26.68 -1.52
C GLY I 49 12.40 25.80 -0.46
N TYR I 50 12.89 25.91 0.78
CA TYR I 50 12.38 25.12 1.88
C TYR I 50 11.57 25.98 2.84
N LYS I 51 12.11 27.16 3.16
CA LYS I 51 11.52 28.11 4.09
C LYS I 51 12.09 29.52 3.87
N ALA I 52 11.49 30.49 4.55
CA ALA I 52 11.91 31.90 4.44
C ALA I 52 11.80 32.45 3.02
N ASN I 53 12.90 33.02 2.53
CA ASN I 53 12.89 33.65 1.22
C ASN I 53 13.98 33.19 0.27
N ILE I 54 13.61 33.06 -0.99
CA ILE I 54 14.54 32.75 -2.06
C ILE I 54 14.36 33.81 -3.15
N ALA I 55 15.43 34.14 -3.86
CA ALA I 55 15.33 35.14 -4.94
C ALA I 55 16.40 34.94 -6.00
N ASN I 56 15.99 34.79 -7.25
CA ASN I 56 16.96 34.58 -8.32
C ASN I 56 16.73 35.62 -9.44
N GLU I 57 17.28 35.45 -10.63
CA GLU I 57 17.15 36.54 -11.61
C GLU I 57 15.73 36.63 -12.20
N VAL I 58 15.03 35.51 -12.15
CA VAL I 58 13.78 35.32 -12.87
C VAL I 58 12.54 35.64 -12.02
N ALA I 59 12.60 35.27 -10.75
CA ALA I 59 11.47 35.47 -9.84
C ALA I 59 11.94 35.46 -8.40
N SER I 60 10.96 35.52 -7.50
CA SER I 60 11.22 35.30 -6.08
C SER I 60 10.05 34.55 -5.41
N LEU I 61 10.36 33.85 -4.33
CA LEU I 61 9.45 32.93 -3.67
C LEU I 61 9.41 33.22 -2.15
N PHE I 62 8.20 33.35 -1.59
CA PHE I 62 8.10 33.60 -0.15
C PHE I 62 7.33 32.50 0.54
N ILE I 63 7.93 31.96 1.59
CA ILE I 63 7.30 30.93 2.39
C ILE I 63 7.18 31.34 3.85
N PRO I 64 5.93 31.44 4.35
CA PRO I 64 5.66 31.71 5.77
C PRO I 64 6.21 30.58 6.63
N THR I 65 6.38 30.79 7.93
CA THR I 65 7.01 29.78 8.77
C THR I 65 6.20 28.49 8.94
N ASP I 66 4.88 28.55 8.87
CA ASP I 66 4.13 27.30 9.01
C ASP I 66 4.28 26.48 7.73
N ARG I 67 4.79 27.12 6.67
CA ARG I 67 5.08 26.48 5.39
C ARG I 67 3.84 25.93 4.62
N LYS I 68 2.63 26.40 4.95
CA LYS I 68 1.38 25.79 4.44
C LYS I 68 0.81 26.51 3.23
N SER I 69 1.46 27.61 2.88
CA SER I 69 1.18 28.30 1.66
C SER I 69 2.52 28.78 1.09
N SER I 70 2.56 29.17 -0.17
CA SER I 70 3.76 29.82 -0.68
C SER I 70 3.36 30.76 -1.79
N THR I 71 4.22 31.73 -2.08
CA THR I 71 3.88 32.76 -3.04
C THR I 71 5.00 33.08 -4.04
N LEU I 72 4.70 32.89 -5.31
CA LEU I 72 5.63 33.24 -6.37
C LEU I 72 5.43 34.68 -6.88
N SER I 73 6.48 35.48 -6.89
CA SER I 73 6.37 36.85 -7.40
C SER I 73 7.20 36.98 -8.64
N LEU I 74 6.55 37.39 -9.72
CA LEU I 74 7.21 37.73 -10.95
C LEU I 74 7.34 39.26 -11.02
N PRO I 75 8.53 39.79 -11.25
CA PRO I 75 8.61 41.23 -11.27
C PRO I 75 8.47 41.77 -12.65
N ARG I 76 7.86 42.93 -12.82
CA ARG I 76 7.78 43.59 -14.11
C ARG I 76 7.33 42.72 -15.23
N VAL I 77 6.23 42.01 -15.03
CA VAL I 77 5.71 41.06 -16.00
C VAL I 77 5.55 41.51 -17.46
N ALA I 78 6.19 40.78 -18.37
CA ALA I 78 6.06 41.04 -19.82
C ALA I 78 5.03 40.19 -20.53
N LEU I 79 4.72 40.49 -21.78
CA LEU I 79 3.83 39.64 -22.58
C LEU I 79 4.42 38.23 -22.83
N SER I 80 5.73 38.08 -22.68
CA SER I 80 6.32 36.76 -22.83
C SER I 80 6.20 35.97 -21.55
N ASP I 81 5.64 36.56 -20.50
CA ASP I 81 5.47 35.79 -19.29
C ASP I 81 4.14 35.02 -19.24
N THR I 82 3.36 35.12 -20.30
CA THR I 82 2.12 34.37 -20.40
C THR I 82 2.47 32.90 -20.54
N ALA I 83 2.07 32.09 -19.57
CA ALA I 83 2.42 30.69 -19.53
C ALA I 83 1.66 30.07 -18.40
N VAL I 84 1.74 28.74 -18.26
CA VAL I 84 1.20 28.06 -17.08
C VAL I 84 2.30 27.93 -16.03
N TYR I 85 1.98 28.30 -14.80
CA TYR I 85 2.90 28.23 -13.67
C TYR I 85 2.47 27.15 -12.64
N TYR I 86 3.34 26.14 -12.45
CA TYR I 86 3.03 25.00 -11.58
C TYR I 86 3.71 25.09 -10.22
N CYS I 87 2.96 24.74 -9.18
CA CYS I 87 3.48 24.66 -7.81
C CYS I 87 3.66 23.22 -7.36
N LEU I 88 4.88 22.84 -6.99
CA LEU I 88 5.14 21.45 -6.58
C LEU I 88 5.69 21.33 -5.17
N VAL I 89 5.30 20.25 -4.49
CA VAL I 89 5.67 20.01 -3.10
C VAL I 89 5.97 18.55 -2.85
N GLY I 90 7.19 18.28 -2.42
CA GLY I 90 7.54 16.95 -1.95
C GLY I 90 7.87 15.94 -3.02
N GLY I 91 7.31 14.74 -2.88
CA GLY I 91 7.53 13.65 -3.81
C GLY I 91 8.85 12.95 -3.56
N GLY I 92 9.47 13.26 -2.42
CA GLY I 92 10.80 12.77 -2.14
C GLY I 92 11.79 13.62 -2.92
N GLY I 93 11.27 14.58 -3.69
CA GLY I 93 12.11 15.52 -4.42
C GLY I 93 12.20 15.22 -5.91
N TYR I 94 12.02 13.96 -6.28
CA TYR I 94 12.12 13.55 -7.68
C TYR I 94 10.82 13.08 -8.31
N VAL I 95 9.85 12.64 -7.51
CA VAL I 95 8.53 12.37 -8.08
C VAL I 95 7.74 13.67 -8.13
N LEU I 96 7.53 14.18 -9.34
CA LEU I 96 6.85 15.45 -9.47
C LEU I 96 5.41 15.21 -9.90
N THR I 97 4.49 15.57 -9.01
CA THR I 97 3.10 15.57 -9.35
C THR I 97 2.76 16.99 -9.76
N PHE I 98 2.59 17.20 -11.06
CA PHE I 98 2.15 18.50 -11.55
C PHE I 98 0.65 18.55 -11.42
N GLY I 99 0.14 19.68 -10.96
CA GLY I 99 -1.28 19.83 -10.87
C GLY I 99 -1.75 20.50 -12.12
N ARG I 100 -2.95 21.06 -12.05
CA ARG I 100 -3.53 21.81 -13.15
C ARG I 100 -2.72 23.10 -13.41
N GLY I 101 -2.20 23.71 -12.35
CA GLY I 101 -1.40 24.91 -12.44
C GLY I 101 -2.20 26.19 -12.59
N THR I 102 -1.54 27.34 -12.55
CA THR I 102 -2.23 28.59 -12.71
C THR I 102 -1.92 29.10 -14.12
N SER I 103 -2.95 29.47 -14.87
CA SER I 103 -2.72 29.96 -16.22
C SER I 103 -2.71 31.46 -16.25
N LEU I 104 -1.52 32.06 -16.32
CA LEU I 104 -1.39 33.52 -16.30
C LEU I 104 -1.38 34.17 -17.69
N ILE I 105 -2.26 35.14 -17.91
CA ILE I 105 -2.24 35.93 -19.14
C ILE I 105 -1.87 37.39 -18.88
N VAL I 106 -0.83 37.88 -19.54
CA VAL I 106 -0.44 39.29 -19.42
C VAL I 106 -1.08 40.11 -20.56
N HIS I 107 -1.68 41.25 -20.21
CA HIS I 107 -2.41 42.08 -21.18
C HIS I 107 -1.73 43.42 -21.41
N PRO I 108 -1.87 43.97 -22.63
CA PRO I 108 -1.40 45.33 -22.83
C PRO I 108 -2.45 46.30 -22.27
N TYR I 109 -2.00 47.43 -21.75
CA TYR I 109 -2.94 48.44 -21.33
C TYR I 109 -3.19 49.29 -22.56
N ILE I 110 -4.46 49.55 -22.84
CA ILE I 110 -4.83 50.30 -24.04
C ILE I 110 -5.30 51.69 -23.64
N GLN I 111 -4.47 52.69 -23.92
CA GLN I 111 -4.77 54.06 -23.53
C GLN I 111 -6.08 54.51 -24.17
N ASN I 112 -6.14 54.37 -25.51
CA ASN I 112 -7.26 54.86 -26.27
C ASN I 112 -7.81 53.77 -27.15
N PRO I 113 -8.92 53.17 -26.73
CA PRO I 113 -9.53 52.10 -27.53
C PRO I 113 -10.18 52.59 -28.84
N ASP I 114 -10.18 51.72 -29.83
CA ASP I 114 -10.71 51.99 -31.16
C ASP I 114 -11.46 50.78 -31.73
N PRO I 115 -12.51 50.30 -31.03
CA PRO I 115 -13.09 49.03 -31.49
C PRO I 115 -13.71 49.11 -32.87
N ALA I 116 -13.27 48.22 -33.75
CA ALA I 116 -13.80 48.16 -35.08
C ALA I 116 -13.84 46.71 -35.54
N VAL I 117 -14.81 46.39 -36.41
CA VAL I 117 -14.90 45.07 -37.01
C VAL I 117 -14.80 45.19 -38.51
N TYR I 118 -13.72 44.69 -39.09
CA TYR I 118 -13.48 44.80 -40.54
C TYR I 118 -13.71 43.51 -41.27
N GLN I 119 -14.06 43.60 -42.56
CA GLN I 119 -14.07 42.43 -43.43
C GLN I 119 -12.82 42.44 -44.32
N LEU I 120 -12.25 41.29 -44.59
CA LEU I 120 -11.01 41.22 -45.33
C LEU I 120 -11.18 40.55 -46.70
N ARG I 121 -10.34 41.00 -47.64
CA ARG I 121 -10.30 40.58 -49.06
C ARG I 121 -9.60 39.23 -49.30
N GLY I 122 -10.37 38.18 -49.50
CA GLY I 122 -9.78 36.91 -49.88
C GLY I 122 -9.47 36.81 -51.36
N SER I 123 -8.89 35.67 -51.77
CA SER I 123 -8.66 35.39 -53.20
C SER I 123 -9.97 35.13 -53.98
N LYS I 124 -9.95 35.31 -55.29
CA LYS I 124 -11.19 35.16 -56.09
C LYS I 124 -11.73 33.71 -56.23
N SER I 125 -10.88 32.71 -56.11
CA SER I 125 -11.36 31.32 -56.20
C SER I 125 -12.03 30.90 -54.90
N ASN I 126 -11.54 31.48 -53.81
CA ASN I 126 -12.05 31.31 -52.47
C ASN I 126 -13.26 32.17 -52.12
N ASP I 127 -14.20 31.60 -51.38
CA ASP I 127 -15.08 32.50 -50.65
C ASP I 127 -15.25 31.84 -49.29
N THR I 128 -14.12 31.80 -48.60
CA THR I 128 -14.07 31.72 -47.16
C THR I 128 -14.03 33.23 -46.83
N SER I 129 -14.86 33.68 -45.91
CA SER I 129 -14.86 35.09 -45.56
C SER I 129 -14.20 35.29 -44.21
N VAL I 130 -13.45 36.37 -44.06
CA VAL I 130 -12.75 36.58 -42.80
C VAL I 130 -13.10 37.93 -42.20
N CYS I 131 -13.49 37.93 -40.93
CA CYS I 131 -13.75 39.19 -40.23
C CYS I 131 -12.75 39.37 -39.10
N LEU I 132 -12.33 40.60 -38.86
CA LEU I 132 -11.32 40.87 -37.85
C LEU I 132 -11.81 41.92 -36.88
N PHE I 133 -12.06 41.48 -35.64
CA PHE I 133 -12.37 42.39 -34.54
C PHE I 133 -11.05 42.89 -33.94
N THR I 134 -10.89 44.20 -33.80
CA THR I 134 -9.58 44.69 -33.38
C THR I 134 -9.62 46.03 -32.66
N ASP I 135 -8.55 46.32 -31.93
CA ASP I 135 -8.32 47.57 -31.20
C ASP I 135 -9.32 47.80 -30.07
N PHE I 136 -9.88 46.71 -29.55
CA PHE I 136 -10.69 46.76 -28.34
C PHE I 136 -9.80 46.63 -27.07
N ASP I 137 -10.38 46.72 -25.88
CA ASP I 137 -9.59 46.69 -24.65
C ASP I 137 -9.43 45.28 -24.10
N SER I 138 -8.48 45.14 -23.18
CA SER I 138 -8.12 43.85 -22.62
C SER I 138 -9.14 43.36 -21.59
N VAL I 139 -9.91 44.29 -21.02
CA VAL I 139 -10.93 43.96 -20.02
C VAL I 139 -11.98 43.01 -20.61
N MET I 140 -12.43 43.36 -21.80
CA MET I 140 -13.50 42.67 -22.49
C MET I 140 -13.15 41.27 -22.98
N ASN I 141 -14.07 40.32 -22.83
CA ASN I 141 -13.87 38.95 -23.28
C ASN I 141 -14.43 38.74 -24.69
N VAL I 142 -13.85 37.79 -25.43
CA VAL I 142 -14.32 37.41 -26.75
C VAL I 142 -14.84 35.97 -26.70
N SER I 143 -16.08 35.75 -27.09
CA SER I 143 -16.63 34.40 -26.92
C SER I 143 -16.49 33.48 -28.12
N GLN I 144 -16.62 32.18 -27.88
CA GLN I 144 -16.61 31.25 -28.99
C GLN I 144 -17.94 31.43 -29.70
N SER I 145 -18.02 30.98 -30.94
CA SER I 145 -19.26 31.17 -31.65
C SER I 145 -20.23 30.01 -31.43
N LYS I 146 -21.49 30.34 -31.24
CA LYS I 146 -22.56 29.34 -31.06
C LYS I 146 -23.00 28.79 -32.42
N ASP I 147 -22.69 29.52 -33.48
CA ASP I 147 -23.04 29.09 -34.83
C ASP I 147 -21.98 28.11 -35.29
N SER I 148 -22.43 26.92 -35.70
CA SER I 148 -21.55 25.85 -36.16
C SER I 148 -20.75 26.17 -37.43
N ASP I 149 -21.27 27.08 -38.24
CA ASP I 149 -20.64 27.40 -39.52
C ASP I 149 -19.68 28.57 -39.38
N VAL I 150 -19.60 29.11 -38.16
CA VAL I 150 -18.71 30.22 -37.84
C VAL I 150 -17.63 29.82 -36.82
N HIS I 151 -16.40 30.21 -37.12
CA HIS I 151 -15.24 29.89 -36.32
C HIS I 151 -14.57 31.15 -35.78
N ILE I 152 -14.30 31.17 -34.48
CA ILE I 152 -13.65 32.29 -33.85
C ILE I 152 -12.37 31.89 -33.07
N THR I 153 -11.27 32.55 -33.42
CA THR I 153 -10.03 32.40 -32.68
C THR I 153 -10.20 33.12 -31.34
N ASP I 154 -9.35 32.81 -30.38
CA ASP I 154 -9.37 33.52 -29.12
C ASP I 154 -8.64 34.86 -29.21
N LYS I 155 -8.76 35.66 -28.15
CA LYS I 155 -8.08 36.95 -28.06
C LYS I 155 -6.57 36.76 -28.24
N CYS I 156 -5.99 37.53 -29.13
CA CYS I 156 -4.59 37.40 -29.44
C CYS I 156 -3.94 38.78 -29.32
N VAL I 157 -2.76 38.87 -28.74
CA VAL I 157 -2.16 40.19 -28.55
C VAL I 157 -1.07 40.39 -29.60
N LEU I 158 -1.22 41.45 -30.37
CA LEU I 158 -0.29 41.77 -31.45
C LEU I 158 0.56 42.94 -30.97
N ASP I 159 1.87 42.81 -31.06
CA ASP I 159 2.70 43.87 -30.57
C ASP I 159 3.51 44.46 -31.71
N MET I 160 3.19 45.71 -32.05
CA MET I 160 3.85 46.37 -33.17
C MET I 160 5.02 47.18 -32.64
N ARG I 161 6.15 46.52 -32.49
CA ARG I 161 7.32 47.15 -31.89
C ARG I 161 7.74 48.38 -32.69
N SER I 162 7.52 48.34 -34.00
CA SER I 162 7.90 49.43 -34.88
C SER I 162 7.16 50.73 -34.60
N MET I 163 5.84 50.65 -34.42
CA MET I 163 5.07 51.85 -34.15
C MET I 163 4.78 52.03 -32.65
N ASP I 164 5.44 51.23 -31.82
CA ASP I 164 5.33 51.28 -30.36
C ASP I 164 3.84 51.16 -29.92
N PHE I 165 3.10 50.27 -30.59
CA PHE I 165 1.65 50.19 -30.47
C PHE I 165 1.07 48.78 -30.25
N LYS I 166 0.52 48.51 -29.07
CA LYS I 166 0.07 47.15 -28.78
C LYS I 166 -1.41 47.10 -29.07
N SER I 167 -1.91 45.91 -29.38
CA SER I 167 -3.21 45.74 -30.00
C SER I 167 -3.87 44.41 -29.64
N ASN I 168 -5.16 44.43 -29.32
CA ASN I 168 -5.89 43.20 -29.04
C ASN I 168 -6.57 42.77 -30.32
N GLY I 169 -6.79 41.48 -30.54
CA GLY I 169 -7.48 41.11 -31.76
C GLY I 169 -8.04 39.71 -31.83
N ALA I 170 -9.07 39.54 -32.66
CA ALA I 170 -9.71 38.24 -32.84
C ALA I 170 -10.21 38.04 -34.27
N VAL I 171 -10.20 36.80 -34.74
CA VAL I 171 -10.52 36.50 -36.13
C VAL I 171 -11.70 35.55 -36.23
N ALA I 172 -12.64 35.86 -37.12
CA ALA I 172 -13.80 35.01 -37.38
C ALA I 172 -13.73 34.57 -38.82
N TRP I 173 -14.13 33.34 -39.10
CA TRP I 173 -14.16 32.93 -40.50
C TRP I 173 -15.26 31.91 -40.79
N SER I 174 -15.84 32.04 -41.97
CA SER I 174 -16.96 31.20 -42.33
C SER I 174 -17.02 30.97 -43.83
N ASN I 175 -17.79 29.95 -44.23
CA ASN I 175 -18.01 29.69 -45.65
C ASN I 175 -19.44 29.95 -46.08
N LYS I 176 -20.26 30.50 -45.18
CA LYS I 176 -21.63 30.85 -45.51
C LYS I 176 -21.53 31.87 -46.64
N SER I 177 -22.43 31.79 -47.60
CA SER I 177 -22.39 32.64 -48.78
C SER I 177 -22.26 34.09 -48.52
N ASP I 178 -23.22 34.65 -47.84
CA ASP I 178 -23.12 36.04 -47.53
C ASP I 178 -22.94 35.92 -46.06
N PHE I 179 -21.76 36.28 -45.59
CA PHE I 179 -21.45 36.20 -44.20
C PHE I 179 -21.07 37.59 -43.86
N ALA I 180 -21.84 38.21 -43.02
CA ALA I 180 -21.62 39.61 -42.69
C ALA I 180 -20.95 39.70 -41.35
N CYS I 181 -20.19 40.78 -41.16
CA CYS I 181 -19.36 40.92 -39.98
C CYS I 181 -20.03 41.70 -38.87
N THR I 182 -21.11 42.37 -39.25
CA THR I 182 -22.12 42.84 -38.32
C THR I 182 -22.59 41.73 -37.37
N SER I 183 -22.67 40.51 -37.91
CA SER I 183 -23.21 39.37 -37.19
C SER I 183 -22.22 38.41 -36.51
N ALA I 184 -20.99 38.37 -37.01
CA ALA I 184 -20.03 37.35 -36.59
C ALA I 184 -19.77 37.29 -35.08
N PHE I 185 -19.59 38.43 -34.42
CA PHE I 185 -19.27 38.46 -32.98
C PHE I 185 -20.46 38.69 -32.06
N LYS I 186 -21.65 38.24 -32.46
CA LYS I 186 -22.88 38.56 -31.75
C LYS I 186 -22.95 37.83 -30.42
N ASP I 187 -22.16 36.76 -30.29
CA ASP I 187 -22.01 36.02 -29.04
C ASP I 187 -21.15 36.71 -27.98
N SER I 188 -20.59 37.88 -28.32
CA SER I 188 -19.77 38.61 -27.37
C SER I 188 -20.45 39.94 -27.12
N VAL I 189 -20.09 40.60 -26.01
CA VAL I 189 -20.65 41.91 -25.70
C VAL I 189 -19.78 43.00 -26.36
N ILE I 190 -20.19 43.39 -27.56
CA ILE I 190 -19.48 44.36 -28.38
C ILE I 190 -19.66 45.74 -27.73
N PRO I 191 -18.59 46.57 -27.68
CA PRO I 191 -18.74 47.93 -27.15
C PRO I 191 -19.70 48.73 -28.01
N ALA I 192 -20.43 49.67 -27.43
CA ALA I 192 -21.48 50.39 -28.17
C ALA I 192 -20.96 51.19 -29.36
N ASP I 193 -19.73 51.74 -29.24
CA ASP I 193 -19.17 52.62 -30.26
C ASP I 193 -18.31 51.90 -31.30
N THR I 194 -18.50 50.59 -31.43
CA THR I 194 -17.72 49.81 -32.38
C THR I 194 -18.03 50.22 -33.82
N PHE I 195 -16.94 50.50 -34.53
CA PHE I 195 -16.98 50.94 -35.90
C PHE I 195 -17.26 49.80 -36.90
N PHE I 196 -18.36 49.91 -37.66
CA PHE I 196 -18.66 48.90 -38.68
C PHE I 196 -18.71 49.48 -40.10
N PRO I 197 -17.55 49.53 -40.78
CA PRO I 197 -17.53 49.97 -42.18
C PRO I 197 -18.19 48.99 -43.14
N GLY I 198 -18.94 49.51 -44.11
CA GLY I 198 -19.63 48.67 -45.08
C GLY I 198 -20.26 49.43 -46.25
N ASP J 1 23.50 25.67 -25.42
CA ASP J 1 23.89 24.61 -26.35
C ASP J 1 24.02 23.24 -25.63
N THR J 2 23.54 23.16 -24.40
CA THR J 2 23.60 21.88 -23.70
C THR J 2 22.22 21.65 -23.09
N ALA J 3 21.60 20.52 -23.45
CA ALA J 3 20.20 20.33 -23.12
C ALA J 3 19.70 18.91 -23.37
N VAL J 4 18.43 18.73 -23.04
CA VAL J 4 17.73 17.50 -23.33
C VAL J 4 17.22 17.55 -24.76
N SER J 5 17.59 16.54 -25.55
CA SER J 5 17.17 16.46 -26.95
C SER J 5 16.21 15.32 -27.08
N GLN J 6 15.27 15.48 -28.01
CA GLN J 6 14.20 14.52 -28.15
C GLN J 6 13.79 14.44 -29.60
N THR J 7 13.55 13.22 -30.10
CA THR J 7 13.19 13.01 -31.52
C THR J 7 12.21 11.82 -31.69
N PRO J 8 11.24 11.94 -32.62
CA PRO J 8 10.95 13.07 -33.52
C PRO J 8 10.09 14.13 -32.85
N LYS J 9 9.63 15.15 -33.57
CA LYS J 9 8.83 16.14 -32.89
C LYS J 9 7.33 15.81 -33.03
N TYR J 10 6.94 15.20 -34.14
CA TYR J 10 5.54 14.84 -34.36
C TYR J 10 5.36 13.40 -34.84
N LEU J 11 4.23 12.78 -34.56
CA LEU J 11 3.98 11.42 -34.99
C LEU J 11 2.54 11.09 -35.15
N VAL J 12 2.20 10.43 -36.25
CA VAL J 12 0.82 10.02 -36.51
C VAL J 12 0.90 8.54 -36.82
N ARG J 13 0.29 7.70 -35.99
CA ARG J 13 0.41 6.28 -36.25
C ARG J 13 -0.91 5.59 -36.15
N GLN J 14 -0.99 4.39 -36.69
CA GLN J 14 -2.19 3.59 -36.66
C GLN J 14 -2.19 2.75 -35.38
N THR J 15 -3.36 2.41 -34.86
CA THR J 15 -3.38 1.50 -33.73
C THR J 15 -2.64 0.18 -34.01
N GLY J 16 -2.11 -0.42 -32.96
CA GLY J 16 -1.49 -1.73 -33.09
C GLY J 16 -0.06 -1.75 -33.58
N LYS J 17 0.37 -0.68 -34.26
CA LYS J 17 1.76 -0.59 -34.75
C LYS J 17 2.73 -0.27 -33.60
N ASN J 18 4.02 -0.26 -33.89
CA ASN J 18 5.00 -0.06 -32.82
C ASN J 18 5.74 1.25 -32.98
N GLU J 19 6.24 1.76 -31.87
CA GLU J 19 6.89 3.06 -31.92
C GLU J 19 8.02 3.18 -30.94
N SER J 20 9.00 3.99 -31.33
CA SER J 20 10.19 4.22 -30.57
C SER J 20 10.32 5.72 -30.40
N LEU J 21 10.32 6.17 -29.16
CA LEU J 21 10.60 7.55 -28.83
C LEU J 21 12.02 7.70 -28.29
N LYS J 22 12.78 8.66 -28.81
CA LYS J 22 14.17 8.77 -28.38
C LYS J 22 14.52 10.05 -27.60
N CYS J 23 15.21 9.82 -26.50
CA CYS J 23 15.64 10.88 -25.59
C CYS J 23 17.14 10.84 -25.30
N GLU J 24 17.77 11.99 -25.45
CA GLU J 24 19.20 12.15 -25.27
C GLU J 24 19.58 13.40 -24.52
N GLN J 25 20.46 13.26 -23.56
CA GLN J 25 20.89 14.37 -22.79
C GLN J 25 22.38 14.40 -22.63
N ASN J 26 22.99 15.55 -22.77
CA ASN J 26 24.42 15.63 -22.62
C ASN J 26 24.73 16.55 -21.49
N LEU J 27 24.01 16.40 -20.41
CA LEU J 27 24.19 17.26 -19.23
C LEU J 27 25.05 16.65 -18.13
N GLY J 28 25.35 15.36 -18.27
CA GLY J 28 26.08 14.63 -17.25
C GLY J 28 25.17 14.02 -16.21
N HIS J 29 23.87 14.23 -16.35
CA HIS J 29 22.94 13.79 -15.34
C HIS J 29 22.86 12.27 -15.26
N ASN J 30 22.58 11.77 -14.08
CA ASN J 30 22.47 10.34 -13.84
C ASN J 30 21.03 9.85 -13.78
N ALA J 31 20.08 10.80 -13.71
CA ALA J 31 18.67 10.47 -13.57
C ALA J 31 17.86 10.95 -14.78
N MET J 32 17.04 10.08 -15.37
CA MET J 32 16.24 10.47 -16.53
C MET J 32 14.77 10.10 -16.29
N TYR J 33 13.87 10.87 -16.87
CA TYR J 33 12.46 10.71 -16.58
C TYR J 33 11.63 10.71 -17.86
N TRP J 34 10.53 9.96 -17.87
CA TRP J 34 9.52 10.12 -18.93
C TRP J 34 8.23 10.59 -18.31
N TYR J 35 7.65 11.64 -18.91
CA TYR J 35 6.38 12.19 -18.48
C TYR J 35 5.41 12.13 -19.67
N LYS J 36 4.17 11.78 -19.40
CA LYS J 36 3.08 11.80 -20.38
C LYS J 36 2.16 12.99 -20.14
N GLN J 37 1.78 13.70 -21.19
CA GLN J 37 0.82 14.78 -21.07
C GLN J 37 -0.32 14.69 -22.11
N ASP J 38 -1.43 14.10 -21.74
CA ASP J 38 -2.58 13.97 -22.66
C ASP J 38 -3.36 15.26 -22.82
N SER J 39 -4.51 15.17 -23.49
CA SER J 39 -5.35 16.33 -23.76
C SER J 39 -5.94 17.03 -22.52
N LYS J 40 -5.93 16.36 -21.38
CA LYS J 40 -6.45 16.98 -20.20
C LYS J 40 -5.42 17.83 -19.50
N LYS J 41 -4.22 17.85 -20.06
CA LYS J 41 -3.05 18.64 -19.65
C LYS J 41 -2.36 18.41 -18.34
N LEU J 42 -2.42 17.22 -17.82
CA LEU J 42 -1.75 16.93 -16.55
C LEU J 42 -0.53 16.08 -16.85
N LEU J 43 0.63 16.50 -16.35
CA LEU J 43 1.81 15.75 -16.63
C LEU J 43 1.90 14.65 -15.67
N LYS J 44 1.87 13.44 -16.19
CA LYS J 44 2.01 12.24 -15.32
C LYS J 44 3.35 11.56 -15.57
N ILE J 45 4.01 11.13 -14.53
CA ILE J 45 5.26 10.45 -14.64
C ILE J 45 5.01 9.01 -15.04
N MET J 46 5.92 8.46 -15.82
CA MET J 46 5.85 7.12 -16.31
C MET J 46 6.99 6.28 -15.83
N PHE J 47 8.20 6.70 -16.13
CA PHE J 47 9.40 5.97 -15.75
C PHE J 47 10.44 6.89 -15.16
N ILE J 48 11.19 6.38 -14.18
CA ILE J 48 12.34 7.07 -13.63
C ILE J 48 13.53 6.13 -13.66
N TYR J 49 14.62 6.55 -14.31
CA TYR J 49 15.85 5.74 -14.37
C TYR J 49 17.00 6.49 -13.74
N ASN J 50 17.85 5.76 -13.03
CA ASN J 50 18.99 6.34 -12.34
C ASN J 50 20.19 5.46 -12.57
N ASN J 51 21.16 5.95 -13.34
CA ASN J 51 22.36 5.15 -13.64
C ASN J 51 22.02 3.81 -14.27
N LYS J 52 21.15 3.87 -15.27
CA LYS J 52 20.70 2.74 -16.09
C LYS J 52 19.85 1.74 -15.32
N GLU J 53 19.27 2.16 -14.20
CA GLU J 53 18.44 1.22 -13.45
C GLU J 53 17.02 1.74 -13.20
N PRO J 54 16.01 0.85 -13.35
CA PRO J 54 14.63 1.18 -12.97
C PRO J 54 14.51 1.59 -11.51
N ILE J 55 13.84 2.71 -11.27
CA ILE J 55 13.56 3.20 -9.93
C ILE J 55 12.07 3.22 -9.76
N LEU J 56 11.37 3.65 -10.80
CA LEU J 56 9.92 3.75 -10.75
C LEU J 56 9.25 3.39 -12.08
N ASN J 57 8.16 2.65 -11.97
CA ASN J 57 7.37 2.20 -13.12
C ASN J 57 5.87 2.33 -12.86
N GLU J 58 5.27 3.39 -13.42
CA GLU J 58 3.86 3.69 -13.20
C GLU J 58 2.96 3.34 -14.40
N THR J 59 3.55 2.73 -15.42
CA THR J 59 2.79 2.38 -16.62
C THR J 59 2.06 1.06 -16.46
N VAL J 60 1.16 0.79 -17.41
CA VAL J 60 0.64 -0.55 -17.58
C VAL J 60 1.76 -1.49 -18.02
N PRO J 61 1.99 -2.53 -17.24
CA PRO J 61 3.05 -3.49 -17.52
C PRO J 61 2.91 -4.17 -18.86
N TYR J 62 4.07 -4.50 -19.40
CA TYR J 62 4.29 -5.19 -20.66
C TYR J 62 3.90 -4.48 -21.93
N ARG J 63 4.04 -3.17 -22.03
CA ARG J 63 3.73 -2.53 -23.30
C ARG J 63 4.69 -1.42 -23.53
N PHE J 64 5.05 -0.79 -22.44
CA PHE J 64 6.09 0.23 -22.46
C PHE J 64 7.42 -0.37 -22.05
N SER J 65 8.42 -0.28 -22.94
CA SER J 65 9.71 -0.93 -22.66
C SER J 65 10.90 0.02 -22.83
N PRO J 66 11.30 0.65 -21.71
CA PRO J 66 12.45 1.57 -21.70
C PRO J 66 13.77 0.82 -21.90
N LYS J 67 14.64 1.46 -22.69
CA LYS J 67 15.97 0.96 -22.98
C LYS J 67 16.96 2.06 -22.63
N SER J 68 18.05 1.70 -21.97
CA SER J 68 19.05 2.68 -21.56
C SER J 68 20.45 2.11 -21.75
N PRO J 69 20.95 2.09 -23.00
CA PRO J 69 22.30 1.60 -23.31
C PRO J 69 23.38 2.21 -22.39
N ASP J 70 23.31 3.52 -22.24
CA ASP J 70 24.11 4.24 -21.26
C ASP J 70 23.23 5.24 -20.47
N LYS J 71 23.83 6.05 -19.60
CA LYS J 71 23.02 6.91 -18.73
C LYS J 71 22.64 8.24 -19.37
N ALA J 72 23.12 8.49 -20.60
CA ALA J 72 22.70 9.70 -21.33
C ALA J 72 21.48 9.46 -22.23
N HIS J 73 21.08 8.20 -22.40
CA HIS J 73 19.95 7.86 -23.26
C HIS J 73 18.95 7.03 -22.47
N LEU J 74 17.70 7.47 -22.49
CA LEU J 74 16.60 6.65 -22.03
C LEU J 74 15.58 6.65 -23.14
N ASN J 75 15.47 5.53 -23.86
CA ASN J 75 14.57 5.51 -25.00
C ASN J 75 13.31 4.75 -24.69
N LEU J 76 12.21 5.18 -25.29
CA LEU J 76 10.91 4.60 -25.00
C LEU J 76 10.41 3.80 -26.17
N HIS J 77 10.34 2.49 -25.98
CA HIS J 77 9.86 1.61 -27.02
C HIS J 77 8.51 1.11 -26.55
N ILE J 78 7.46 1.57 -27.23
CA ILE J 78 6.12 1.19 -26.86
C ILE J 78 5.56 0.35 -27.99
N LYS J 79 4.96 -0.78 -27.66
CA LYS J 79 4.44 -1.65 -28.67
C LYS J 79 2.95 -1.68 -28.67
N SER J 80 2.39 -2.09 -29.80
CA SER J 80 0.97 -2.20 -29.95
C SER J 80 0.18 -0.99 -29.55
N LEU J 81 0.47 0.14 -30.16
CA LEU J 81 -0.21 1.38 -29.87
C LEU J 81 -1.70 1.34 -29.75
N GLU J 82 -2.20 2.07 -28.77
CA GLU J 82 -3.62 2.18 -28.52
C GLU J 82 -4.07 3.64 -28.62
N LEU J 83 -5.38 3.87 -28.56
CA LEU J 83 -5.90 5.20 -28.76
C LEU J 83 -5.55 6.13 -27.60
N GLY J 84 -5.48 5.57 -26.40
CA GLY J 84 -5.25 6.36 -25.22
C GLY J 84 -3.82 6.87 -25.14
N ASP J 85 -2.95 6.29 -25.95
CA ASP J 85 -1.54 6.64 -25.95
C ASP J 85 -1.27 7.99 -26.61
N SER J 86 -2.33 8.65 -27.06
CA SER J 86 -2.22 9.97 -27.66
C SER J 86 -1.86 10.99 -26.62
N ALA J 87 -0.71 11.67 -26.79
CA ALA J 87 -0.22 12.64 -25.81
C ALA J 87 1.05 13.30 -26.32
N VAL J 88 1.52 14.31 -25.60
CA VAL J 88 2.89 14.76 -25.77
C VAL J 88 3.76 14.04 -24.74
N TYR J 89 4.85 13.41 -25.18
CA TYR J 89 5.72 12.70 -24.25
C TYR J 89 6.97 13.54 -24.05
N PHE J 90 7.24 13.90 -22.81
CA PHE J 90 8.39 14.72 -22.42
C PHE J 90 9.39 13.87 -21.70
N CYS J 91 10.68 13.96 -22.04
CA CYS J 91 11.65 13.29 -21.19
C CYS J 91 12.44 14.35 -20.45
N ALA J 92 12.89 13.99 -19.26
CA ALA J 92 13.60 14.93 -18.43
C ALA J 92 14.83 14.31 -17.79
N SER J 93 15.68 15.12 -17.21
CA SER J 93 16.78 14.60 -16.45
C SER J 93 17.15 15.50 -15.29
N SER J 94 17.78 14.93 -14.28
CA SER J 94 18.32 15.70 -13.17
C SER J 94 19.70 15.14 -12.87
N GLN J 95 20.54 15.95 -12.23
CA GLN J 95 21.87 15.53 -11.81
C GLN J 95 21.82 14.21 -11.03
N ASP J 96 20.91 14.09 -10.08
CA ASP J 96 20.77 12.84 -9.30
C ASP J 96 19.36 12.73 -8.72
N LEU J 97 18.95 11.53 -8.29
CA LEU J 97 17.85 11.45 -7.33
C LEU J 97 18.36 11.87 -5.95
N GLY J 98 17.61 12.71 -5.26
CA GLY J 98 18.03 13.09 -3.92
C GLY J 98 17.99 11.92 -2.93
N ALA J 99 18.76 12.02 -1.86
CA ALA J 99 18.43 11.27 -0.65
C ALA J 99 18.17 12.26 0.49
N GLY J 100 17.60 13.40 0.17
CA GLY J 100 17.36 14.41 1.17
C GLY J 100 17.51 15.77 0.54
N GLU J 101 18.55 15.94 -0.26
CA GLU J 101 18.78 17.16 -1.00
C GLU J 101 17.96 17.05 -2.28
N VAL J 102 17.76 18.17 -2.97
CA VAL J 102 16.85 18.16 -4.13
C VAL J 102 17.48 18.76 -5.41
N TYR J 103 17.12 18.20 -6.56
CA TYR J 103 17.68 18.59 -7.86
C TYR J 103 16.59 19.02 -8.84
N GLU J 104 16.73 20.19 -9.47
CA GLU J 104 15.75 20.56 -10.49
C GLU J 104 15.83 19.63 -11.70
N GLN J 105 14.71 19.48 -12.40
CA GLN J 105 14.66 18.64 -13.59
C GLN J 105 14.74 19.54 -14.82
N TYR J 106 15.40 19.04 -15.86
CA TYR J 106 15.44 19.72 -17.14
C TYR J 106 14.62 18.95 -18.15
N PHE J 107 13.82 19.64 -18.95
CA PHE J 107 12.92 18.94 -19.85
C PHE J 107 13.31 19.12 -21.33
N GLY J 108 13.16 18.05 -22.10
CA GLY J 108 13.24 18.10 -23.55
C GLY J 108 11.99 18.74 -24.15
N PRO J 109 11.96 18.86 -25.48
CA PRO J 109 10.91 19.62 -26.18
C PRO J 109 9.58 18.86 -26.37
N GLY J 110 9.61 17.56 -26.13
CA GLY J 110 8.45 16.71 -26.27
C GLY J 110 8.36 16.16 -27.69
N THR J 111 7.69 15.02 -27.84
CA THR J 111 7.31 14.54 -29.15
C THR J 111 5.78 14.39 -29.08
N ARG J 112 5.03 15.04 -29.97
CA ARG J 112 3.58 14.91 -29.89
C ARG J 112 3.12 13.72 -30.70
N LEU J 113 2.57 12.73 -30.03
CA LEU J 113 2.17 11.52 -30.71
C LEU J 113 0.63 11.36 -30.76
N THR J 114 0.09 11.30 -31.98
CA THR J 114 -1.34 11.09 -32.19
C THR J 114 -1.62 9.67 -32.71
N VAL J 115 -2.48 8.94 -32.01
CA VAL J 115 -2.90 7.62 -32.48
C VAL J 115 -4.33 7.65 -33.03
N ILE J 116 -4.48 7.05 -34.20
CA ILE J 116 -5.75 7.01 -34.89
C ILE J 116 -6.11 5.58 -35.21
N GLU J 117 -7.40 5.28 -35.29
CA GLU J 117 -7.78 3.96 -35.75
C GLU J 117 -7.78 3.83 -37.27
N ASP J 118 -7.61 4.94 -37.98
CA ASP J 118 -7.60 4.81 -39.42
C ASP J 118 -6.90 5.98 -40.15
N LEU J 119 -6.01 5.61 -41.06
CA LEU J 119 -5.06 6.54 -41.64
C LEU J 119 -5.66 7.33 -42.77
N LYS J 120 -6.92 7.11 -43.07
CA LYS J 120 -7.55 7.80 -44.20
C LYS J 120 -8.19 9.08 -43.74
N LYS J 121 -7.93 9.44 -42.49
CA LYS J 121 -8.55 10.61 -41.91
C LYS J 121 -7.50 11.76 -41.81
N VAL J 122 -6.27 11.48 -42.25
CA VAL J 122 -5.20 12.47 -42.27
C VAL J 122 -5.29 13.40 -43.52
N PHE J 123 -5.38 14.70 -43.30
CA PHE J 123 -5.45 15.67 -44.40
C PHE J 123 -4.52 16.86 -44.18
N PRO J 124 -3.73 17.21 -45.21
CA PRO J 124 -2.89 18.39 -45.13
C PRO J 124 -3.77 19.64 -45.17
N PRO J 125 -3.26 20.79 -44.70
CA PRO J 125 -4.05 22.02 -44.67
C PRO J 125 -4.28 22.68 -46.04
N LYS J 126 -5.38 23.41 -46.16
CA LYS J 126 -5.54 24.36 -47.25
C LYS J 126 -5.12 25.71 -46.66
N VAL J 127 -4.37 26.52 -47.41
CA VAL J 127 -3.84 27.75 -46.87
C VAL J 127 -4.16 28.99 -47.71
N ALA J 128 -4.69 30.02 -47.07
CA ALA J 128 -5.08 31.25 -47.73
C ALA J 128 -4.58 32.47 -46.96
N VAL J 129 -4.37 33.56 -47.71
CA VAL J 129 -4.02 34.88 -47.17
C VAL J 129 -5.19 35.78 -47.45
N PHE J 130 -5.44 36.73 -46.56
CA PHE J 130 -6.56 37.66 -46.71
C PHE J 130 -6.04 39.07 -46.59
N GLU J 131 -6.02 39.79 -47.70
CA GLU J 131 -5.45 41.12 -47.76
C GLU J 131 -6.21 42.11 -46.86
N PRO J 132 -5.57 43.25 -46.51
CA PRO J 132 -6.16 44.24 -45.62
C PRO J 132 -7.44 44.89 -46.14
N SER J 133 -8.28 45.29 -45.20
CA SER J 133 -9.45 46.07 -45.51
C SER J 133 -9.04 47.52 -45.73
N GLU J 134 -9.55 48.12 -46.79
CA GLU J 134 -9.17 49.49 -47.10
C GLU J 134 -9.80 50.45 -46.09
N ALA J 135 -10.86 50.01 -45.42
CA ALA J 135 -11.46 50.79 -44.35
C ALA J 135 -10.48 50.92 -43.16
N GLU J 136 -9.76 49.82 -42.88
CA GLU J 136 -8.91 49.79 -41.72
C GLU J 136 -7.69 50.67 -41.97
N ILE J 137 -7.26 50.69 -43.22
CA ILE J 137 -6.23 51.59 -43.65
C ILE J 137 -6.61 53.07 -43.54
N SER J 138 -7.86 53.42 -43.82
CA SER J 138 -8.33 54.79 -43.67
C SER J 138 -8.35 55.19 -42.21
N HIS J 139 -9.10 54.43 -41.43
CA HIS J 139 -9.39 54.74 -40.03
C HIS J 139 -8.18 54.66 -39.09
N THR J 140 -7.17 53.90 -39.47
CA THR J 140 -6.09 53.59 -38.54
C THR J 140 -4.69 53.82 -39.09
N GLN J 141 -4.55 53.83 -40.42
CA GLN J 141 -3.24 53.93 -41.10
C GLN J 141 -2.39 52.67 -40.87
N LYS J 142 -3.05 51.62 -40.41
CA LYS J 142 -2.44 50.30 -40.25
C LYS J 142 -3.09 49.30 -41.18
N ALA J 143 -2.40 48.21 -41.51
CA ALA J 143 -2.95 47.21 -42.41
C ALA J 143 -2.73 45.82 -41.86
N THR J 144 -3.80 45.04 -41.77
CA THR J 144 -3.72 43.70 -41.17
C THR J 144 -4.00 42.62 -42.16
N LEU J 145 -3.07 41.70 -42.31
CA LEU J 145 -3.25 40.51 -43.14
C LEU J 145 -3.50 39.29 -42.28
N VAL J 146 -4.46 38.48 -42.69
CA VAL J 146 -4.70 37.23 -42.01
C VAL J 146 -4.30 36.00 -42.82
N CYS J 147 -3.67 35.05 -42.15
CA CYS J 147 -3.51 33.73 -42.74
C CYS J 147 -4.42 32.70 -42.05
N LEU J 148 -5.19 31.95 -42.84
CA LEU J 148 -5.99 30.80 -42.38
C LEU J 148 -5.46 29.47 -42.85
N ALA J 149 -5.22 28.57 -41.91
CA ALA J 149 -4.96 27.18 -42.22
C ALA J 149 -6.20 26.36 -41.88
N THR J 150 -6.78 25.70 -42.86
CA THR J 150 -8.03 24.99 -42.64
C THR J 150 -7.98 23.53 -43.07
N GLY J 151 -8.88 22.74 -42.50
CA GLY J 151 -9.17 21.39 -42.91
C GLY J 151 -8.07 20.35 -42.80
N PHE J 152 -7.16 20.51 -41.86
CA PHE J 152 -6.05 19.56 -41.70
C PHE J 152 -6.28 18.68 -40.51
N TYR J 153 -5.65 17.50 -40.51
CA TYR J 153 -5.72 16.57 -39.39
C TYR J 153 -4.53 15.60 -39.42
N PRO J 154 -3.92 15.38 -38.28
CA PRO J 154 -4.20 16.00 -36.99
C PRO J 154 -3.63 17.39 -36.81
N ASP J 155 -3.61 17.90 -35.60
CA ASP J 155 -3.13 19.25 -35.35
C ASP J 155 -1.64 19.37 -35.25
N HIS J 156 -0.91 19.06 -36.30
CA HIS J 156 0.52 19.11 -36.31
C HIS J 156 0.94 20.06 -37.37
N VAL J 157 0.99 21.33 -37.06
CA VAL J 157 1.32 22.36 -38.02
C VAL J 157 2.06 23.48 -37.37
N GLU J 158 2.91 24.15 -38.11
CA GLU J 158 3.66 25.31 -37.67
C GLU J 158 3.47 26.38 -38.72
N LEU J 159 2.99 27.54 -38.31
CA LEU J 159 2.79 28.66 -39.19
C LEU J 159 3.93 29.68 -39.11
N SER J 160 4.29 30.32 -40.22
CA SER J 160 5.32 31.38 -40.18
C SER J 160 5.06 32.43 -41.26
N TRP J 161 5.40 33.68 -40.98
CA TRP J 161 5.23 34.72 -41.99
C TRP J 161 6.57 35.08 -42.62
N TRP J 162 6.59 35.29 -43.93
CA TRP J 162 7.83 35.66 -44.62
C TRP J 162 7.57 36.94 -45.39
N VAL J 163 8.33 37.97 -45.09
CA VAL J 163 8.15 39.24 -45.79
C VAL J 163 9.41 39.60 -46.52
N ASN J 164 9.30 39.73 -47.84
CA ASN J 164 10.44 39.95 -48.72
C ASN J 164 11.53 38.92 -48.49
N GLY J 165 11.13 37.66 -48.33
CA GLY J 165 12.06 36.58 -48.13
C GLY J 165 12.55 36.36 -46.71
N LYS J 166 12.26 37.26 -45.80
CA LYS J 166 12.74 37.11 -44.44
C LYS J 166 11.65 36.69 -43.47
N GLU J 167 11.97 35.85 -42.51
CA GLU J 167 11.01 35.35 -41.55
C GLU J 167 10.83 36.43 -40.49
N VAL J 168 9.59 36.82 -40.20
CA VAL J 168 9.40 37.88 -39.22
C VAL J 168 8.71 37.32 -38.00
N HIS J 169 9.12 37.79 -36.81
CA HIS J 169 8.41 37.46 -35.58
C HIS J 169 7.70 38.66 -34.96
N SER J 170 7.93 39.85 -35.50
CA SER J 170 7.32 41.06 -34.97
C SER J 170 6.08 41.46 -35.76
N GLY J 171 5.09 42.01 -35.05
CA GLY J 171 3.82 42.38 -35.64
C GLY J 171 2.99 41.17 -36.03
N VAL J 172 3.29 40.02 -35.42
CA VAL J 172 2.64 38.77 -35.72
C VAL J 172 1.94 38.20 -34.52
N CYS J 173 0.73 37.73 -34.72
CA CYS J 173 0.03 37.05 -33.64
C CYS J 173 -0.57 35.72 -34.14
N THR J 174 -0.01 34.60 -33.70
CA THR J 174 -0.52 33.31 -34.15
C THR J 174 -1.26 32.63 -33.01
N ASP J 175 -2.30 31.89 -33.36
CA ASP J 175 -3.03 31.10 -32.37
C ASP J 175 -2.06 30.13 -31.74
N PRO J 176 -2.05 30.07 -30.41
CA PRO J 176 -1.12 29.21 -29.66
C PRO J 176 -1.30 27.74 -30.04
N GLN J 177 -2.55 27.36 -30.33
CA GLN J 177 -2.95 25.97 -30.57
C GLN J 177 -3.90 25.90 -31.76
N PRO J 178 -3.87 24.80 -32.51
CA PRO J 178 -4.91 24.61 -33.54
C PRO J 178 -6.27 24.34 -32.88
N LEU J 179 -7.37 24.71 -33.52
CA LEU J 179 -8.68 24.57 -32.90
C LEU J 179 -9.59 23.71 -33.76
N LYS J 180 -10.44 22.92 -33.11
CA LYS J 180 -11.36 22.05 -33.82
C LYS J 180 -12.31 22.91 -34.65
N GLU J 181 -12.45 22.60 -35.94
CA GLU J 181 -13.41 23.30 -36.80
C GLU J 181 -14.83 23.10 -36.36
N GLN J 182 -15.10 21.93 -35.79
CA GLN J 182 -16.43 21.57 -35.32
C GLN J 182 -16.20 20.96 -33.94
N PRO J 183 -16.12 21.82 -32.92
CA PRO J 183 -15.66 21.37 -31.59
C PRO J 183 -16.50 20.30 -30.89
N ALA J 184 -17.74 20.09 -31.31
CA ALA J 184 -18.55 19.10 -30.62
C ALA J 184 -18.55 17.71 -31.28
N LEU J 185 -17.85 17.58 -32.40
CA LEU J 185 -17.85 16.32 -33.17
C LEU J 185 -16.60 15.48 -32.99
N GLU J 186 -16.72 14.17 -33.11
CA GLU J 186 -15.55 13.31 -32.92
C GLU J 186 -14.59 13.42 -34.10
N ASP J 187 -15.13 13.54 -35.31
CA ASP J 187 -14.29 13.54 -36.50
C ASP J 187 -14.08 14.92 -37.17
N SER J 188 -14.14 15.98 -36.36
CA SER J 188 -13.76 17.32 -36.81
C SER J 188 -12.29 17.45 -37.21
N ARG J 189 -12.03 18.35 -38.15
CA ARG J 189 -10.66 18.73 -38.51
C ARG J 189 -10.28 20.04 -37.82
N TYR J 190 -9.03 20.45 -38.00
CA TYR J 190 -8.50 21.57 -37.26
C TYR J 190 -8.26 22.77 -38.16
N CYS J 191 -8.32 23.96 -37.58
CA CYS J 191 -7.87 25.19 -38.25
C CYS J 191 -6.89 25.95 -37.35
N LEU J 192 -6.05 26.77 -37.98
CA LEU J 192 -5.09 27.58 -37.27
C LEU J 192 -5.06 28.91 -37.95
N SER J 193 -5.08 29.99 -37.16
CA SER J 193 -5.15 31.33 -37.73
C SER J 193 -4.00 32.25 -37.28
N SER J 194 -3.69 33.25 -38.08
CA SER J 194 -2.61 34.14 -37.71
C SER J 194 -2.81 35.54 -38.26
N ARG J 195 -2.12 36.52 -37.69
CA ARG J 195 -2.22 37.90 -38.12
C ARG J 195 -0.86 38.53 -38.33
N LEU J 196 -0.75 39.35 -39.35
CA LEU J 196 0.46 40.12 -39.54
C LEU J 196 0.03 41.57 -39.59
N ARG J 197 0.66 42.45 -38.83
CA ARG J 197 0.20 43.83 -38.92
C ARG J 197 1.33 44.76 -39.28
N VAL J 198 1.17 45.45 -40.39
CA VAL J 198 2.21 46.30 -40.88
C VAL J 198 1.63 47.69 -41.03
N SER J 199 2.43 48.63 -41.50
CA SER J 199 1.95 49.98 -41.67
C SER J 199 1.27 50.19 -43.02
N ALA J 200 0.52 51.27 -43.13
CA ALA J 200 -0.26 51.50 -44.33
C ALA J 200 0.67 51.82 -45.51
N THR J 201 1.79 52.53 -45.29
CA THR J 201 2.69 52.80 -46.41
C THR J 201 3.36 51.51 -46.89
N PHE J 202 3.67 50.62 -45.94
CA PHE J 202 4.37 49.40 -46.28
C PHE J 202 3.52 48.47 -47.15
N TRP J 203 2.23 48.40 -46.85
CA TRP J 203 1.35 47.54 -47.61
C TRP J 203 1.06 48.16 -49.00
N HIS J 204 1.02 49.50 -49.06
CA HIS J 204 0.73 50.25 -50.30
C HIS J 204 1.86 50.21 -51.32
N ASN J 205 2.99 49.63 -50.91
CA ASN J 205 4.14 49.48 -51.76
C ASN J 205 4.11 48.12 -52.46
N PRO J 206 3.95 48.12 -53.79
CA PRO J 206 3.73 46.89 -54.55
C PRO J 206 5.01 46.03 -54.65
N ARG J 207 6.11 46.49 -54.06
CA ARG J 207 7.37 45.76 -54.13
C ARG J 207 7.41 44.76 -52.98
N ASN J 208 6.54 45.01 -52.00
CA ASN J 208 6.44 44.17 -50.84
C ASN J 208 5.66 42.84 -51.04
N HIS J 209 6.35 41.76 -50.73
CA HIS J 209 5.86 40.41 -50.94
C HIS J 209 5.67 39.67 -49.59
N PHE J 210 4.43 39.24 -49.31
CA PHE J 210 4.08 38.56 -48.06
C PHE J 210 3.77 37.08 -48.33
N ARG J 211 4.33 36.18 -47.52
CA ARG J 211 4.10 34.76 -47.72
C ARG J 211 3.76 34.14 -46.39
N CYS J 212 2.62 33.47 -46.37
CA CYS J 212 2.20 32.66 -45.24
C CYS J 212 2.59 31.23 -45.52
N GLN J 213 3.20 30.56 -44.56
CA GLN J 213 3.66 29.20 -44.77
C GLN J 213 3.29 28.22 -43.66
N VAL J 214 2.58 27.14 -43.98
CA VAL J 214 2.29 26.16 -42.96
C VAL J 214 3.10 24.92 -43.20
N GLN J 215 3.83 24.52 -42.16
CA GLN J 215 4.53 23.24 -42.14
C GLN J 215 3.64 22.17 -41.49
N PHE J 216 3.28 21.16 -42.28
CA PHE J 216 2.38 20.11 -41.80
C PHE J 216 3.15 18.88 -41.52
N TYR J 217 2.94 18.29 -40.34
CA TYR J 217 3.58 17.04 -40.02
C TYR J 217 2.56 15.90 -40.14
N GLY J 218 2.82 15.01 -41.08
CA GLY J 218 1.93 13.92 -41.37
C GLY J 218 2.44 12.51 -41.35
N LEU J 219 2.11 11.76 -42.38
CA LEU J 219 2.46 10.34 -42.45
C LEU J 219 3.94 10.12 -42.62
N SER J 220 4.43 9.05 -41.98
CA SER J 220 5.81 8.63 -42.16
C SER J 220 5.95 7.97 -43.53
N GLU J 221 7.12 8.17 -44.14
CA GLU J 221 7.33 7.73 -45.51
C GLU J 221 7.34 6.19 -45.67
N ASP J 222 7.13 5.47 -44.56
CA ASP J 222 7.10 4.02 -44.60
C ASP J 222 5.84 3.43 -43.92
N ASP J 223 4.80 4.23 -43.77
CA ASP J 223 3.50 3.69 -43.34
C ASP J 223 2.64 3.53 -44.60
N GLU J 224 1.79 2.50 -44.61
CA GLU J 224 1.15 2.03 -45.84
C GLU J 224 -0.14 2.79 -46.22
N TRP J 225 -0.24 3.15 -47.49
CA TRP J 225 -1.36 3.96 -47.97
C TRP J 225 -2.18 3.19 -49.03
N THR J 226 -3.51 3.18 -48.90
CA THR J 226 -4.32 2.49 -49.91
C THR J 226 -5.38 3.33 -50.55
N GLU J 227 -5.21 4.64 -50.55
CA GLU J 227 -6.15 5.50 -51.21
C GLU J 227 -5.65 6.14 -52.49
N ASP J 228 -6.59 6.71 -53.25
CA ASP J 228 -6.24 7.22 -54.56
C ASP J 228 -5.68 8.65 -54.45
N ARG J 229 -6.24 9.45 -53.54
CA ARG J 229 -5.65 10.75 -53.28
C ARG J 229 -4.21 10.62 -52.81
N ASP J 230 -3.41 11.63 -53.11
CA ASP J 230 -2.00 11.63 -52.74
C ASP J 230 -1.80 11.47 -51.24
N LYS J 231 -0.65 10.95 -50.85
CA LYS J 231 -0.46 10.50 -49.49
C LYS J 231 -0.14 11.76 -48.67
N PRO J 232 -0.76 11.90 -47.49
CA PRO J 232 -0.57 13.10 -46.65
C PRO J 232 0.77 13.09 -45.86
N ILE J 233 1.87 13.26 -46.58
CA ILE J 233 3.20 13.29 -45.98
C ILE J 233 3.52 14.66 -45.38
N THR J 234 4.56 14.69 -44.53
CA THR J 234 5.06 15.94 -43.98
C THR J 234 5.31 16.88 -45.15
N GLN J 235 4.89 18.14 -45.04
CA GLN J 235 5.01 19.05 -46.18
C GLN J 235 4.71 20.50 -45.86
N LYS J 236 5.11 21.40 -46.77
CA LYS J 236 4.77 22.81 -46.70
C LYS J 236 3.72 23.20 -47.74
N ILE J 237 2.81 24.07 -47.34
CA ILE J 237 1.84 24.67 -48.24
C ILE J 237 1.87 26.17 -47.93
N SER J 238 1.86 27.00 -48.97
CA SER J 238 2.03 28.43 -48.76
C SER J 238 1.05 29.22 -49.60
N ALA J 239 0.72 30.41 -49.12
CA ALA J 239 -0.16 31.32 -49.82
C ALA J 239 0.49 32.70 -49.77
N GLU J 240 0.20 33.56 -50.75
CA GLU J 240 0.96 34.79 -50.88
C GLU J 240 0.13 35.99 -51.27
N ALA J 241 0.69 37.17 -51.04
CA ALA J 241 0.06 38.39 -51.50
C ALA J 241 1.12 39.45 -51.73
N TRP J 242 0.82 40.35 -52.64
CA TRP J 242 1.71 41.46 -52.91
C TRP J 242 1.06 42.73 -52.48
N GLY J 243 1.90 43.76 -52.38
CA GLY J 243 1.42 45.10 -52.09
C GLY J 243 0.45 45.52 -53.17
N ARG J 244 -0.44 46.41 -52.78
CA ARG J 244 -1.43 46.95 -53.67
C ARG J 244 -1.37 48.45 -53.54
N ALA J 245 -0.91 49.12 -54.59
CA ALA J 245 -0.74 50.56 -54.57
C ALA J 245 -2.07 51.28 -54.36
I IOD K . -9.81 -9.15 -11.86
I IOD L . -16.90 10.62 -5.82
I IOD M . -64.48 10.30 -17.53
I IOD N . -13.63 -16.07 -22.26
C1 EDO O . -31.28 0.38 -8.01
O1 EDO O . -30.49 -0.09 -9.12
C2 EDO O . -31.24 1.91 -7.97
O2 EDO O . -31.91 2.52 -9.11
I IOD P . -32.84 25.30 -27.78
I IOD Q . -29.59 14.84 -35.87
C TRS R . -24.91 9.63 -13.92
C1 TRS R . -26.39 9.51 -13.53
C2 TRS R . -24.61 8.83 -15.16
C3 TRS R . -23.99 9.10 -12.84
N TRS R . -24.52 11.00 -14.26
O1 TRS R . -26.88 8.18 -13.64
O2 TRS R . -23.24 9.00 -15.39
O3 TRS R . -22.68 9.19 -13.34
CA CA S . -28.32 -4.88 -35.25
C1 MYR T . -19.97 -14.73 -2.51
O1 MYR T . -19.59 -14.86 -3.70
C2 MYR T . -21.33 -14.12 -2.25
C3 MYR T . -21.78 -13.34 -3.48
C4 MYR T . -22.60 -12.12 -3.08
C5 MYR T . -21.71 -11.08 -2.39
C6 MYR T . -21.78 -9.74 -3.11
C7 MYR T . -20.46 -9.41 -3.78
C8 MYR T . -19.94 -8.05 -3.33
C9 MYR T . -18.76 -7.60 -4.19
C10 MYR T . -18.40 -6.15 -3.90
C11 MYR T . -17.46 -5.60 -4.97
C12 MYR T . -17.26 -4.10 -4.80
C13 MYR T . -17.27 -3.39 -6.15
C14 MYR T . -18.56 -2.61 -6.34
I IOD U . -20.39 -21.60 14.28
I IOD V . 11.85 -46.86 12.13
I IOD W . 21.14 -24.52 31.77
I IOD X . 18.33 -3.20 -1.04
I IOD Y . 27.13 18.48 36.92
I IOD Z . 30.79 -5.14 -4.73
C1 EDO AA . 5.39 8.16 21.23
O1 EDO AA . 5.02 9.41 20.64
C2 EDO AA . 6.37 8.41 22.38
O2 EDO AA . 6.53 7.21 23.16
I IOD BA . 32.26 -19.70 31.95
C1 EDO CA . 20.41 -2.87 22.74
O1 EDO CA . 19.89 -2.87 21.42
C2 EDO CA . 21.61 -1.95 22.77
O2 EDO CA . 21.26 -0.74 23.46
C1 MYR DA . 23.43 11.57 -1.09
O1 MYR DA . 23.83 10.39 -0.90
C2 MYR DA . 22.94 12.36 0.11
C3 MYR DA . 22.55 11.37 1.19
C4 MYR DA . 23.64 11.22 2.20
C5 MYR DA . 23.09 11.20 3.61
C6 MYR DA . 21.70 10.62 3.73
C7 MYR DA . 21.68 9.17 4.05
C8 MYR DA . 20.37 8.87 4.67
C9 MYR DA . 19.89 7.55 4.16
C10 MYR DA . 18.51 7.30 4.68
C11 MYR DA . 18.43 6.01 5.42
C12 MYR DA . 17.24 6.06 6.32
C13 MYR DA . 17.24 4.84 7.18
C14 MYR DA . 18.34 4.89 8.19
I IOD EA . 16.71 28.63 -6.95
I IOD FA . 16.58 25.11 -0.70
I IOD GA . -7.47 47.93 -21.27
I IOD HA . -3.67 34.33 -5.60
C1 EDO IA . -6.18 28.15 -4.18
O1 EDO IA . -5.05 28.95 -3.80
C2 EDO IA . -7.15 29.02 -4.97
O2 EDO IA . -7.79 28.21 -5.96
NA NA JA . -13.23 48.58 -26.15
I IOD KA . -19.92 21.89 -33.91
I IOD LA . 8.83 19.39 -45.70
#